data_3SDG
# 
_entry.id   3SDG 
# 
_audit_conform.dict_name       mmcif_pdbx.dic 
_audit_conform.dict_version    5.387 
_audit_conform.dict_location   http://mmcif.pdb.org/dictionaries/ascii/mmcif_pdbx.dic 
# 
loop_
_database_2.database_id 
_database_2.database_code 
_database_2.pdbx_database_accession 
_database_2.pdbx_DOI 
PDB   3SDG         pdb_00003sdg 10.2210/pdb3sdg/pdb 
RCSB  RCSB066069   ?            ?                   
WWPDB D_1000066069 ?            ?                   
# 
loop_
_pdbx_audit_revision_history.ordinal 
_pdbx_audit_revision_history.data_content_type 
_pdbx_audit_revision_history.major_revision 
_pdbx_audit_revision_history.minor_revision 
_pdbx_audit_revision_history.revision_date 
1 'Structure model' 1 0 2011-12-07 
2 'Structure model' 1 1 2012-01-25 
3 'Structure model' 1 2 2018-01-24 
4 'Structure model' 1 3 2024-02-28 
# 
_pdbx_audit_revision_details.ordinal             1 
_pdbx_audit_revision_details.revision_ordinal    1 
_pdbx_audit_revision_details.data_content_type   'Structure model' 
_pdbx_audit_revision_details.provider            repository 
_pdbx_audit_revision_details.type                'Initial release' 
_pdbx_audit_revision_details.description         ? 
_pdbx_audit_revision_details.details             ? 
# 
loop_
_pdbx_audit_revision_group.ordinal 
_pdbx_audit_revision_group.revision_ordinal 
_pdbx_audit_revision_group.data_content_type 
_pdbx_audit_revision_group.group 
1 2 'Structure model' 'Database references'  
2 3 'Structure model' 'Structure summary'    
3 4 'Structure model' 'Data collection'      
4 4 'Structure model' 'Database references'  
5 4 'Structure model' 'Derived calculations' 
# 
loop_
_pdbx_audit_revision_category.ordinal 
_pdbx_audit_revision_category.revision_ordinal 
_pdbx_audit_revision_category.data_content_type 
_pdbx_audit_revision_category.category 
1 3 'Structure model' audit_author       
2 4 'Structure model' chem_comp_atom     
3 4 'Structure model' chem_comp_bond     
4 4 'Structure model' database_2         
5 4 'Structure model' struct_ref_seq_dif 
6 4 'Structure model' struct_site        
# 
loop_
_pdbx_audit_revision_item.ordinal 
_pdbx_audit_revision_item.revision_ordinal 
_pdbx_audit_revision_item.data_content_type 
_pdbx_audit_revision_item.item 
1 3 'Structure model' '_audit_author.name'                  
2 4 'Structure model' '_database_2.pdbx_DOI'                
3 4 'Structure model' '_database_2.pdbx_database_accession' 
4 4 'Structure model' '_struct_ref_seq_dif.details'         
5 4 'Structure model' '_struct_site.pdbx_auth_asym_id'      
6 4 'Structure model' '_struct_site.pdbx_auth_comp_id'      
7 4 'Structure model' '_struct_site.pdbx_auth_seq_id'       
# 
_pdbx_database_status.status_code                     REL 
_pdbx_database_status.entry_id                        3SDG 
_pdbx_database_status.recvd_initial_deposition_date   2011-06-09 
_pdbx_database_status.deposit_site                    RCSB 
_pdbx_database_status.process_site                    RCSB 
_pdbx_database_status.status_code_sf                  REL 
_pdbx_database_status.status_code_mr                  ? 
_pdbx_database_status.SG_entry                        ? 
_pdbx_database_status.status_code_cs                  ? 
_pdbx_database_status.pdb_format_compatible           Y 
_pdbx_database_status.methods_development_category    ? 
_pdbx_database_status.status_code_nmr_data            ? 
# 
loop_
_pdbx_database_related.db_name 
_pdbx_database_related.db_id 
_pdbx_database_related.details 
_pdbx_database_related.content_type 
PDB 3O8G 'EthR from Mycobacterium tuberculosis in complex with compound BDM14801' unspecified 
PDB 3O8H 'EthR from Mycobacterium tuberculosis in complex with compound BDM14950' unspecified 
PDB 3G1L 'EthR from Mycobacterium tuberculosis in complex with compound BDM14744' unspecified 
PDB 3G1M 'EthR from Mycobacterium tuberculosis in complex with compound BDM31381' unspecified 
PDB 1U9N 
;Crystal structure of the transcriptional regulator EthR in a ligand bound conformation opens therapeutic perspectives against tuberculosis and leprosy
;
unspecified 
PDB 3SFI . unspecified 
# 
loop_
_audit_author.name 
_audit_author.pdbx_ordinal 
'Flipo, M.'         1  
'Desroses, M.'      2  
'Lecat-Guillet, N.' 3  
'Villemagne, B.'    4  
'Blondiaux, N.'     5  
'Leroux, F.'        6  
'Piveteau, C.'      7  
'Mathys, V.'        8  
'Flament, M.P.'     9  
'Siepmann, J.'      10 
'Villeret, V.'      11 
'Wohlkonig, A.'     12 
'Wintjens, R.'      13 
'Soror, S.H.'       14 
'Christophe, T.'    15 
'Jeon, H.K.'        16 
'Locht, C.'         17 
'Brodin, P.'        18 
'D prez, B.'        19 
'Baulard, A.R.'     20 
'Willand, N.'       21 
# 
_citation.id                        primary 
_citation.title                     
;Ethionamide Boosters. 2. Combining Bioisosteric Replacement and Structure-Based Drug Design To Solve Pharmacokinetic Issues in a Series of Potent 1,2,4-Oxadiazole EthR Inhibitors.
;
_citation.journal_abbrev            J.Med.Chem. 
_citation.journal_volume            55 
_citation.page_first                68 
_citation.page_last                 83 
_citation.year                      2012 
_citation.journal_id_ASTM           JMCMAR 
_citation.country                   US 
_citation.journal_id_ISSN           0022-2623 
_citation.journal_id_CSD            0151 
_citation.book_publisher            ? 
_citation.pdbx_database_id_PubMed   22098589 
_citation.pdbx_database_id_DOI      10.1021/jm200825u 
# 
loop_
_citation_author.citation_id 
_citation_author.name 
_citation_author.ordinal 
_citation_author.identifier_ORCID 
primary 'Flipo, M.'         1  ? 
primary 'Desroses, M.'      2  ? 
primary 'Lecat-Guillet, N.' 3  ? 
primary 'Villemagne, B.'    4  ? 
primary 'Blondiaux, N.'     5  ? 
primary 'Leroux, F.'        6  ? 
primary 'Piveteau, C.'      7  ? 
primary 'Mathys, V.'        8  ? 
primary 'Flament, M.P.'     9  ? 
primary 'Siepmann, J.'      10 ? 
primary 'Villeret, V.'      11 ? 
primary 'Wohlkonig, A.'     12 ? 
primary 'Wintjens, R.'      13 ? 
primary 'Soror, S.H.'       14 ? 
primary 'Christophe, T.'    15 ? 
primary 'Jeon, H.K.'        16 ? 
primary 'Locht, C.'         17 ? 
primary 'Brodin, P.'        18 ? 
primary 'Deprez, B.'        19 ? 
primary 'Baulard, A.R.'     20 ? 
primary 'Willand, N.'       21 ? 
# 
loop_
_entity.id 
_entity.type 
_entity.src_method 
_entity.pdbx_description 
_entity.formula_weight 
_entity.pdbx_number_of_molecules 
_entity.pdbx_ec 
_entity.pdbx_mutation 
_entity.pdbx_fragment 
_entity.details 
1 polymer     man 'HTH-type transcriptional regulator EthR'                                                    25953.076 1  ? ? ? 
? 
2 non-polymer syn '4,4,4-trifluoro-1-{4-[3-(1,3-thiazol-2-yl)-1,2,4-oxadiazol-5-yl]piperidin-1-yl}butan-1-one' 360.355   1  ? ? ? 
? 
3 water       nat water                                                                                        18.015    37 ? ? ? 
? 
# 
_entity_poly.entity_id                      1 
_entity_poly.type                           'polypeptide(L)' 
_entity_poly.nstd_linkage                   no 
_entity_poly.nstd_monomer                   no 
_entity_poly.pdbx_seq_one_letter_code       
;MGSSHHHHHHSSGLVPRGSHMTTSAASQASLPRGRRTARPSGDDRELAILATAENLLEDRPLADISVDDLAKGAGISRPT
FYFYFPSKEAVLLTLLDRVVNQADMALQTLAENPADTDRENMWRTGINVFFETFGSHKAVTRAGQAARATSVEVAELWST
FMQKWIAYTAAVIDAERDRGAAPRTLPAHELATALNLMNERTLFASFAGEQPSVPEARVLDTLVHIWVTSIYGENR
;
_entity_poly.pdbx_seq_one_letter_code_can   
;MGSSHHHHHHSSGLVPRGSHMTTSAASQASLPRGRRTARPSGDDRELAILATAENLLEDRPLADISVDDLAKGAGISRPT
FYFYFPSKEAVLLTLLDRVVNQADMALQTLAENPADTDRENMWRTGINVFFETFGSHKAVTRAGQAARATSVEVAELWST
FMQKWIAYTAAVIDAERDRGAAPRTLPAHELATALNLMNERTLFASFAGEQPSVPEARVLDTLVHIWVTSIYGENR
;
_entity_poly.pdbx_strand_id                 A 
_entity_poly.pdbx_target_identifier         ? 
# 
loop_
_pdbx_entity_nonpoly.entity_id 
_pdbx_entity_nonpoly.name 
_pdbx_entity_nonpoly.comp_id 
2 '4,4,4-trifluoro-1-{4-[3-(1,3-thiazol-2-yl)-1,2,4-oxadiazol-5-yl]piperidin-1-yl}butan-1-one' 3SE 
3 water                                                                                        HOH 
# 
loop_
_entity_poly_seq.entity_id 
_entity_poly_seq.num 
_entity_poly_seq.mon_id 
_entity_poly_seq.hetero 
1 1   MET n 
1 2   GLY n 
1 3   SER n 
1 4   SER n 
1 5   HIS n 
1 6   HIS n 
1 7   HIS n 
1 8   HIS n 
1 9   HIS n 
1 10  HIS n 
1 11  SER n 
1 12  SER n 
1 13  GLY n 
1 14  LEU n 
1 15  VAL n 
1 16  PRO n 
1 17  ARG n 
1 18  GLY n 
1 19  SER n 
1 20  HIS n 
1 21  MET n 
1 22  THR n 
1 23  THR n 
1 24  SER n 
1 25  ALA n 
1 26  ALA n 
1 27  SER n 
1 28  GLN n 
1 29  ALA n 
1 30  SER n 
1 31  LEU n 
1 32  PRO n 
1 33  ARG n 
1 34  GLY n 
1 35  ARG n 
1 36  ARG n 
1 37  THR n 
1 38  ALA n 
1 39  ARG n 
1 40  PRO n 
1 41  SER n 
1 42  GLY n 
1 43  ASP n 
1 44  ASP n 
1 45  ARG n 
1 46  GLU n 
1 47  LEU n 
1 48  ALA n 
1 49  ILE n 
1 50  LEU n 
1 51  ALA n 
1 52  THR n 
1 53  ALA n 
1 54  GLU n 
1 55  ASN n 
1 56  LEU n 
1 57  LEU n 
1 58  GLU n 
1 59  ASP n 
1 60  ARG n 
1 61  PRO n 
1 62  LEU n 
1 63  ALA n 
1 64  ASP n 
1 65  ILE n 
1 66  SER n 
1 67  VAL n 
1 68  ASP n 
1 69  ASP n 
1 70  LEU n 
1 71  ALA n 
1 72  LYS n 
1 73  GLY n 
1 74  ALA n 
1 75  GLY n 
1 76  ILE n 
1 77  SER n 
1 78  ARG n 
1 79  PRO n 
1 80  THR n 
1 81  PHE n 
1 82  TYR n 
1 83  PHE n 
1 84  TYR n 
1 85  PHE n 
1 86  PRO n 
1 87  SER n 
1 88  LYS n 
1 89  GLU n 
1 90  ALA n 
1 91  VAL n 
1 92  LEU n 
1 93  LEU n 
1 94  THR n 
1 95  LEU n 
1 96  LEU n 
1 97  ASP n 
1 98  ARG n 
1 99  VAL n 
1 100 VAL n 
1 101 ASN n 
1 102 GLN n 
1 103 ALA n 
1 104 ASP n 
1 105 MET n 
1 106 ALA n 
1 107 LEU n 
1 108 GLN n 
1 109 THR n 
1 110 LEU n 
1 111 ALA n 
1 112 GLU n 
1 113 ASN n 
1 114 PRO n 
1 115 ALA n 
1 116 ASP n 
1 117 THR n 
1 118 ASP n 
1 119 ARG n 
1 120 GLU n 
1 121 ASN n 
1 122 MET n 
1 123 TRP n 
1 124 ARG n 
1 125 THR n 
1 126 GLY n 
1 127 ILE n 
1 128 ASN n 
1 129 VAL n 
1 130 PHE n 
1 131 PHE n 
1 132 GLU n 
1 133 THR n 
1 134 PHE n 
1 135 GLY n 
1 136 SER n 
1 137 HIS n 
1 138 LYS n 
1 139 ALA n 
1 140 VAL n 
1 141 THR n 
1 142 ARG n 
1 143 ALA n 
1 144 GLY n 
1 145 GLN n 
1 146 ALA n 
1 147 ALA n 
1 148 ARG n 
1 149 ALA n 
1 150 THR n 
1 151 SER n 
1 152 VAL n 
1 153 GLU n 
1 154 VAL n 
1 155 ALA n 
1 156 GLU n 
1 157 LEU n 
1 158 TRP n 
1 159 SER n 
1 160 THR n 
1 161 PHE n 
1 162 MET n 
1 163 GLN n 
1 164 LYS n 
1 165 TRP n 
1 166 ILE n 
1 167 ALA n 
1 168 TYR n 
1 169 THR n 
1 170 ALA n 
1 171 ALA n 
1 172 VAL n 
1 173 ILE n 
1 174 ASP n 
1 175 ALA n 
1 176 GLU n 
1 177 ARG n 
1 178 ASP n 
1 179 ARG n 
1 180 GLY n 
1 181 ALA n 
1 182 ALA n 
1 183 PRO n 
1 184 ARG n 
1 185 THR n 
1 186 LEU n 
1 187 PRO n 
1 188 ALA n 
1 189 HIS n 
1 190 GLU n 
1 191 LEU n 
1 192 ALA n 
1 193 THR n 
1 194 ALA n 
1 195 LEU n 
1 196 ASN n 
1 197 LEU n 
1 198 MET n 
1 199 ASN n 
1 200 GLU n 
1 201 ARG n 
1 202 THR n 
1 203 LEU n 
1 204 PHE n 
1 205 ALA n 
1 206 SER n 
1 207 PHE n 
1 208 ALA n 
1 209 GLY n 
1 210 GLU n 
1 211 GLN n 
1 212 PRO n 
1 213 SER n 
1 214 VAL n 
1 215 PRO n 
1 216 GLU n 
1 217 ALA n 
1 218 ARG n 
1 219 VAL n 
1 220 LEU n 
1 221 ASP n 
1 222 THR n 
1 223 LEU n 
1 224 VAL n 
1 225 HIS n 
1 226 ILE n 
1 227 TRP n 
1 228 VAL n 
1 229 THR n 
1 230 SER n 
1 231 ILE n 
1 232 TYR n 
1 233 GLY n 
1 234 GLU n 
1 235 ASN n 
1 236 ARG n 
# 
_entity_src_gen.entity_id                          1 
_entity_src_gen.pdbx_src_id                        1 
_entity_src_gen.pdbx_alt_source_flag               sample 
_entity_src_gen.pdbx_seq_type                      ? 
_entity_src_gen.pdbx_beg_seq_num                   ? 
_entity_src_gen.pdbx_end_seq_num                   ? 
_entity_src_gen.gene_src_common_name               ? 
_entity_src_gen.gene_src_genus                     ? 
_entity_src_gen.pdbx_gene_src_gene                 'etaR, ethR, MT3970, Rv3855' 
_entity_src_gen.gene_src_species                   ? 
_entity_src_gen.gene_src_strain                    H37Rv 
_entity_src_gen.gene_src_tissue                    ? 
_entity_src_gen.gene_src_tissue_fraction           ? 
_entity_src_gen.gene_src_details                   ? 
_entity_src_gen.pdbx_gene_src_fragment             ? 
_entity_src_gen.pdbx_gene_src_scientific_name      'Mycobacterium tuberculosis' 
_entity_src_gen.pdbx_gene_src_ncbi_taxonomy_id     83332 
_entity_src_gen.pdbx_gene_src_variant              ? 
_entity_src_gen.pdbx_gene_src_cell_line            ? 
_entity_src_gen.pdbx_gene_src_atcc                 ? 
_entity_src_gen.pdbx_gene_src_organ                ? 
_entity_src_gen.pdbx_gene_src_organelle            ? 
_entity_src_gen.pdbx_gene_src_cell                 ? 
_entity_src_gen.pdbx_gene_src_cellular_location    ? 
_entity_src_gen.host_org_common_name               ? 
_entity_src_gen.pdbx_host_org_scientific_name      'Escherichia coli' 
_entity_src_gen.pdbx_host_org_ncbi_taxonomy_id     562 
_entity_src_gen.host_org_genus                     ? 
_entity_src_gen.pdbx_host_org_gene                 ? 
_entity_src_gen.pdbx_host_org_organ                ? 
_entity_src_gen.host_org_species                   ? 
_entity_src_gen.pdbx_host_org_tissue               ? 
_entity_src_gen.pdbx_host_org_tissue_fraction      ? 
_entity_src_gen.pdbx_host_org_strain               ? 
_entity_src_gen.pdbx_host_org_variant              ? 
_entity_src_gen.pdbx_host_org_cell_line            ? 
_entity_src_gen.pdbx_host_org_atcc                 ? 
_entity_src_gen.pdbx_host_org_culture_collection   ? 
_entity_src_gen.pdbx_host_org_cell                 ? 
_entity_src_gen.pdbx_host_org_organelle            ? 
_entity_src_gen.pdbx_host_org_cellular_location    ? 
_entity_src_gen.pdbx_host_org_vector_type          ? 
_entity_src_gen.pdbx_host_org_vector               ? 
_entity_src_gen.host_org_details                   ? 
_entity_src_gen.expression_system_id               ? 
_entity_src_gen.plasmid_name                       ? 
_entity_src_gen.plasmid_details                    ? 
_entity_src_gen.pdbx_description                   ? 
# 
loop_
_chem_comp.id 
_chem_comp.type 
_chem_comp.mon_nstd_flag 
_chem_comp.name 
_chem_comp.pdbx_synonyms 
_chem_comp.formula 
_chem_comp.formula_weight 
3SE non-polymer         . '4,4,4-trifluoro-1-{4-[3-(1,3-thiazol-2-yl)-1,2,4-oxadiazol-5-yl]piperidin-1-yl}butan-1-one' ? 
'C14 H15 F3 N4 O2 S' 360.355 
ALA 'L-peptide linking' y ALANINE                                                                                      ? 
'C3 H7 N O2'         89.093  
ARG 'L-peptide linking' y ARGININE                                                                                     ? 
'C6 H15 N4 O2 1'     175.209 
ASN 'L-peptide linking' y ASPARAGINE                                                                                   ? 
'C4 H8 N2 O3'        132.118 
ASP 'L-peptide linking' y 'ASPARTIC ACID'                                                                              ? 
'C4 H7 N O4'         133.103 
GLN 'L-peptide linking' y GLUTAMINE                                                                                    ? 
'C5 H10 N2 O3'       146.144 
GLU 'L-peptide linking' y 'GLUTAMIC ACID'                                                                              ? 
'C5 H9 N O4'         147.129 
GLY 'peptide linking'   y GLYCINE                                                                                      ? 
'C2 H5 N O2'         75.067  
HIS 'L-peptide linking' y HISTIDINE                                                                                    ? 
'C6 H10 N3 O2 1'     156.162 
HOH non-polymer         . WATER                                                                                        ? 'H2 O' 
18.015  
ILE 'L-peptide linking' y ISOLEUCINE                                                                                   ? 
'C6 H13 N O2'        131.173 
LEU 'L-peptide linking' y LEUCINE                                                                                      ? 
'C6 H13 N O2'        131.173 
LYS 'L-peptide linking' y LYSINE                                                                                       ? 
'C6 H15 N2 O2 1'     147.195 
MET 'L-peptide linking' y METHIONINE                                                                                   ? 
'C5 H11 N O2 S'      149.211 
PHE 'L-peptide linking' y PHENYLALANINE                                                                                ? 
'C9 H11 N O2'        165.189 
PRO 'L-peptide linking' y PROLINE                                                                                      ? 
'C5 H9 N O2'         115.130 
SER 'L-peptide linking' y SERINE                                                                                       ? 
'C3 H7 N O3'         105.093 
THR 'L-peptide linking' y THREONINE                                                                                    ? 
'C4 H9 N O3'         119.119 
TRP 'L-peptide linking' y TRYPTOPHAN                                                                                   ? 
'C11 H12 N2 O2'      204.225 
TYR 'L-peptide linking' y TYROSINE                                                                                     ? 
'C9 H11 N O3'        181.189 
VAL 'L-peptide linking' y VALINE                                                                                       ? 
'C5 H11 N O2'        117.146 
# 
loop_
_pdbx_poly_seq_scheme.asym_id 
_pdbx_poly_seq_scheme.entity_id 
_pdbx_poly_seq_scheme.seq_id 
_pdbx_poly_seq_scheme.mon_id 
_pdbx_poly_seq_scheme.ndb_seq_num 
_pdbx_poly_seq_scheme.pdb_seq_num 
_pdbx_poly_seq_scheme.auth_seq_num 
_pdbx_poly_seq_scheme.pdb_mon_id 
_pdbx_poly_seq_scheme.auth_mon_id 
_pdbx_poly_seq_scheme.pdb_strand_id 
_pdbx_poly_seq_scheme.pdb_ins_code 
_pdbx_poly_seq_scheme.hetero 
A 1 1   MET 1   -19 ?   ?   ?   A . n 
A 1 2   GLY 2   -18 ?   ?   ?   A . n 
A 1 3   SER 3   -17 ?   ?   ?   A . n 
A 1 4   SER 4   -16 ?   ?   ?   A . n 
A 1 5   HIS 5   -15 ?   ?   ?   A . n 
A 1 6   HIS 6   -14 ?   ?   ?   A . n 
A 1 7   HIS 7   -13 ?   ?   ?   A . n 
A 1 8   HIS 8   -12 ?   ?   ?   A . n 
A 1 9   HIS 9   -11 ?   ?   ?   A . n 
A 1 10  HIS 10  -10 ?   ?   ?   A . n 
A 1 11  SER 11  -9  ?   ?   ?   A . n 
A 1 12  SER 12  -8  ?   ?   ?   A . n 
A 1 13  GLY 13  -7  ?   ?   ?   A . n 
A 1 14  LEU 14  -6  ?   ?   ?   A . n 
A 1 15  VAL 15  -5  ?   ?   ?   A . n 
A 1 16  PRO 16  -4  ?   ?   ?   A . n 
A 1 17  ARG 17  -3  ?   ?   ?   A . n 
A 1 18  GLY 18  -2  ?   ?   ?   A . n 
A 1 19  SER 19  -1  ?   ?   ?   A . n 
A 1 20  HIS 20  0   ?   ?   ?   A . n 
A 1 21  MET 21  1   ?   ?   ?   A . n 
A 1 22  THR 22  2   ?   ?   ?   A . n 
A 1 23  THR 23  3   ?   ?   ?   A . n 
A 1 24  SER 24  4   ?   ?   ?   A . n 
A 1 25  ALA 25  5   ?   ?   ?   A . n 
A 1 26  ALA 26  6   ?   ?   ?   A . n 
A 1 27  SER 27  7   ?   ?   ?   A . n 
A 1 28  GLN 28  8   ?   ?   ?   A . n 
A 1 29  ALA 29  9   ?   ?   ?   A . n 
A 1 30  SER 30  10  ?   ?   ?   A . n 
A 1 31  LEU 31  11  ?   ?   ?   A . n 
A 1 32  PRO 32  12  ?   ?   ?   A . n 
A 1 33  ARG 33  13  ?   ?   ?   A . n 
A 1 34  GLY 34  14  ?   ?   ?   A . n 
A 1 35  ARG 35  15  ?   ?   ?   A . n 
A 1 36  ARG 36  16  ?   ?   ?   A . n 
A 1 37  THR 37  17  ?   ?   ?   A . n 
A 1 38  ALA 38  18  ?   ?   ?   A . n 
A 1 39  ARG 39  19  ?   ?   ?   A . n 
A 1 40  PRO 40  20  ?   ?   ?   A . n 
A 1 41  SER 41  21  ?   ?   ?   A . n 
A 1 42  GLY 42  22  ?   ?   ?   A . n 
A 1 43  ASP 43  23  ?   ?   ?   A . n 
A 1 44  ASP 44  24  ?   ?   ?   A . n 
A 1 45  ARG 45  25  ?   ?   ?   A . n 
A 1 46  GLU 46  26  26  GLU GLU A . n 
A 1 47  LEU 47  27  27  LEU LEU A . n 
A 1 48  ALA 48  28  28  ALA ALA A . n 
A 1 49  ILE 49  29  29  ILE ILE A . n 
A 1 50  LEU 50  30  30  LEU LEU A . n 
A 1 51  ALA 51  31  31  ALA ALA A . n 
A 1 52  THR 52  32  32  THR THR A . n 
A 1 53  ALA 53  33  33  ALA ALA A . n 
A 1 54  GLU 54  34  34  GLU GLU A . n 
A 1 55  ASN 55  35  35  ASN ASN A . n 
A 1 56  LEU 56  36  36  LEU LEU A . n 
A 1 57  LEU 57  37  37  LEU LEU A . n 
A 1 58  GLU 58  38  38  GLU GLU A . n 
A 1 59  ASP 59  39  39  ASP ASP A . n 
A 1 60  ARG 60  40  40  ARG ARG A . n 
A 1 61  PRO 61  41  41  PRO PRO A . n 
A 1 62  LEU 62  42  42  LEU LEU A . n 
A 1 63  ALA 63  43  43  ALA ALA A . n 
A 1 64  ASP 64  44  44  ASP ASP A . n 
A 1 65  ILE 65  45  45  ILE ILE A . n 
A 1 66  SER 66  46  46  SER SER A . n 
A 1 67  VAL 67  47  47  VAL VAL A . n 
A 1 68  ASP 68  48  48  ASP ASP A . n 
A 1 69  ASP 69  49  49  ASP ASP A . n 
A 1 70  LEU 70  50  50  LEU LEU A . n 
A 1 71  ALA 71  51  51  ALA ALA A . n 
A 1 72  LYS 72  52  52  LYS LYS A . n 
A 1 73  GLY 73  53  53  GLY GLY A . n 
A 1 74  ALA 74  54  54  ALA ALA A . n 
A 1 75  GLY 75  55  55  GLY GLY A . n 
A 1 76  ILE 76  56  56  ILE ILE A . n 
A 1 77  SER 77  57  57  SER SER A . n 
A 1 78  ARG 78  58  58  ARG ARG A . n 
A 1 79  PRO 79  59  59  PRO PRO A . n 
A 1 80  THR 80  60  60  THR THR A . n 
A 1 81  PHE 81  61  61  PHE PHE A . n 
A 1 82  TYR 82  62  62  TYR TYR A . n 
A 1 83  PHE 83  63  63  PHE PHE A . n 
A 1 84  TYR 84  64  64  TYR TYR A . n 
A 1 85  PHE 85  65  65  PHE PHE A . n 
A 1 86  PRO 86  66  66  PRO PRO A . n 
A 1 87  SER 87  67  67  SER SER A . n 
A 1 88  LYS 88  68  68  LYS LYS A . n 
A 1 89  GLU 89  69  69  GLU GLU A . n 
A 1 90  ALA 90  70  70  ALA ALA A . n 
A 1 91  VAL 91  71  71  VAL VAL A . n 
A 1 92  LEU 92  72  72  LEU LEU A . n 
A 1 93  LEU 93  73  73  LEU LEU A . n 
A 1 94  THR 94  74  74  THR THR A . n 
A 1 95  LEU 95  75  75  LEU LEU A . n 
A 1 96  LEU 96  76  76  LEU LEU A . n 
A 1 97  ASP 97  77  77  ASP ASP A . n 
A 1 98  ARG 98  78  78  ARG ARG A . n 
A 1 99  VAL 99  79  79  VAL VAL A . n 
A 1 100 VAL 100 80  80  VAL VAL A . n 
A 1 101 ASN 101 81  81  ASN ASN A . n 
A 1 102 GLN 102 82  82  GLN GLN A . n 
A 1 103 ALA 103 83  83  ALA ALA A . n 
A 1 104 ASP 104 84  84  ASP ASP A . n 
A 1 105 MET 105 85  85  MET MET A . n 
A 1 106 ALA 106 86  86  ALA ALA A . n 
A 1 107 LEU 107 87  87  LEU LEU A . n 
A 1 108 GLN 108 88  88  GLN GLN A . n 
A 1 109 THR 109 89  89  THR THR A . n 
A 1 110 LEU 110 90  90  LEU LEU A . n 
A 1 111 ALA 111 91  91  ALA ALA A . n 
A 1 112 GLU 112 92  92  GLU GLU A . n 
A 1 113 ASN 113 93  ?   ?   ?   A . n 
A 1 114 PRO 114 94  ?   ?   ?   A . n 
A 1 115 ALA 115 95  ?   ?   ?   A . n 
A 1 116 ASP 116 96  ?   ?   ?   A . n 
A 1 117 THR 117 97  ?   ?   ?   A . n 
A 1 118 ASP 118 98  98  ASP ASP A . n 
A 1 119 ARG 119 99  99  ARG ARG A . n 
A 1 120 GLU 120 100 100 GLU GLU A . n 
A 1 121 ASN 121 101 101 ASN ASN A . n 
A 1 122 MET 122 102 102 MET MET A . n 
A 1 123 TRP 123 103 103 TRP TRP A . n 
A 1 124 ARG 124 104 104 ARG ARG A . n 
A 1 125 THR 125 105 105 THR THR A . n 
A 1 126 GLY 126 106 106 GLY GLY A . n 
A 1 127 ILE 127 107 107 ILE ILE A . n 
A 1 128 ASN 128 108 108 ASN ASN A . n 
A 1 129 VAL 129 109 109 VAL VAL A . n 
A 1 130 PHE 130 110 110 PHE PHE A . n 
A 1 131 PHE 131 111 111 PHE PHE A . n 
A 1 132 GLU 132 112 112 GLU GLU A . n 
A 1 133 THR 133 113 113 THR THR A . n 
A 1 134 PHE 134 114 114 PHE PHE A . n 
A 1 135 GLY 135 115 115 GLY GLY A . n 
A 1 136 SER 136 116 116 SER SER A . n 
A 1 137 HIS 137 117 117 HIS HIS A . n 
A 1 138 LYS 138 118 118 LYS LYS A . n 
A 1 139 ALA 139 119 119 ALA ALA A . n 
A 1 140 VAL 140 120 120 VAL VAL A . n 
A 1 141 THR 141 121 121 THR THR A . n 
A 1 142 ARG 142 122 122 ARG ARG A . n 
A 1 143 ALA 143 123 123 ALA ALA A . n 
A 1 144 GLY 144 124 124 GLY GLY A . n 
A 1 145 GLN 145 125 125 GLN GLN A . n 
A 1 146 ALA 146 126 126 ALA ALA A . n 
A 1 147 ALA 147 127 127 ALA ALA A . n 
A 1 148 ARG 148 128 128 ARG ARG A . n 
A 1 149 ALA 149 129 129 ALA ALA A . n 
A 1 150 THR 150 130 130 THR THR A . n 
A 1 151 SER 151 131 131 SER SER A . n 
A 1 152 VAL 152 132 132 VAL VAL A . n 
A 1 153 GLU 153 133 133 GLU GLU A . n 
A 1 154 VAL 154 134 134 VAL VAL A . n 
A 1 155 ALA 155 135 135 ALA ALA A . n 
A 1 156 GLU 156 136 136 GLU GLU A . n 
A 1 157 LEU 157 137 137 LEU LEU A . n 
A 1 158 TRP 158 138 138 TRP TRP A . n 
A 1 159 SER 159 139 139 SER SER A . n 
A 1 160 THR 160 140 140 THR THR A . n 
A 1 161 PHE 161 141 141 PHE PHE A . n 
A 1 162 MET 162 142 142 MET MET A . n 
A 1 163 GLN 163 143 143 GLN GLN A . n 
A 1 164 LYS 164 144 144 LYS LYS A . n 
A 1 165 TRP 165 145 145 TRP TRP A . n 
A 1 166 ILE 166 146 146 ILE ILE A . n 
A 1 167 ALA 167 147 147 ALA ALA A . n 
A 1 168 TYR 168 148 148 TYR TYR A . n 
A 1 169 THR 169 149 149 THR THR A . n 
A 1 170 ALA 170 150 150 ALA ALA A . n 
A 1 171 ALA 171 151 151 ALA ALA A . n 
A 1 172 VAL 172 152 152 VAL VAL A . n 
A 1 173 ILE 173 153 153 ILE ILE A . n 
A 1 174 ASP 174 154 154 ASP ASP A . n 
A 1 175 ALA 175 155 155 ALA ALA A . n 
A 1 176 GLU 176 156 156 GLU GLU A . n 
A 1 177 ARG 177 157 157 ARG ARG A . n 
A 1 178 ASP 178 158 158 ASP ASP A . n 
A 1 179 ARG 179 159 159 ARG ARG A . n 
A 1 180 GLY 180 160 160 GLY GLY A . n 
A 1 181 ALA 181 161 161 ALA ALA A . n 
A 1 182 ALA 182 162 162 ALA ALA A . n 
A 1 183 PRO 183 163 163 PRO PRO A . n 
A 1 184 ARG 184 164 164 ARG ARG A . n 
A 1 185 THR 185 165 165 THR THR A . n 
A 1 186 LEU 186 166 166 LEU LEU A . n 
A 1 187 PRO 187 167 167 PRO PRO A . n 
A 1 188 ALA 188 168 168 ALA ALA A . n 
A 1 189 HIS 189 169 169 HIS HIS A . n 
A 1 190 GLU 190 170 170 GLU GLU A . n 
A 1 191 LEU 191 171 171 LEU LEU A . n 
A 1 192 ALA 192 172 172 ALA ALA A . n 
A 1 193 THR 193 173 173 THR THR A . n 
A 1 194 ALA 194 174 174 ALA ALA A . n 
A 1 195 LEU 195 175 175 LEU LEU A . n 
A 1 196 ASN 196 176 176 ASN ASN A . n 
A 1 197 LEU 197 177 177 LEU LEU A . n 
A 1 198 MET 198 178 178 MET MET A . n 
A 1 199 ASN 199 179 179 ASN ASN A . n 
A 1 200 GLU 200 180 180 GLU GLU A . n 
A 1 201 ARG 201 181 181 ARG ARG A . n 
A 1 202 THR 202 182 182 THR THR A . n 
A 1 203 LEU 203 183 183 LEU LEU A . n 
A 1 204 PHE 204 184 184 PHE PHE A . n 
A 1 205 ALA 205 185 185 ALA ALA A . n 
A 1 206 SER 206 186 186 SER SER A . n 
A 1 207 PHE 207 187 187 PHE PHE A . n 
A 1 208 ALA 208 188 188 ALA ALA A . n 
A 1 209 GLY 209 189 189 GLY GLY A . n 
A 1 210 GLU 210 190 190 GLU GLU A . n 
A 1 211 GLN 211 191 191 GLN GLN A . n 
A 1 212 PRO 212 192 192 PRO PRO A . n 
A 1 213 SER 213 193 193 SER SER A . n 
A 1 214 VAL 214 194 194 VAL VAL A . n 
A 1 215 PRO 215 195 195 PRO PRO A . n 
A 1 216 GLU 216 196 196 GLU GLU A . n 
A 1 217 ALA 217 197 197 ALA ALA A . n 
A 1 218 ARG 218 198 198 ARG ARG A . n 
A 1 219 VAL 219 199 199 VAL VAL A . n 
A 1 220 LEU 220 200 200 LEU LEU A . n 
A 1 221 ASP 221 201 201 ASP ASP A . n 
A 1 222 THR 222 202 202 THR THR A . n 
A 1 223 LEU 223 203 203 LEU LEU A . n 
A 1 224 VAL 224 204 204 VAL VAL A . n 
A 1 225 HIS 225 205 205 HIS HIS A . n 
A 1 226 ILE 226 206 206 ILE ILE A . n 
A 1 227 TRP 227 207 207 TRP TRP A . n 
A 1 228 VAL 228 208 208 VAL VAL A . n 
A 1 229 THR 229 209 209 THR THR A . n 
A 1 230 SER 230 210 210 SER SER A . n 
A 1 231 ILE 231 211 211 ILE ILE A . n 
A 1 232 TYR 232 212 212 TYR TYR A . n 
A 1 233 GLY 233 213 213 GLY GLY A . n 
A 1 234 GLU 234 214 214 GLU GLU A . n 
A 1 235 ASN 235 215 ?   ?   ?   A . n 
A 1 236 ARG 236 216 ?   ?   ?   A . n 
# 
loop_
_pdbx_nonpoly_scheme.asym_id 
_pdbx_nonpoly_scheme.entity_id 
_pdbx_nonpoly_scheme.mon_id 
_pdbx_nonpoly_scheme.ndb_seq_num 
_pdbx_nonpoly_scheme.pdb_seq_num 
_pdbx_nonpoly_scheme.auth_seq_num 
_pdbx_nonpoly_scheme.pdb_mon_id 
_pdbx_nonpoly_scheme.auth_mon_id 
_pdbx_nonpoly_scheme.pdb_strand_id 
_pdbx_nonpoly_scheme.pdb_ins_code 
B 2 3SE 1  217 217 3SE 3SE A . 
C 3 HOH 1  218 218 HOH HOH A . 
C 3 HOH 2  219 219 HOH HOH A . 
C 3 HOH 3  220 220 HOH HOH A . 
C 3 HOH 4  221 221 HOH HOH A . 
C 3 HOH 5  222 222 HOH HOH A . 
C 3 HOH 6  223 223 HOH HOH A . 
C 3 HOH 7  224 224 HOH HOH A . 
C 3 HOH 8  225 225 HOH HOH A . 
C 3 HOH 9  226 226 HOH HOH A . 
C 3 HOH 10 227 227 HOH HOH A . 
C 3 HOH 11 228 228 HOH HOH A . 
C 3 HOH 12 229 229 HOH HOH A . 
C 3 HOH 13 230 230 HOH HOH A . 
C 3 HOH 14 231 231 HOH HOH A . 
C 3 HOH 15 232 232 HOH HOH A . 
C 3 HOH 16 233 233 HOH HOH A . 
C 3 HOH 17 234 234 HOH HOH A . 
C 3 HOH 18 235 235 HOH HOH A . 
C 3 HOH 19 236 236 HOH HOH A . 
C 3 HOH 20 237 237 HOH HOH A . 
C 3 HOH 21 238 238 HOH HOH A . 
C 3 HOH 22 239 239 HOH HOH A . 
C 3 HOH 23 240 240 HOH HOH A . 
C 3 HOH 24 241 241 HOH HOH A . 
C 3 HOH 25 242 242 HOH HOH A . 
C 3 HOH 26 243 243 HOH HOH A . 
C 3 HOH 27 244 244 HOH HOH A . 
C 3 HOH 28 245 245 HOH HOH A . 
C 3 HOH 29 246 246 HOH HOH A . 
C 3 HOH 30 247 247 HOH HOH A . 
C 3 HOH 31 248 248 HOH HOH A . 
C 3 HOH 32 249 249 HOH HOH A . 
C 3 HOH 33 250 250 HOH HOH A . 
C 3 HOH 34 251 251 HOH HOH A . 
C 3 HOH 35 252 252 HOH HOH A . 
C 3 HOH 36 253 253 HOH HOH A . 
C 3 HOH 37 254 254 HOH HOH A . 
# 
loop_
_pdbx_unobs_or_zero_occ_atoms.id 
_pdbx_unobs_or_zero_occ_atoms.PDB_model_num 
_pdbx_unobs_or_zero_occ_atoms.polymer_flag 
_pdbx_unobs_or_zero_occ_atoms.occupancy_flag 
_pdbx_unobs_or_zero_occ_atoms.auth_asym_id 
_pdbx_unobs_or_zero_occ_atoms.auth_comp_id 
_pdbx_unobs_or_zero_occ_atoms.auth_seq_id 
_pdbx_unobs_or_zero_occ_atoms.PDB_ins_code 
_pdbx_unobs_or_zero_occ_atoms.auth_atom_id 
_pdbx_unobs_or_zero_occ_atoms.label_alt_id 
_pdbx_unobs_or_zero_occ_atoms.label_asym_id 
_pdbx_unobs_or_zero_occ_atoms.label_comp_id 
_pdbx_unobs_or_zero_occ_atoms.label_seq_id 
_pdbx_unobs_or_zero_occ_atoms.label_atom_id 
1 1 Y 1 A GLU 214 ? C ? A GLU 234 C 
2 1 Y 1 A GLU 214 ? O ? A GLU 234 O 
# 
loop_
_software.name 
_software.classification 
_software.version 
_software.citation_id 
_software.pdbx_ordinal 
XDS    'data scaling'   .        ? 1 
MOLREP phasing          .        ? 2 
REFMAC refinement       5.5.0109 ? 3 
XDS    'data reduction' .        ? 4 
SCALA  'data scaling'   .        ? 5 
# 
_cell.entry_id           3SDG 
_cell.length_a           121.820 
_cell.length_b           121.820 
_cell.length_c           33.610 
_cell.angle_alpha        90.00 
_cell.angle_beta         90.00 
_cell.angle_gamma        90.00 
_cell.Z_PDB              8 
_cell.pdbx_unique_axis   ? 
_cell.length_a_esd       ? 
_cell.length_b_esd       ? 
_cell.length_c_esd       ? 
_cell.angle_alpha_esd    ? 
_cell.angle_beta_esd     ? 
_cell.angle_gamma_esd    ? 
# 
_symmetry.entry_id                         3SDG 
_symmetry.space_group_name_H-M             'P 41 21 2' 
_symmetry.pdbx_full_space_group_name_H-M   ? 
_symmetry.cell_setting                     ? 
_symmetry.Int_Tables_number                92 
_symmetry.space_group_name_Hall            ? 
# 
_exptl.entry_id          3SDG 
_exptl.method            'X-RAY DIFFRACTION' 
_exptl.crystals_number   1 
# 
_exptl_crystal.id                    1 
_exptl_crystal.density_meas          ? 
_exptl_crystal.density_Matthews      2.40 
_exptl_crystal.density_percent_sol   48.80 
_exptl_crystal.description           ? 
_exptl_crystal.F_000                 ? 
_exptl_crystal.preparation           ? 
# 
_exptl_crystal_grow.crystal_id      1 
_exptl_crystal_grow.method          'VAPOR DIFFUSION, HANGING DROP' 
_exptl_crystal_grow.temp            293 
_exptl_crystal_grow.temp_details    ? 
_exptl_crystal_grow.pH              6.7 
_exptl_crystal_grow.pdbx_pH_range   ? 
_exptl_crystal_grow.pdbx_details    
'1.65M Ammonium Sulfate, 15% Glycerol, 0.1M MES pH6.7, VAPOR DIFFUSION, HANGING DROP, temperature 293K' 
# 
_diffrn.id                     1 
_diffrn.ambient_temp           100 
_diffrn.ambient_temp_details   ? 
_diffrn.crystal_id             1 
# 
_diffrn_detector.diffrn_id              1 
_diffrn_detector.detector               CCD 
_diffrn_detector.type                   'MARMOSAIC 300 mm CCD' 
_diffrn_detector.pdbx_collection_date   2010-12-06 
_diffrn_detector.details                ? 
# 
_diffrn_radiation.diffrn_id                        1 
_diffrn_radiation.wavelength_id                    1 
_diffrn_radiation.pdbx_monochromatic_or_laue_m_l   ? 
_diffrn_radiation.monochromator                    ? 
_diffrn_radiation.pdbx_diffrn_protocol             ? 
_diffrn_radiation.pdbx_scattering_type             x-ray 
# 
_diffrn_radiation_wavelength.id           1 
_diffrn_radiation_wavelength.wavelength   1.0000 
_diffrn_radiation_wavelength.wt           1.0 
# 
_diffrn_source.diffrn_id                   1 
_diffrn_source.source                      SYNCHROTRON 
_diffrn_source.type                        'SLS BEAMLINE X06SA' 
_diffrn_source.pdbx_synchrotron_site       SLS 
_diffrn_source.pdbx_synchrotron_beamline   X06SA 
_diffrn_source.pdbx_wavelength             ? 
_diffrn_source.pdbx_wavelength_list        1.0000 
# 
_reflns.pdbx_diffrn_id               1 
_reflns.pdbx_ordinal                 1 
_reflns.entry_id                     3SDG 
_reflns.observed_criterion_sigma_I   3.0 
_reflns.observed_criterion_sigma_F   2.0 
_reflns.d_resolution_low             33.79 
_reflns.d_resolution_high            1.70 
_reflns.number_obs                   20446 
_reflns.number_all                   ? 
_reflns.percent_possible_obs         99.7 
_reflns.pdbx_Rmerge_I_obs            ? 
_reflns.pdbx_Rsym_value              ? 
_reflns.pdbx_netI_over_sigmaI        ? 
_reflns.B_iso_Wilson_estimate        ? 
_reflns.pdbx_redundancy              ? 
_reflns.R_free_details               ? 
_reflns.limit_h_max                  ? 
_reflns.limit_h_min                  ? 
_reflns.limit_k_max                  ? 
_reflns.limit_k_min                  ? 
_reflns.limit_l_max                  ? 
_reflns.limit_l_min                  ? 
_reflns.observed_criterion_F_max     ? 
_reflns.observed_criterion_F_min     ? 
_reflns.pdbx_chi_squared             ? 
_reflns.pdbx_scaling_rejects         ? 
# 
_reflns_shell.pdbx_diffrn_id         1 
_reflns_shell.pdbx_ordinal           1 
_reflns_shell.d_res_high             1.70 
_reflns_shell.d_res_low              1.80 
_reflns_shell.percent_possible_all   98.6 
_reflns_shell.Rmerge_I_obs           ? 
_reflns_shell.pdbx_Rsym_value        ? 
_reflns_shell.meanI_over_sigI_obs    ? 
_reflns_shell.pdbx_redundancy        ? 
_reflns_shell.percent_possible_obs   ? 
_reflns_shell.number_unique_all      ? 
_reflns_shell.number_measured_all    ? 
_reflns_shell.number_measured_obs    ? 
_reflns_shell.number_unique_obs      ? 
_reflns_shell.pdbx_chi_squared       ? 
# 
_refine.pdbx_refine_id                           'X-RAY DIFFRACTION' 
_refine.entry_id                                 3SDG 
_refine.pdbx_diffrn_id                           1 
_refine.pdbx_TLS_residual_ADP_flag               ? 
_refine.ls_number_reflns_obs                     20446 
_refine.ls_number_reflns_all                     20446 
_refine.pdbx_ls_sigma_I                          ? 
_refine.pdbx_ls_sigma_F                          . 
_refine.pdbx_data_cutoff_high_absF               ? 
_refine.pdbx_data_cutoff_low_absF                ? 
_refine.pdbx_data_cutoff_high_rms_absF           ? 
_refine.ls_d_res_low                             33.79 
_refine.ls_d_res_high                            1.87 
_refine.ls_percent_reflns_obs                    100.00 
_refine.ls_R_factor_obs                          0.20489 
_refine.ls_R_factor_all                          ? 
_refine.ls_R_factor_R_work                       0.20259 
_refine.ls_R_factor_R_free                       0.25038 
_refine.ls_R_factor_R_free_error                 ? 
_refine.ls_R_factor_R_free_error_details         ? 
_refine.ls_percent_reflns_R_free                 5.1 
_refine.ls_number_reflns_R_free                  1105 
_refine.ls_number_parameters                     ? 
_refine.ls_number_restraints                     ? 
_refine.occupancy_min                            ? 
_refine.occupancy_max                            ? 
_refine.correlation_coeff_Fo_to_Fc               0.943 
_refine.correlation_coeff_Fo_to_Fc_free          0.904 
_refine.B_iso_mean                               23.283 
_refine.aniso_B[1][1]                            0.00 
_refine.aniso_B[2][2]                            0.00 
_refine.aniso_B[3][3]                            0.00 
_refine.aniso_B[1][2]                            0.00 
_refine.aniso_B[1][3]                            0.00 
_refine.aniso_B[2][3]                            0.00 
_refine.solvent_model_details                    MASK 
_refine.solvent_model_param_ksol                 ? 
_refine.solvent_model_param_bsol                 ? 
_refine.pdbx_solvent_vdw_probe_radii             1.40 
_refine.pdbx_solvent_ion_probe_radii             0.80 
_refine.pdbx_solvent_shrinkage_radii             0.80 
_refine.pdbx_ls_cross_valid_method               THROUGHOUT 
_refine.details                                  'HYDROGENS HAVE BEEN ADDED IN THE RIDING POSITIONS' 
_refine.pdbx_starting_model                      ? 
_refine.pdbx_method_to_determine_struct          'MOLECULAR REPLACEMENT' 
_refine.pdbx_isotropic_thermal_model             ? 
_refine.pdbx_stereochemistry_target_values       'MAXIMUM LIKELIHOOD' 
_refine.pdbx_stereochem_target_val_spec_case     ? 
_refine.pdbx_R_Free_selection_details            RANDOM 
_refine.pdbx_overall_ESU_R                       0.124 
_refine.pdbx_overall_ESU_R_Free                  0.129 
_refine.overall_SU_ML                            0.082 
_refine.pdbx_overall_phase_error                 ? 
_refine.overall_SU_B                             2.713 
_refine.overall_SU_R_Cruickshank_DPI             ? 
_refine.pdbx_overall_SU_R_free_Cruickshank_DPI   ? 
_refine.pdbx_overall_SU_R_Blow_DPI               ? 
_refine.pdbx_overall_SU_R_free_Blow_DPI          ? 
_refine.ls_redundancy_reflns_obs                 ? 
_refine.B_iso_min                                ? 
_refine.B_iso_max                                ? 
_refine.overall_SU_R_free                        ? 
_refine.ls_wR_factor_R_free                      ? 
_refine.ls_wR_factor_R_work                      ? 
_refine.overall_FOM_free_R_set                   ? 
_refine.overall_FOM_work_R_set                   ? 
# 
_refine_hist.pdbx_refine_id                   'X-RAY DIFFRACTION' 
_refine_hist.cycle_id                         LAST 
_refine_hist.pdbx_number_atoms_protein        1434 
_refine_hist.pdbx_number_atoms_nucleic_acid   0 
_refine_hist.pdbx_number_atoms_ligand         24 
_refine_hist.number_atoms_solvent             37 
_refine_hist.number_atoms_total               1495 
_refine_hist.d_res_high                       1.87 
_refine_hist.d_res_low                        33.79 
# 
loop_
_refine_ls_restr.type 
_refine_ls_restr.dev_ideal 
_refine_ls_restr.dev_ideal_target 
_refine_ls_restr.weight 
_refine_ls_restr.number 
_refine_ls_restr.pdbx_refine_id 
_refine_ls_restr.pdbx_restraint_function 
r_bond_refined_d             0.028  0.022  ? 1489 'X-RAY DIFFRACTION' ? 
r_bond_other_d               ?      ?      ? ?    'X-RAY DIFFRACTION' ? 
r_angle_refined_deg          2.047  1.966  ? 2029 'X-RAY DIFFRACTION' ? 
r_angle_other_deg            ?      ?      ? ?    'X-RAY DIFFRACTION' ? 
r_dihedral_angle_1_deg       4.892  5.000  ? 182  'X-RAY DIFFRACTION' ? 
r_dihedral_angle_2_deg       39.278 23.433 ? 67   'X-RAY DIFFRACTION' ? 
r_dihedral_angle_3_deg       12.528 15.000 ? 231  'X-RAY DIFFRACTION' ? 
r_dihedral_angle_4_deg       13.527 15.000 ? 12   'X-RAY DIFFRACTION' ? 
r_chiral_restr               0.161  0.200  ? 233  'X-RAY DIFFRACTION' ? 
r_gen_planes_refined         0.012  0.021  ? 1132 'X-RAY DIFFRACTION' ? 
r_gen_planes_other           ?      ?      ? ?    'X-RAY DIFFRACTION' ? 
r_nbd_refined                ?      ?      ? ?    'X-RAY DIFFRACTION' ? 
r_nbd_other                  ?      ?      ? ?    'X-RAY DIFFRACTION' ? 
r_nbtor_refined              ?      ?      ? ?    'X-RAY DIFFRACTION' ? 
r_nbtor_other                ?      ?      ? ?    'X-RAY DIFFRACTION' ? 
r_xyhbond_nbd_refined        ?      ?      ? ?    'X-RAY DIFFRACTION' ? 
r_xyhbond_nbd_other          ?      ?      ? ?    'X-RAY DIFFRACTION' ? 
r_metal_ion_refined          ?      ?      ? ?    'X-RAY DIFFRACTION' ? 
r_metal_ion_other            ?      ?      ? ?    'X-RAY DIFFRACTION' ? 
r_symmetry_vdw_refined       ?      ?      ? ?    'X-RAY DIFFRACTION' ? 
r_symmetry_vdw_other         ?      ?      ? ?    'X-RAY DIFFRACTION' ? 
r_symmetry_hbond_refined     ?      ?      ? ?    'X-RAY DIFFRACTION' ? 
r_symmetry_hbond_other       ?      ?      ? ?    'X-RAY DIFFRACTION' ? 
r_symmetry_metal_ion_refined ?      ?      ? ?    'X-RAY DIFFRACTION' ? 
r_symmetry_metal_ion_other   ?      ?      ? ?    'X-RAY DIFFRACTION' ? 
r_mcbond_it                  1.336  1.500  ? 923  'X-RAY DIFFRACTION' ? 
r_mcbond_other               ?      ?      ? ?    'X-RAY DIFFRACTION' ? 
r_mcangle_it                 2.293  2.000  ? 1474 'X-RAY DIFFRACTION' ? 
r_scbond_it                  3.706  3.000  ? 566  'X-RAY DIFFRACTION' ? 
r_scangle_it                 5.942  4.500  ? 555  'X-RAY DIFFRACTION' ? 
r_rigid_bond_restr           ?      ?      ? ?    'X-RAY DIFFRACTION' ? 
r_sphericity_free            ?      ?      ? ?    'X-RAY DIFFRACTION' ? 
r_sphericity_bonded          ?      ?      ? ?    'X-RAY DIFFRACTION' ? 
# 
_refine_ls_shell.pdbx_refine_id                   'X-RAY DIFFRACTION' 
_refine_ls_shell.pdbx_total_number_of_bins_used   20 
_refine_ls_shell.d_res_high                       1.870 
_refine_ls_shell.d_res_low                        1.918 
_refine_ls_shell.number_reflns_R_work             1446 
_refine_ls_shell.R_factor_R_work                  0.289 
_refine_ls_shell.percent_reflns_obs               100.00 
_refine_ls_shell.R_factor_R_free                  0.322 
_refine_ls_shell.R_factor_R_free_error            ? 
_refine_ls_shell.percent_reflns_R_free            ? 
_refine_ls_shell.number_reflns_R_free             80 
_refine_ls_shell.number_reflns_all                ? 
_refine_ls_shell.R_factor_all                     ? 
_refine_ls_shell.redundancy_reflns_obs            ? 
_refine_ls_shell.number_reflns_obs                ? 
# 
_struct.entry_id                  3SDG 
_struct.title                     
;Ethionamide Boosters Part 2: Combining Bioisosteric Replacement and Structure-Based Drug Design to Solve Pharmacokinetic Issues in a Series of Potent 1,2,4-Oxadiazole EthR Inhibitors.
;
_struct.pdbx_model_details        ? 
_struct.pdbx_CASP_flag            ? 
_struct.pdbx_model_type_details   ? 
# 
_struct_keywords.entry_id        3SDG 
_struct_keywords.pdbx_keywords   'TRANSCRIPTION REPRESSOR/INHIBITOR' 
_struct_keywords.text            
;TETR-FAMILY, INHIBITOR, DNA, TRANSCRIPTION REPRESSOR-INHIBITOR COMPLEX, DNA BINDING PROTEIN, TRANSCRITPTIONAL REGULATORY REPRESSOR, DNA BINDING
;
# 
loop_
_struct_asym.id 
_struct_asym.pdbx_blank_PDB_chainid_flag 
_struct_asym.pdbx_modified 
_struct_asym.entity_id 
_struct_asym.details 
A N N 1 ? 
B N N 2 ? 
C N N 3 ? 
# 
_struct_ref.id                         1 
_struct_ref.db_name                    UNP 
_struct_ref.db_code                    ETHR_MYCTU 
_struct_ref.pdbx_db_accession          P96222 
_struct_ref.entity_id                  1 
_struct_ref.pdbx_seq_one_letter_code   
;MTTSAASQASLPRGRRTARPSGDDRELAILATAENLLEDRPLADISVDDLAKGAGISRPTFYFYFPSKEAVLLTLLDRVV
NQADMALQTLAENPADTDRENMWRTGINVFFETFGSHKAVTRAGQAARATSVEVAELWSTFMQKWIAYTAAVIDAERDRG
AAPRTLPAHELATALNLMNERTLFASFAGEQPSVPEARVLDTLVHIWVTSIYGENR
;
_struct_ref.pdbx_align_begin           1 
_struct_ref.pdbx_db_isoform            ? 
# 
_struct_ref_seq.align_id                      1 
_struct_ref_seq.ref_id                        1 
_struct_ref_seq.pdbx_PDB_id_code              3SDG 
_struct_ref_seq.pdbx_strand_id                A 
_struct_ref_seq.seq_align_beg                 21 
_struct_ref_seq.pdbx_seq_align_beg_ins_code   ? 
_struct_ref_seq.seq_align_end                 236 
_struct_ref_seq.pdbx_seq_align_end_ins_code   ? 
_struct_ref_seq.pdbx_db_accession             P96222 
_struct_ref_seq.db_align_beg                  1 
_struct_ref_seq.pdbx_db_align_beg_ins_code    ? 
_struct_ref_seq.db_align_end                  216 
_struct_ref_seq.pdbx_db_align_end_ins_code    ? 
_struct_ref_seq.pdbx_auth_seq_align_beg       1 
_struct_ref_seq.pdbx_auth_seq_align_end       216 
# 
loop_
_struct_ref_seq_dif.align_id 
_struct_ref_seq_dif.pdbx_pdb_id_code 
_struct_ref_seq_dif.mon_id 
_struct_ref_seq_dif.pdbx_pdb_strand_id 
_struct_ref_seq_dif.seq_num 
_struct_ref_seq_dif.pdbx_pdb_ins_code 
_struct_ref_seq_dif.pdbx_seq_db_name 
_struct_ref_seq_dif.pdbx_seq_db_accession_code 
_struct_ref_seq_dif.db_mon_id 
_struct_ref_seq_dif.pdbx_seq_db_seq_num 
_struct_ref_seq_dif.details 
_struct_ref_seq_dif.pdbx_auth_seq_num 
_struct_ref_seq_dif.pdbx_ordinal 
1 3SDG MET A 1  ? UNP P96222 ? ? 'expression tag' -19 1  
1 3SDG GLY A 2  ? UNP P96222 ? ? 'expression tag' -18 2  
1 3SDG SER A 3  ? UNP P96222 ? ? 'expression tag' -17 3  
1 3SDG SER A 4  ? UNP P96222 ? ? 'expression tag' -16 4  
1 3SDG HIS A 5  ? UNP P96222 ? ? 'expression tag' -15 5  
1 3SDG HIS A 6  ? UNP P96222 ? ? 'expression tag' -14 6  
1 3SDG HIS A 7  ? UNP P96222 ? ? 'expression tag' -13 7  
1 3SDG HIS A 8  ? UNP P96222 ? ? 'expression tag' -12 8  
1 3SDG HIS A 9  ? UNP P96222 ? ? 'expression tag' -11 9  
1 3SDG HIS A 10 ? UNP P96222 ? ? 'expression tag' -10 10 
1 3SDG SER A 11 ? UNP P96222 ? ? 'expression tag' -9  11 
1 3SDG SER A 12 ? UNP P96222 ? ? 'expression tag' -8  12 
1 3SDG GLY A 13 ? UNP P96222 ? ? 'expression tag' -7  13 
1 3SDG LEU A 14 ? UNP P96222 ? ? 'expression tag' -6  14 
1 3SDG VAL A 15 ? UNP P96222 ? ? 'expression tag' -5  15 
1 3SDG PRO A 16 ? UNP P96222 ? ? 'expression tag' -4  16 
1 3SDG ARG A 17 ? UNP P96222 ? ? 'expression tag' -3  17 
1 3SDG GLY A 18 ? UNP P96222 ? ? 'expression tag' -2  18 
1 3SDG SER A 19 ? UNP P96222 ? ? 'expression tag' -1  19 
1 3SDG HIS A 20 ? UNP P96222 ? ? 'expression tag' 0   20 
# 
_pdbx_struct_assembly.id                   1 
_pdbx_struct_assembly.details              author_and_software_defined_assembly 
_pdbx_struct_assembly.method_details       PISA 
_pdbx_struct_assembly.oligomeric_details   dimeric 
_pdbx_struct_assembly.oligomeric_count     2 
# 
loop_
_pdbx_struct_assembly_prop.biol_id 
_pdbx_struct_assembly_prop.type 
_pdbx_struct_assembly_prop.value 
_pdbx_struct_assembly_prop.details 
1 'ABSA (A^2)' 2670  ? 
1 MORE         -21   ? 
1 'SSA (A^2)'  16280 ? 
# 
_pdbx_struct_assembly_gen.assembly_id       1 
_pdbx_struct_assembly_gen.oper_expression   1,2 
_pdbx_struct_assembly_gen.asym_id_list      A,B,C 
# 
loop_
_pdbx_struct_oper_list.id 
_pdbx_struct_oper_list.type 
_pdbx_struct_oper_list.name 
_pdbx_struct_oper_list.symmetry_operation 
_pdbx_struct_oper_list.matrix[1][1] 
_pdbx_struct_oper_list.matrix[1][2] 
_pdbx_struct_oper_list.matrix[1][3] 
_pdbx_struct_oper_list.vector[1] 
_pdbx_struct_oper_list.matrix[2][1] 
_pdbx_struct_oper_list.matrix[2][2] 
_pdbx_struct_oper_list.matrix[2][3] 
_pdbx_struct_oper_list.vector[2] 
_pdbx_struct_oper_list.matrix[3][1] 
_pdbx_struct_oper_list.matrix[3][2] 
_pdbx_struct_oper_list.matrix[3][3] 
_pdbx_struct_oper_list.vector[3] 
1 'identity operation'         1_555 x,y,z  1.0000000000 0.0000000000  0.0000000000 0.0000000000  0.0000000000  1.0000000000  0.0000000000  0.0000000000   0.0000000000 0.0000000000  1.0000000000  0.0000000000  
2 'crystal symmetry operation' 7_555 y,x,-z 0.9852325036 -0.1558921611 0.0708134731 -1.6403802149 -0.1558921611 -0.9877584284 -0.0055606914 -23.6002948789 0.0708134731 -0.0055606914 -0.9974740752 -5.9672945196 
# 
_struct_biol.id        1 
_struct_biol.details   ? 
# 
loop_
_struct_conf.conf_type_id 
_struct_conf.id 
_struct_conf.pdbx_PDB_helix_id 
_struct_conf.beg_label_comp_id 
_struct_conf.beg_label_asym_id 
_struct_conf.beg_label_seq_id 
_struct_conf.pdbx_beg_PDB_ins_code 
_struct_conf.end_label_comp_id 
_struct_conf.end_label_asym_id 
_struct_conf.end_label_seq_id 
_struct_conf.pdbx_end_PDB_ins_code 
_struct_conf.beg_auth_comp_id 
_struct_conf.beg_auth_asym_id 
_struct_conf.beg_auth_seq_id 
_struct_conf.end_auth_comp_id 
_struct_conf.end_auth_asym_id 
_struct_conf.end_auth_seq_id 
_struct_conf.pdbx_PDB_helix_class 
_struct_conf.details 
_struct_conf.pdbx_PDB_helix_length 
HELX_P HELX_P1  1  GLU A 46  ? ARG A 60  ? GLU A 26  ARG A 40  1 ? 15 
HELX_P HELX_P2  2  PRO A 61  ? ILE A 65  ? PRO A 41  ILE A 45  5 ? 5  
HELX_P HELX_P3  3  SER A 66  ? GLY A 75  ? SER A 46  GLY A 55  1 ? 10 
HELX_P HELX_P4  4  SER A 77  ? PHE A 85  ? SER A 57  PHE A 65  1 ? 9  
HELX_P HELX_P5  5  SER A 87  ? GLU A 112 ? SER A 67  GLU A 92  1 ? 26 
HELX_P HELX_P6  6  ASP A 118 ? SER A 136 ? ASP A 98  SER A 116 1 ? 19 
HELX_P HELX_P7  7  HIS A 137 ? ARG A 148 ? HIS A 117 ARG A 128 1 ? 12 
HELX_P HELX_P8  8  SER A 151 ? ARG A 179 ? SER A 131 ARG A 159 1 ? 29 
HELX_P HELX_P9  9  PRO A 187 ? ALA A 208 ? PRO A 167 ALA A 188 1 ? 22 
HELX_P HELX_P10 10 PRO A 215 ? GLY A 233 ? PRO A 195 GLY A 213 1 ? 19 
# 
_struct_conf_type.id          HELX_P 
_struct_conf_type.criteria    ? 
_struct_conf_type.reference   ? 
# 
_struct_mon_prot_cis.pdbx_id                1 
_struct_mon_prot_cis.label_comp_id          GLN 
_struct_mon_prot_cis.label_seq_id           211 
_struct_mon_prot_cis.label_asym_id          A 
_struct_mon_prot_cis.label_alt_id           . 
_struct_mon_prot_cis.pdbx_PDB_ins_code      ? 
_struct_mon_prot_cis.auth_comp_id           GLN 
_struct_mon_prot_cis.auth_seq_id            191 
_struct_mon_prot_cis.auth_asym_id           A 
_struct_mon_prot_cis.pdbx_label_comp_id_2   PRO 
_struct_mon_prot_cis.pdbx_label_seq_id_2    212 
_struct_mon_prot_cis.pdbx_label_asym_id_2   A 
_struct_mon_prot_cis.pdbx_PDB_ins_code_2    ? 
_struct_mon_prot_cis.pdbx_auth_comp_id_2    PRO 
_struct_mon_prot_cis.pdbx_auth_seq_id_2     192 
_struct_mon_prot_cis.pdbx_auth_asym_id_2    A 
_struct_mon_prot_cis.pdbx_PDB_model_num     1 
_struct_mon_prot_cis.pdbx_omega_angle       0.35 
# 
_struct_site.id                   AC1 
_struct_site.pdbx_evidence_code   Software 
_struct_site.pdbx_auth_asym_id    A 
_struct_site.pdbx_auth_comp_id    3SE 
_struct_site.pdbx_auth_seq_id     217 
_struct_site.pdbx_auth_ins_code   ? 
_struct_site.pdbx_num_residues    11 
_struct_site.details              'BINDING SITE FOR RESIDUE 3SE A 217' 
# 
loop_
_struct_site_gen.id 
_struct_site_gen.site_id 
_struct_site_gen.pdbx_num_res 
_struct_site_gen.label_comp_id 
_struct_site_gen.label_asym_id 
_struct_site_gen.label_seq_id 
_struct_site_gen.pdbx_auth_ins_code 
_struct_site_gen.auth_comp_id 
_struct_site_gen.auth_asym_id 
_struct_site_gen.auth_seq_id 
_struct_site_gen.label_atom_id 
_struct_site_gen.label_alt_id 
_struct_site_gen.symmetry 
_struct_site_gen.details 
1  AC1 11 MET A 122 ? MET A 102 . ? 1_555 ? 
2  AC1 11 GLY A 126 ? GLY A 106 . ? 1_555 ? 
3  AC1 11 PHE A 130 ? PHE A 110 . ? 1_555 ? 
4  AC1 11 TRP A 165 ? TRP A 145 . ? 1_555 ? 
5  AC1 11 TYR A 168 ? TYR A 148 . ? 1_555 ? 
6  AC1 11 THR A 169 ? THR A 149 . ? 1_555 ? 
7  AC1 11 ASN A 196 ? ASN A 176 . ? 1_555 ? 
8  AC1 11 ASN A 199 ? ASN A 179 . ? 1_555 ? 
9  AC1 11 GLU A 200 ? GLU A 180 . ? 1_555 ? 
10 AC1 11 LEU A 203 ? LEU A 183 . ? 1_555 ? 
11 AC1 11 TRP A 227 ? TRP A 207 . ? 1_555 ? 
# 
_pdbx_validate_rmsd_angle.id                         1 
_pdbx_validate_rmsd_angle.PDB_model_num              1 
_pdbx_validate_rmsd_angle.auth_atom_id_1             NE 
_pdbx_validate_rmsd_angle.auth_asym_id_1             A 
_pdbx_validate_rmsd_angle.auth_comp_id_1             ARG 
_pdbx_validate_rmsd_angle.auth_seq_id_1              181 
_pdbx_validate_rmsd_angle.PDB_ins_code_1             ? 
_pdbx_validate_rmsd_angle.label_alt_id_1             ? 
_pdbx_validate_rmsd_angle.auth_atom_id_2             CZ 
_pdbx_validate_rmsd_angle.auth_asym_id_2             A 
_pdbx_validate_rmsd_angle.auth_comp_id_2             ARG 
_pdbx_validate_rmsd_angle.auth_seq_id_2              181 
_pdbx_validate_rmsd_angle.PDB_ins_code_2             ? 
_pdbx_validate_rmsd_angle.label_alt_id_2             ? 
_pdbx_validate_rmsd_angle.auth_atom_id_3             NH2 
_pdbx_validate_rmsd_angle.auth_asym_id_3             A 
_pdbx_validate_rmsd_angle.auth_comp_id_3             ARG 
_pdbx_validate_rmsd_angle.auth_seq_id_3              181 
_pdbx_validate_rmsd_angle.PDB_ins_code_3             ? 
_pdbx_validate_rmsd_angle.label_alt_id_3             ? 
_pdbx_validate_rmsd_angle.angle_value                117.25 
_pdbx_validate_rmsd_angle.angle_target_value         120.30 
_pdbx_validate_rmsd_angle.angle_deviation            -3.05 
_pdbx_validate_rmsd_angle.angle_standard_deviation   0.50 
_pdbx_validate_rmsd_angle.linker_flag                N 
# 
_pdbx_validate_torsion.id              1 
_pdbx_validate_torsion.PDB_model_num   1 
_pdbx_validate_torsion.auth_comp_id    THR 
_pdbx_validate_torsion.auth_asym_id    A 
_pdbx_validate_torsion.auth_seq_id     165 
_pdbx_validate_torsion.PDB_ins_code    ? 
_pdbx_validate_torsion.label_alt_id    ? 
_pdbx_validate_torsion.phi             -104.90 
_pdbx_validate_torsion.psi             -109.77 
# 
_pdbx_struct_special_symmetry.id              1 
_pdbx_struct_special_symmetry.PDB_model_num   1 
_pdbx_struct_special_symmetry.auth_asym_id    A 
_pdbx_struct_special_symmetry.auth_comp_id    HOH 
_pdbx_struct_special_symmetry.auth_seq_id     231 
_pdbx_struct_special_symmetry.PDB_ins_code    ? 
_pdbx_struct_special_symmetry.label_asym_id   C 
_pdbx_struct_special_symmetry.label_comp_id   HOH 
_pdbx_struct_special_symmetry.label_seq_id    . 
# 
loop_
_pdbx_unobs_or_zero_occ_residues.id 
_pdbx_unobs_or_zero_occ_residues.PDB_model_num 
_pdbx_unobs_or_zero_occ_residues.polymer_flag 
_pdbx_unobs_or_zero_occ_residues.occupancy_flag 
_pdbx_unobs_or_zero_occ_residues.auth_asym_id 
_pdbx_unobs_or_zero_occ_residues.auth_comp_id 
_pdbx_unobs_or_zero_occ_residues.auth_seq_id 
_pdbx_unobs_or_zero_occ_residues.PDB_ins_code 
_pdbx_unobs_or_zero_occ_residues.label_asym_id 
_pdbx_unobs_or_zero_occ_residues.label_comp_id 
_pdbx_unobs_or_zero_occ_residues.label_seq_id 
1  1 Y 1 A MET -19 ? A MET 1   
2  1 Y 1 A GLY -18 ? A GLY 2   
3  1 Y 1 A SER -17 ? A SER 3   
4  1 Y 1 A SER -16 ? A SER 4   
5  1 Y 1 A HIS -15 ? A HIS 5   
6  1 Y 1 A HIS -14 ? A HIS 6   
7  1 Y 1 A HIS -13 ? A HIS 7   
8  1 Y 1 A HIS -12 ? A HIS 8   
9  1 Y 1 A HIS -11 ? A HIS 9   
10 1 Y 1 A HIS -10 ? A HIS 10  
11 1 Y 1 A SER -9  ? A SER 11  
12 1 Y 1 A SER -8  ? A SER 12  
13 1 Y 1 A GLY -7  ? A GLY 13  
14 1 Y 1 A LEU -6  ? A LEU 14  
15 1 Y 1 A VAL -5  ? A VAL 15  
16 1 Y 1 A PRO -4  ? A PRO 16  
17 1 Y 1 A ARG -3  ? A ARG 17  
18 1 Y 1 A GLY -2  ? A GLY 18  
19 1 Y 1 A SER -1  ? A SER 19  
20 1 Y 1 A HIS 0   ? A HIS 20  
21 1 Y 1 A MET 1   ? A MET 21  
22 1 Y 1 A THR 2   ? A THR 22  
23 1 Y 1 A THR 3   ? A THR 23  
24 1 Y 1 A SER 4   ? A SER 24  
25 1 Y 1 A ALA 5   ? A ALA 25  
26 1 Y 1 A ALA 6   ? A ALA 26  
27 1 Y 1 A SER 7   ? A SER 27  
28 1 Y 1 A GLN 8   ? A GLN 28  
29 1 Y 1 A ALA 9   ? A ALA 29  
30 1 Y 1 A SER 10  ? A SER 30  
31 1 Y 1 A LEU 11  ? A LEU 31  
32 1 Y 1 A PRO 12  ? A PRO 32  
33 1 Y 1 A ARG 13  ? A ARG 33  
34 1 Y 1 A GLY 14  ? A GLY 34  
35 1 Y 1 A ARG 15  ? A ARG 35  
36 1 Y 1 A ARG 16  ? A ARG 36  
37 1 Y 1 A THR 17  ? A THR 37  
38 1 Y 1 A ALA 18  ? A ALA 38  
39 1 Y 1 A ARG 19  ? A ARG 39  
40 1 Y 1 A PRO 20  ? A PRO 40  
41 1 Y 1 A SER 21  ? A SER 41  
42 1 Y 1 A GLY 22  ? A GLY 42  
43 1 Y 1 A ASP 23  ? A ASP 43  
44 1 Y 1 A ASP 24  ? A ASP 44  
45 1 Y 1 A ARG 25  ? A ARG 45  
46 1 Y 1 A ASN 93  ? A ASN 113 
47 1 Y 1 A PRO 94  ? A PRO 114 
48 1 Y 1 A ALA 95  ? A ALA 115 
49 1 Y 1 A ASP 96  ? A ASP 116 
50 1 Y 1 A THR 97  ? A THR 117 
51 1 Y 1 A ASN 215 ? A ASN 235 
52 1 Y 1 A ARG 216 ? A ARG 236 
# 
loop_
_chem_comp_atom.comp_id 
_chem_comp_atom.atom_id 
_chem_comp_atom.type_symbol 
_chem_comp_atom.pdbx_aromatic_flag 
_chem_comp_atom.pdbx_stereo_config 
_chem_comp_atom.pdbx_ordinal 
3SE O    O N N 1   
3SE C3   C N N 2   
3SE C2   C N N 3   
3SE C1   C N N 4   
3SE C    C N N 5   
3SE F2   F N N 6   
3SE F1   F N N 7   
3SE F    F N N 8   
3SE N    N N N 9   
3SE C8   C N N 10  
3SE C7   C N N 11  
3SE C6   C N N 12  
3SE C5   C N N 13  
3SE C4   C N N 14  
3SE C9   C Y N 15  
3SE N2   N Y N 16  
3SE C10  C Y N 17  
3SE N1   N Y N 18  
3SE O1   O Y N 19  
3SE C11  C Y N 20  
3SE S    S Y N 21  
3SE C13  C Y N 22  
3SE C12  C Y N 23  
3SE N3   N Y N 24  
3SE H2   H N N 25  
3SE H2A  H N N 26  
3SE H1   H N N 27  
3SE H1A  H N N 28  
3SE H8   H N N 29  
3SE H8A  H N N 30  
3SE H7   H N N 31  
3SE H7A  H N N 32  
3SE H6   H N N 33  
3SE H5   H N N 34  
3SE H5A  H N N 35  
3SE H4   H N N 36  
3SE H4A  H N N 37  
3SE H13  H N N 38  
3SE H12  H N N 39  
ALA N    N N N 40  
ALA CA   C N S 41  
ALA C    C N N 42  
ALA O    O N N 43  
ALA CB   C N N 44  
ALA OXT  O N N 45  
ALA H    H N N 46  
ALA H2   H N N 47  
ALA HA   H N N 48  
ALA HB1  H N N 49  
ALA HB2  H N N 50  
ALA HB3  H N N 51  
ALA HXT  H N N 52  
ARG N    N N N 53  
ARG CA   C N S 54  
ARG C    C N N 55  
ARG O    O N N 56  
ARG CB   C N N 57  
ARG CG   C N N 58  
ARG CD   C N N 59  
ARG NE   N N N 60  
ARG CZ   C N N 61  
ARG NH1  N N N 62  
ARG NH2  N N N 63  
ARG OXT  O N N 64  
ARG H    H N N 65  
ARG H2   H N N 66  
ARG HA   H N N 67  
ARG HB2  H N N 68  
ARG HB3  H N N 69  
ARG HG2  H N N 70  
ARG HG3  H N N 71  
ARG HD2  H N N 72  
ARG HD3  H N N 73  
ARG HE   H N N 74  
ARG HH11 H N N 75  
ARG HH12 H N N 76  
ARG HH21 H N N 77  
ARG HH22 H N N 78  
ARG HXT  H N N 79  
ASN N    N N N 80  
ASN CA   C N S 81  
ASN C    C N N 82  
ASN O    O N N 83  
ASN CB   C N N 84  
ASN CG   C N N 85  
ASN OD1  O N N 86  
ASN ND2  N N N 87  
ASN OXT  O N N 88  
ASN H    H N N 89  
ASN H2   H N N 90  
ASN HA   H N N 91  
ASN HB2  H N N 92  
ASN HB3  H N N 93  
ASN HD21 H N N 94  
ASN HD22 H N N 95  
ASN HXT  H N N 96  
ASP N    N N N 97  
ASP CA   C N S 98  
ASP C    C N N 99  
ASP O    O N N 100 
ASP CB   C N N 101 
ASP CG   C N N 102 
ASP OD1  O N N 103 
ASP OD2  O N N 104 
ASP OXT  O N N 105 
ASP H    H N N 106 
ASP H2   H N N 107 
ASP HA   H N N 108 
ASP HB2  H N N 109 
ASP HB3  H N N 110 
ASP HD2  H N N 111 
ASP HXT  H N N 112 
GLN N    N N N 113 
GLN CA   C N S 114 
GLN C    C N N 115 
GLN O    O N N 116 
GLN CB   C N N 117 
GLN CG   C N N 118 
GLN CD   C N N 119 
GLN OE1  O N N 120 
GLN NE2  N N N 121 
GLN OXT  O N N 122 
GLN H    H N N 123 
GLN H2   H N N 124 
GLN HA   H N N 125 
GLN HB2  H N N 126 
GLN HB3  H N N 127 
GLN HG2  H N N 128 
GLN HG3  H N N 129 
GLN HE21 H N N 130 
GLN HE22 H N N 131 
GLN HXT  H N N 132 
GLU N    N N N 133 
GLU CA   C N S 134 
GLU C    C N N 135 
GLU O    O N N 136 
GLU CB   C N N 137 
GLU CG   C N N 138 
GLU CD   C N N 139 
GLU OE1  O N N 140 
GLU OE2  O N N 141 
GLU OXT  O N N 142 
GLU H    H N N 143 
GLU H2   H N N 144 
GLU HA   H N N 145 
GLU HB2  H N N 146 
GLU HB3  H N N 147 
GLU HG2  H N N 148 
GLU HG3  H N N 149 
GLU HE2  H N N 150 
GLU HXT  H N N 151 
GLY N    N N N 152 
GLY CA   C N N 153 
GLY C    C N N 154 
GLY O    O N N 155 
GLY OXT  O N N 156 
GLY H    H N N 157 
GLY H2   H N N 158 
GLY HA2  H N N 159 
GLY HA3  H N N 160 
GLY HXT  H N N 161 
HIS N    N N N 162 
HIS CA   C N S 163 
HIS C    C N N 164 
HIS O    O N N 165 
HIS CB   C N N 166 
HIS CG   C Y N 167 
HIS ND1  N Y N 168 
HIS CD2  C Y N 169 
HIS CE1  C Y N 170 
HIS NE2  N Y N 171 
HIS OXT  O N N 172 
HIS H    H N N 173 
HIS H2   H N N 174 
HIS HA   H N N 175 
HIS HB2  H N N 176 
HIS HB3  H N N 177 
HIS HD1  H N N 178 
HIS HD2  H N N 179 
HIS HE1  H N N 180 
HIS HE2  H N N 181 
HIS HXT  H N N 182 
HOH O    O N N 183 
HOH H1   H N N 184 
HOH H2   H N N 185 
ILE N    N N N 186 
ILE CA   C N S 187 
ILE C    C N N 188 
ILE O    O N N 189 
ILE CB   C N S 190 
ILE CG1  C N N 191 
ILE CG2  C N N 192 
ILE CD1  C N N 193 
ILE OXT  O N N 194 
ILE H    H N N 195 
ILE H2   H N N 196 
ILE HA   H N N 197 
ILE HB   H N N 198 
ILE HG12 H N N 199 
ILE HG13 H N N 200 
ILE HG21 H N N 201 
ILE HG22 H N N 202 
ILE HG23 H N N 203 
ILE HD11 H N N 204 
ILE HD12 H N N 205 
ILE HD13 H N N 206 
ILE HXT  H N N 207 
LEU N    N N N 208 
LEU CA   C N S 209 
LEU C    C N N 210 
LEU O    O N N 211 
LEU CB   C N N 212 
LEU CG   C N N 213 
LEU CD1  C N N 214 
LEU CD2  C N N 215 
LEU OXT  O N N 216 
LEU H    H N N 217 
LEU H2   H N N 218 
LEU HA   H N N 219 
LEU HB2  H N N 220 
LEU HB3  H N N 221 
LEU HG   H N N 222 
LEU HD11 H N N 223 
LEU HD12 H N N 224 
LEU HD13 H N N 225 
LEU HD21 H N N 226 
LEU HD22 H N N 227 
LEU HD23 H N N 228 
LEU HXT  H N N 229 
LYS N    N N N 230 
LYS CA   C N S 231 
LYS C    C N N 232 
LYS O    O N N 233 
LYS CB   C N N 234 
LYS CG   C N N 235 
LYS CD   C N N 236 
LYS CE   C N N 237 
LYS NZ   N N N 238 
LYS OXT  O N N 239 
LYS H    H N N 240 
LYS H2   H N N 241 
LYS HA   H N N 242 
LYS HB2  H N N 243 
LYS HB3  H N N 244 
LYS HG2  H N N 245 
LYS HG3  H N N 246 
LYS HD2  H N N 247 
LYS HD3  H N N 248 
LYS HE2  H N N 249 
LYS HE3  H N N 250 
LYS HZ1  H N N 251 
LYS HZ2  H N N 252 
LYS HZ3  H N N 253 
LYS HXT  H N N 254 
MET N    N N N 255 
MET CA   C N S 256 
MET C    C N N 257 
MET O    O N N 258 
MET CB   C N N 259 
MET CG   C N N 260 
MET SD   S N N 261 
MET CE   C N N 262 
MET OXT  O N N 263 
MET H    H N N 264 
MET H2   H N N 265 
MET HA   H N N 266 
MET HB2  H N N 267 
MET HB3  H N N 268 
MET HG2  H N N 269 
MET HG3  H N N 270 
MET HE1  H N N 271 
MET HE2  H N N 272 
MET HE3  H N N 273 
MET HXT  H N N 274 
PHE N    N N N 275 
PHE CA   C N S 276 
PHE C    C N N 277 
PHE O    O N N 278 
PHE CB   C N N 279 
PHE CG   C Y N 280 
PHE CD1  C Y N 281 
PHE CD2  C Y N 282 
PHE CE1  C Y N 283 
PHE CE2  C Y N 284 
PHE CZ   C Y N 285 
PHE OXT  O N N 286 
PHE H    H N N 287 
PHE H2   H N N 288 
PHE HA   H N N 289 
PHE HB2  H N N 290 
PHE HB3  H N N 291 
PHE HD1  H N N 292 
PHE HD2  H N N 293 
PHE HE1  H N N 294 
PHE HE2  H N N 295 
PHE HZ   H N N 296 
PHE HXT  H N N 297 
PRO N    N N N 298 
PRO CA   C N S 299 
PRO C    C N N 300 
PRO O    O N N 301 
PRO CB   C N N 302 
PRO CG   C N N 303 
PRO CD   C N N 304 
PRO OXT  O N N 305 
PRO H    H N N 306 
PRO HA   H N N 307 
PRO HB2  H N N 308 
PRO HB3  H N N 309 
PRO HG2  H N N 310 
PRO HG3  H N N 311 
PRO HD2  H N N 312 
PRO HD3  H N N 313 
PRO HXT  H N N 314 
SER N    N N N 315 
SER CA   C N S 316 
SER C    C N N 317 
SER O    O N N 318 
SER CB   C N N 319 
SER OG   O N N 320 
SER OXT  O N N 321 
SER H    H N N 322 
SER H2   H N N 323 
SER HA   H N N 324 
SER HB2  H N N 325 
SER HB3  H N N 326 
SER HG   H N N 327 
SER HXT  H N N 328 
THR N    N N N 329 
THR CA   C N S 330 
THR C    C N N 331 
THR O    O N N 332 
THR CB   C N R 333 
THR OG1  O N N 334 
THR CG2  C N N 335 
THR OXT  O N N 336 
THR H    H N N 337 
THR H2   H N N 338 
THR HA   H N N 339 
THR HB   H N N 340 
THR HG1  H N N 341 
THR HG21 H N N 342 
THR HG22 H N N 343 
THR HG23 H N N 344 
THR HXT  H N N 345 
TRP N    N N N 346 
TRP CA   C N S 347 
TRP C    C N N 348 
TRP O    O N N 349 
TRP CB   C N N 350 
TRP CG   C Y N 351 
TRP CD1  C Y N 352 
TRP CD2  C Y N 353 
TRP NE1  N Y N 354 
TRP CE2  C Y N 355 
TRP CE3  C Y N 356 
TRP CZ2  C Y N 357 
TRP CZ3  C Y N 358 
TRP CH2  C Y N 359 
TRP OXT  O N N 360 
TRP H    H N N 361 
TRP H2   H N N 362 
TRP HA   H N N 363 
TRP HB2  H N N 364 
TRP HB3  H N N 365 
TRP HD1  H N N 366 
TRP HE1  H N N 367 
TRP HE3  H N N 368 
TRP HZ2  H N N 369 
TRP HZ3  H N N 370 
TRP HH2  H N N 371 
TRP HXT  H N N 372 
TYR N    N N N 373 
TYR CA   C N S 374 
TYR C    C N N 375 
TYR O    O N N 376 
TYR CB   C N N 377 
TYR CG   C Y N 378 
TYR CD1  C Y N 379 
TYR CD2  C Y N 380 
TYR CE1  C Y N 381 
TYR CE2  C Y N 382 
TYR CZ   C Y N 383 
TYR OH   O N N 384 
TYR OXT  O N N 385 
TYR H    H N N 386 
TYR H2   H N N 387 
TYR HA   H N N 388 
TYR HB2  H N N 389 
TYR HB3  H N N 390 
TYR HD1  H N N 391 
TYR HD2  H N N 392 
TYR HE1  H N N 393 
TYR HE2  H N N 394 
TYR HH   H N N 395 
TYR HXT  H N N 396 
VAL N    N N N 397 
VAL CA   C N S 398 
VAL C    C N N 399 
VAL O    O N N 400 
VAL CB   C N N 401 
VAL CG1  C N N 402 
VAL CG2  C N N 403 
VAL OXT  O N N 404 
VAL H    H N N 405 
VAL H2   H N N 406 
VAL HA   H N N 407 
VAL HB   H N N 408 
VAL HG11 H N N 409 
VAL HG12 H N N 410 
VAL HG13 H N N 411 
VAL HG21 H N N 412 
VAL HG22 H N N 413 
VAL HG23 H N N 414 
VAL HXT  H N N 415 
# 
loop_
_chem_comp_bond.comp_id 
_chem_comp_bond.atom_id_1 
_chem_comp_bond.atom_id_2 
_chem_comp_bond.value_order 
_chem_comp_bond.pdbx_aromatic_flag 
_chem_comp_bond.pdbx_stereo_config 
_chem_comp_bond.pdbx_ordinal 
3SE O   C3   doub N N 1   
3SE C3  N    sing N N 2   
3SE C3  C2   sing N N 3   
3SE C1  C2   sing N N 4   
3SE C2  H2   sing N N 5   
3SE C2  H2A  sing N N 6   
3SE C   C1   sing N N 7   
3SE C1  H1   sing N N 8   
3SE C1  H1A  sing N N 9   
3SE F2  C    sing N N 10  
3SE F1  C    sing N N 11  
3SE C   F    sing N N 12  
3SE C4  N    sing N N 13  
3SE N   C8   sing N N 14  
3SE C8  C7   sing N N 15  
3SE C8  H8   sing N N 16  
3SE C8  H8A  sing N N 17  
3SE C6  C7   sing N N 18  
3SE C7  H7   sing N N 19  
3SE C7  H7A  sing N N 20  
3SE C5  C6   sing N N 21  
3SE C6  C9   sing N N 22  
3SE C6  H6   sing N N 23  
3SE C4  C5   sing N N 24  
3SE C5  H5   sing N N 25  
3SE C5  H5A  sing N N 26  
3SE C4  H4   sing N N 27  
3SE C4  H4A  sing N N 28  
3SE N2  C9   doub Y N 29  
3SE C9  O1   sing Y N 30  
3SE N2  C10  sing Y N 31  
3SE C11 C10  sing N N 32  
3SE C10 N1   doub Y N 33  
3SE O1  N1   sing Y N 34  
3SE N3  C11  doub Y N 35  
3SE C11 S    sing Y N 36  
3SE C13 S    sing Y N 37  
3SE C12 C13  doub Y N 38  
3SE C13 H13  sing N N 39  
3SE C12 N3   sing Y N 40  
3SE C12 H12  sing N N 41  
ALA N   CA   sing N N 42  
ALA N   H    sing N N 43  
ALA N   H2   sing N N 44  
ALA CA  C    sing N N 45  
ALA CA  CB   sing N N 46  
ALA CA  HA   sing N N 47  
ALA C   O    doub N N 48  
ALA C   OXT  sing N N 49  
ALA CB  HB1  sing N N 50  
ALA CB  HB2  sing N N 51  
ALA CB  HB3  sing N N 52  
ALA OXT HXT  sing N N 53  
ARG N   CA   sing N N 54  
ARG N   H    sing N N 55  
ARG N   H2   sing N N 56  
ARG CA  C    sing N N 57  
ARG CA  CB   sing N N 58  
ARG CA  HA   sing N N 59  
ARG C   O    doub N N 60  
ARG C   OXT  sing N N 61  
ARG CB  CG   sing N N 62  
ARG CB  HB2  sing N N 63  
ARG CB  HB3  sing N N 64  
ARG CG  CD   sing N N 65  
ARG CG  HG2  sing N N 66  
ARG CG  HG3  sing N N 67  
ARG CD  NE   sing N N 68  
ARG CD  HD2  sing N N 69  
ARG CD  HD3  sing N N 70  
ARG NE  CZ   sing N N 71  
ARG NE  HE   sing N N 72  
ARG CZ  NH1  sing N N 73  
ARG CZ  NH2  doub N N 74  
ARG NH1 HH11 sing N N 75  
ARG NH1 HH12 sing N N 76  
ARG NH2 HH21 sing N N 77  
ARG NH2 HH22 sing N N 78  
ARG OXT HXT  sing N N 79  
ASN N   CA   sing N N 80  
ASN N   H    sing N N 81  
ASN N   H2   sing N N 82  
ASN CA  C    sing N N 83  
ASN CA  CB   sing N N 84  
ASN CA  HA   sing N N 85  
ASN C   O    doub N N 86  
ASN C   OXT  sing N N 87  
ASN CB  CG   sing N N 88  
ASN CB  HB2  sing N N 89  
ASN CB  HB3  sing N N 90  
ASN CG  OD1  doub N N 91  
ASN CG  ND2  sing N N 92  
ASN ND2 HD21 sing N N 93  
ASN ND2 HD22 sing N N 94  
ASN OXT HXT  sing N N 95  
ASP N   CA   sing N N 96  
ASP N   H    sing N N 97  
ASP N   H2   sing N N 98  
ASP CA  C    sing N N 99  
ASP CA  CB   sing N N 100 
ASP CA  HA   sing N N 101 
ASP C   O    doub N N 102 
ASP C   OXT  sing N N 103 
ASP CB  CG   sing N N 104 
ASP CB  HB2  sing N N 105 
ASP CB  HB3  sing N N 106 
ASP CG  OD1  doub N N 107 
ASP CG  OD2  sing N N 108 
ASP OD2 HD2  sing N N 109 
ASP OXT HXT  sing N N 110 
GLN N   CA   sing N N 111 
GLN N   H    sing N N 112 
GLN N   H2   sing N N 113 
GLN CA  C    sing N N 114 
GLN CA  CB   sing N N 115 
GLN CA  HA   sing N N 116 
GLN C   O    doub N N 117 
GLN C   OXT  sing N N 118 
GLN CB  CG   sing N N 119 
GLN CB  HB2  sing N N 120 
GLN CB  HB3  sing N N 121 
GLN CG  CD   sing N N 122 
GLN CG  HG2  sing N N 123 
GLN CG  HG3  sing N N 124 
GLN CD  OE1  doub N N 125 
GLN CD  NE2  sing N N 126 
GLN NE2 HE21 sing N N 127 
GLN NE2 HE22 sing N N 128 
GLN OXT HXT  sing N N 129 
GLU N   CA   sing N N 130 
GLU N   H    sing N N 131 
GLU N   H2   sing N N 132 
GLU CA  C    sing N N 133 
GLU CA  CB   sing N N 134 
GLU CA  HA   sing N N 135 
GLU C   O    doub N N 136 
GLU C   OXT  sing N N 137 
GLU CB  CG   sing N N 138 
GLU CB  HB2  sing N N 139 
GLU CB  HB3  sing N N 140 
GLU CG  CD   sing N N 141 
GLU CG  HG2  sing N N 142 
GLU CG  HG3  sing N N 143 
GLU CD  OE1  doub N N 144 
GLU CD  OE2  sing N N 145 
GLU OE2 HE2  sing N N 146 
GLU OXT HXT  sing N N 147 
GLY N   CA   sing N N 148 
GLY N   H    sing N N 149 
GLY N   H2   sing N N 150 
GLY CA  C    sing N N 151 
GLY CA  HA2  sing N N 152 
GLY CA  HA3  sing N N 153 
GLY C   O    doub N N 154 
GLY C   OXT  sing N N 155 
GLY OXT HXT  sing N N 156 
HIS N   CA   sing N N 157 
HIS N   H    sing N N 158 
HIS N   H2   sing N N 159 
HIS CA  C    sing N N 160 
HIS CA  CB   sing N N 161 
HIS CA  HA   sing N N 162 
HIS C   O    doub N N 163 
HIS C   OXT  sing N N 164 
HIS CB  CG   sing N N 165 
HIS CB  HB2  sing N N 166 
HIS CB  HB3  sing N N 167 
HIS CG  ND1  sing Y N 168 
HIS CG  CD2  doub Y N 169 
HIS ND1 CE1  doub Y N 170 
HIS ND1 HD1  sing N N 171 
HIS CD2 NE2  sing Y N 172 
HIS CD2 HD2  sing N N 173 
HIS CE1 NE2  sing Y N 174 
HIS CE1 HE1  sing N N 175 
HIS NE2 HE2  sing N N 176 
HIS OXT HXT  sing N N 177 
HOH O   H1   sing N N 178 
HOH O   H2   sing N N 179 
ILE N   CA   sing N N 180 
ILE N   H    sing N N 181 
ILE N   H2   sing N N 182 
ILE CA  C    sing N N 183 
ILE CA  CB   sing N N 184 
ILE CA  HA   sing N N 185 
ILE C   O    doub N N 186 
ILE C   OXT  sing N N 187 
ILE CB  CG1  sing N N 188 
ILE CB  CG2  sing N N 189 
ILE CB  HB   sing N N 190 
ILE CG1 CD1  sing N N 191 
ILE CG1 HG12 sing N N 192 
ILE CG1 HG13 sing N N 193 
ILE CG2 HG21 sing N N 194 
ILE CG2 HG22 sing N N 195 
ILE CG2 HG23 sing N N 196 
ILE CD1 HD11 sing N N 197 
ILE CD1 HD12 sing N N 198 
ILE CD1 HD13 sing N N 199 
ILE OXT HXT  sing N N 200 
LEU N   CA   sing N N 201 
LEU N   H    sing N N 202 
LEU N   H2   sing N N 203 
LEU CA  C    sing N N 204 
LEU CA  CB   sing N N 205 
LEU CA  HA   sing N N 206 
LEU C   O    doub N N 207 
LEU C   OXT  sing N N 208 
LEU CB  CG   sing N N 209 
LEU CB  HB2  sing N N 210 
LEU CB  HB3  sing N N 211 
LEU CG  CD1  sing N N 212 
LEU CG  CD2  sing N N 213 
LEU CG  HG   sing N N 214 
LEU CD1 HD11 sing N N 215 
LEU CD1 HD12 sing N N 216 
LEU CD1 HD13 sing N N 217 
LEU CD2 HD21 sing N N 218 
LEU CD2 HD22 sing N N 219 
LEU CD2 HD23 sing N N 220 
LEU OXT HXT  sing N N 221 
LYS N   CA   sing N N 222 
LYS N   H    sing N N 223 
LYS N   H2   sing N N 224 
LYS CA  C    sing N N 225 
LYS CA  CB   sing N N 226 
LYS CA  HA   sing N N 227 
LYS C   O    doub N N 228 
LYS C   OXT  sing N N 229 
LYS CB  CG   sing N N 230 
LYS CB  HB2  sing N N 231 
LYS CB  HB3  sing N N 232 
LYS CG  CD   sing N N 233 
LYS CG  HG2  sing N N 234 
LYS CG  HG3  sing N N 235 
LYS CD  CE   sing N N 236 
LYS CD  HD2  sing N N 237 
LYS CD  HD3  sing N N 238 
LYS CE  NZ   sing N N 239 
LYS CE  HE2  sing N N 240 
LYS CE  HE3  sing N N 241 
LYS NZ  HZ1  sing N N 242 
LYS NZ  HZ2  sing N N 243 
LYS NZ  HZ3  sing N N 244 
LYS OXT HXT  sing N N 245 
MET N   CA   sing N N 246 
MET N   H    sing N N 247 
MET N   H2   sing N N 248 
MET CA  C    sing N N 249 
MET CA  CB   sing N N 250 
MET CA  HA   sing N N 251 
MET C   O    doub N N 252 
MET C   OXT  sing N N 253 
MET CB  CG   sing N N 254 
MET CB  HB2  sing N N 255 
MET CB  HB3  sing N N 256 
MET CG  SD   sing N N 257 
MET CG  HG2  sing N N 258 
MET CG  HG3  sing N N 259 
MET SD  CE   sing N N 260 
MET CE  HE1  sing N N 261 
MET CE  HE2  sing N N 262 
MET CE  HE3  sing N N 263 
MET OXT HXT  sing N N 264 
PHE N   CA   sing N N 265 
PHE N   H    sing N N 266 
PHE N   H2   sing N N 267 
PHE CA  C    sing N N 268 
PHE CA  CB   sing N N 269 
PHE CA  HA   sing N N 270 
PHE C   O    doub N N 271 
PHE C   OXT  sing N N 272 
PHE CB  CG   sing N N 273 
PHE CB  HB2  sing N N 274 
PHE CB  HB3  sing N N 275 
PHE CG  CD1  doub Y N 276 
PHE CG  CD2  sing Y N 277 
PHE CD1 CE1  sing Y N 278 
PHE CD1 HD1  sing N N 279 
PHE CD2 CE2  doub Y N 280 
PHE CD2 HD2  sing N N 281 
PHE CE1 CZ   doub Y N 282 
PHE CE1 HE1  sing N N 283 
PHE CE2 CZ   sing Y N 284 
PHE CE2 HE2  sing N N 285 
PHE CZ  HZ   sing N N 286 
PHE OXT HXT  sing N N 287 
PRO N   CA   sing N N 288 
PRO N   CD   sing N N 289 
PRO N   H    sing N N 290 
PRO CA  C    sing N N 291 
PRO CA  CB   sing N N 292 
PRO CA  HA   sing N N 293 
PRO C   O    doub N N 294 
PRO C   OXT  sing N N 295 
PRO CB  CG   sing N N 296 
PRO CB  HB2  sing N N 297 
PRO CB  HB3  sing N N 298 
PRO CG  CD   sing N N 299 
PRO CG  HG2  sing N N 300 
PRO CG  HG3  sing N N 301 
PRO CD  HD2  sing N N 302 
PRO CD  HD3  sing N N 303 
PRO OXT HXT  sing N N 304 
SER N   CA   sing N N 305 
SER N   H    sing N N 306 
SER N   H2   sing N N 307 
SER CA  C    sing N N 308 
SER CA  CB   sing N N 309 
SER CA  HA   sing N N 310 
SER C   O    doub N N 311 
SER C   OXT  sing N N 312 
SER CB  OG   sing N N 313 
SER CB  HB2  sing N N 314 
SER CB  HB3  sing N N 315 
SER OG  HG   sing N N 316 
SER OXT HXT  sing N N 317 
THR N   CA   sing N N 318 
THR N   H    sing N N 319 
THR N   H2   sing N N 320 
THR CA  C    sing N N 321 
THR CA  CB   sing N N 322 
THR CA  HA   sing N N 323 
THR C   O    doub N N 324 
THR C   OXT  sing N N 325 
THR CB  OG1  sing N N 326 
THR CB  CG2  sing N N 327 
THR CB  HB   sing N N 328 
THR OG1 HG1  sing N N 329 
THR CG2 HG21 sing N N 330 
THR CG2 HG22 sing N N 331 
THR CG2 HG23 sing N N 332 
THR OXT HXT  sing N N 333 
TRP N   CA   sing N N 334 
TRP N   H    sing N N 335 
TRP N   H2   sing N N 336 
TRP CA  C    sing N N 337 
TRP CA  CB   sing N N 338 
TRP CA  HA   sing N N 339 
TRP C   O    doub N N 340 
TRP C   OXT  sing N N 341 
TRP CB  CG   sing N N 342 
TRP CB  HB2  sing N N 343 
TRP CB  HB3  sing N N 344 
TRP CG  CD1  doub Y N 345 
TRP CG  CD2  sing Y N 346 
TRP CD1 NE1  sing Y N 347 
TRP CD1 HD1  sing N N 348 
TRP CD2 CE2  doub Y N 349 
TRP CD2 CE3  sing Y N 350 
TRP NE1 CE2  sing Y N 351 
TRP NE1 HE1  sing N N 352 
TRP CE2 CZ2  sing Y N 353 
TRP CE3 CZ3  doub Y N 354 
TRP CE3 HE3  sing N N 355 
TRP CZ2 CH2  doub Y N 356 
TRP CZ2 HZ2  sing N N 357 
TRP CZ3 CH2  sing Y N 358 
TRP CZ3 HZ3  sing N N 359 
TRP CH2 HH2  sing N N 360 
TRP OXT HXT  sing N N 361 
TYR N   CA   sing N N 362 
TYR N   H    sing N N 363 
TYR N   H2   sing N N 364 
TYR CA  C    sing N N 365 
TYR CA  CB   sing N N 366 
TYR CA  HA   sing N N 367 
TYR C   O    doub N N 368 
TYR C   OXT  sing N N 369 
TYR CB  CG   sing N N 370 
TYR CB  HB2  sing N N 371 
TYR CB  HB3  sing N N 372 
TYR CG  CD1  doub Y N 373 
TYR CG  CD2  sing Y N 374 
TYR CD1 CE1  sing Y N 375 
TYR CD1 HD1  sing N N 376 
TYR CD2 CE2  doub Y N 377 
TYR CD2 HD2  sing N N 378 
TYR CE1 CZ   doub Y N 379 
TYR CE1 HE1  sing N N 380 
TYR CE2 CZ   sing Y N 381 
TYR CE2 HE2  sing N N 382 
TYR CZ  OH   sing N N 383 
TYR OH  HH   sing N N 384 
TYR OXT HXT  sing N N 385 
VAL N   CA   sing N N 386 
VAL N   H    sing N N 387 
VAL N   H2   sing N N 388 
VAL CA  C    sing N N 389 
VAL CA  CB   sing N N 390 
VAL CA  HA   sing N N 391 
VAL C   O    doub N N 392 
VAL C   OXT  sing N N 393 
VAL CB  CG1  sing N N 394 
VAL CB  CG2  sing N N 395 
VAL CB  HB   sing N N 396 
VAL CG1 HG11 sing N N 397 
VAL CG1 HG12 sing N N 398 
VAL CG1 HG13 sing N N 399 
VAL CG2 HG21 sing N N 400 
VAL CG2 HG22 sing N N 401 
VAL CG2 HG23 sing N N 402 
VAL OXT HXT  sing N N 403 
# 
_atom_sites.entry_id                    3SDG 
_atom_sites.fract_transf_matrix[1][1]   0.00538629 
_atom_sites.fract_transf_matrix[1][2]   -0.00609785 
_atom_sites.fract_transf_matrix[1][3]   -0.00109167 
_atom_sites.fract_transf_matrix[2][1]   0.00618005 
_atom_sites.fract_transf_matrix[2][2]   0.00518960 
_atom_sites.fract_transf_matrix[2][3]   0.00150424 
_atom_sites.fract_transf_matrix[3][1]   -0.00154855 
_atom_sites.fract_transf_matrix[3][2]   -0.00655605 
_atom_sites.fract_transf_matrix[3][3]   0.02898036 
_atom_sites.fract_transf_vector[1]      0.147421 
_atom_sites.fract_transf_vector[2]      0.289011 
_atom_sites.fract_transf_vector[3]      0.007835 
# 
loop_
_atom_type.symbol 
C 
F 
N 
O 
S 
# 
loop_
_atom_site.group_PDB 
_atom_site.id 
_atom_site.type_symbol 
_atom_site.label_atom_id 
_atom_site.label_alt_id 
_atom_site.label_comp_id 
_atom_site.label_asym_id 
_atom_site.label_entity_id 
_atom_site.label_seq_id 
_atom_site.pdbx_PDB_ins_code 
_atom_site.Cartn_x 
_atom_site.Cartn_y 
_atom_site.Cartn_z 
_atom_site.occupancy 
_atom_site.B_iso_or_equiv 
_atom_site.pdbx_formal_charge 
_atom_site.auth_seq_id 
_atom_site.auth_comp_id 
_atom_site.auth_asym_id 
_atom_site.auth_atom_id 
_atom_site.pdbx_PDB_model_num 
ATOM   1    N N   . GLU A 1 46  ? 18.787  14.337  3.832   1.00 31.16 ? 26  GLU A N   1 
ATOM   2    C CA  . GLU A 1 46  ? 17.943  13.112  4.032   1.00 32.26 ? 26  GLU A CA  1 
ATOM   3    C C   . GLU A 1 46  ? 16.849  13.022  2.965   1.00 31.74 ? 26  GLU A C   1 
ATOM   4    O O   . GLU A 1 46  ? 16.690  11.962  2.337   1.00 30.53 ? 26  GLU A O   1 
ATOM   5    C CB  . GLU A 1 46  ? 17.298  13.096  5.396   1.00 32.56 ? 26  GLU A CB  1 
ATOM   6    C CG  . GLU A 1 46  ? 16.977  11.703  5.827   1.00 36.83 ? 26  GLU A CG  1 
ATOM   7    C CD  . GLU A 1 46  ? 16.613  11.647  7.294   1.00 43.95 ? 26  GLU A CD  1 
ATOM   8    O OE1 . GLU A 1 46  ? 17.504  11.389  8.132   1.00 47.17 ? 26  GLU A OE1 1 
ATOM   9    O OE2 . GLU A 1 46  ? 15.431  11.898  7.598   1.00 45.25 ? 26  GLU A OE2 1 
ATOM   10   N N   . LEU A 1 47  ? 16.134  14.135  2.746   1.00 31.45 ? 27  LEU A N   1 
ATOM   11   C CA  . LEU A 1 47  ? 15.060  14.194  1.737   1.00 30.69 ? 27  LEU A CA  1 
ATOM   12   C C   . LEU A 1 47  ? 15.619  14.003  0.312   1.00 29.51 ? 27  LEU A C   1 
ATOM   13   O O   . LEU A 1 47  ? 14.963  13.357  -0.538  1.00 27.14 ? 27  LEU A O   1 
ATOM   14   C CB  . LEU A 1 47  ? 14.277  15.514  1.841   1.00 32.12 ? 27  LEU A CB  1 
ATOM   15   C CG  . LEU A 1 47  ? 13.210  15.600  2.928   1.00 36.17 ? 27  LEU A CG  1 
ATOM   16   C CD1 . LEU A 1 47  ? 12.649  17.042  3.056   1.00 39.90 ? 27  LEU A CD1 1 
ATOM   17   C CD2 . LEU A 1 47  ? 12.045  14.570  2.638   1.00 38.02 ? 27  LEU A CD2 1 
ATOM   18   N N   . ALA A 1 48  ? 16.846  14.512  0.055   1.00 27.21 ? 28  ALA A N   1 
ATOM   19   C CA  . ALA A 1 48  ? 17.500  14.290  -1.247  1.00 26.15 ? 28  ALA A CA  1 
ATOM   20   C C   . ALA A 1 48  ? 17.903  12.821  -1.411  1.00 24.52 ? 28  ALA A C   1 
ATOM   21   O O   . ALA A 1 48  ? 17.773  12.250  -2.489  1.00 24.66 ? 28  ALA A O   1 
ATOM   22   C CB  . ALA A 1 48  ? 18.766  15.259  -1.442  1.00 27.79 ? 28  ALA A CB  1 
ATOM   23   N N   . ILE A 1 49  ? 18.324  12.162  -0.335  1.00 22.52 ? 29  ILE A N   1 
ATOM   24   C CA  . ILE A 1 49  ? 18.655  10.761  -0.468  1.00 20.48 ? 29  ILE A CA  1 
ATOM   25   C C   . ILE A 1 49  ? 17.328  9.974   -0.792  1.00 20.42 ? 29  ILE A C   1 
ATOM   26   O O   . ILE A 1 49  ? 17.305  9.125   -1.664  1.00 18.52 ? 29  ILE A O   1 
ATOM   27   C CB  . ILE A 1 49  ? 19.231  10.209  0.830   1.00 19.84 ? 29  ILE A CB  1 
ATOM   28   C CG1 . ILE A 1 49  ? 20.665  10.781  1.070   1.00 19.94 ? 29  ILE A CG1 1 
ATOM   29   C CG2 . ILE A 1 49  ? 19.207  8.701   0.824   1.00 19.57 ? 29  ILE A CG2 1 
ATOM   30   C CD1 . ILE A 1 49  ? 21.164  10.528  2.507   1.00 17.69 ? 29  ILE A CD1 1 
ATOM   31   N N   . LEU A 1 50  ? 16.267  10.290  -0.080  1.00 20.40 ? 30  LEU A N   1 
ATOM   32   C CA  . LEU A 1 50  ? 14.953  9.602   -0.318  1.00 22.19 ? 30  LEU A CA  1 
ATOM   33   C C   . LEU A 1 50  ? 14.435  9.847   -1.740  1.00 22.54 ? 30  LEU A C   1 
ATOM   34   O O   . LEU A 1 50  ? 14.033  8.889   -2.389  1.00 22.43 ? 30  LEU A O   1 
ATOM   35   C CB  . LEU A 1 50  ? 13.893  10.003  0.711   1.00 22.00 ? 30  LEU A CB  1 
ATOM   36   C CG  . LEU A 1 50  ? 14.262  9.606   2.176   1.00 20.01 ? 30  LEU A CG  1 
ATOM   37   C CD1 . LEU A 1 50  ? 13.443  10.489  3.222   1.00 23.04 ? 30  LEU A CD1 1 
ATOM   38   C CD2 . LEU A 1 50  ? 14.063  8.150   2.428   1.00 20.88 ? 30  LEU A CD2 1 
ATOM   39   N N   . ALA A 1 51  ? 14.472  11.097  -2.220  1.00 23.20 ? 31  ALA A N   1 
ATOM   40   C CA  . ALA A 1 51  ? 14.028  11.379  -3.598  1.00 23.92 ? 31  ALA A CA  1 
ATOM   41   C C   . ALA A 1 51  ? 14.877  10.676  -4.615  1.00 24.68 ? 31  ALA A C   1 
ATOM   42   O O   . ALA A 1 51  ? 14.368  10.070  -5.553  1.00 23.97 ? 31  ALA A O   1 
ATOM   43   C CB  . ALA A 1 51  ? 14.012  12.862  -3.863  1.00 26.47 ? 31  ALA A CB  1 
ATOM   44   N N   . THR A 1 52  ? 16.204  10.729  -4.433  1.00 23.40 ? 32  THR A N   1 
ATOM   45   C CA  . THR A 1 52  ? 17.094  9.981   -5.293  1.00 22.53 ? 32  THR A CA  1 
ATOM   46   C C   . THR A 1 52  ? 16.759  8.483   -5.352  1.00 21.74 ? 32  THR A C   1 
ATOM   47   O O   . THR A 1 52  ? 16.726  7.910   -6.427  1.00 21.96 ? 32  THR A O   1 
ATOM   48   C CB  . THR A 1 52  ? 18.605  10.129  -4.872  1.00 21.45 ? 32  THR A CB  1 
ATOM   49   O OG1 . THR A 1 52  ? 18.980  11.523  -4.876  1.00 23.72 ? 32  THR A OG1 1 
ATOM   50   C CG2 . THR A 1 52  ? 19.479  9.332   -5.831  1.00 20.95 ? 32  THR A CG2 1 
ATOM   51   N N   . ALA A 1 53  ? 16.617  7.837   -4.196  1.00 21.86 ? 33  ALA A N   1 
ATOM   52   C CA  . ALA A 1 53  ? 16.280  6.431   -4.145  1.00 21.69 ? 33  ALA A CA  1 
ATOM   53   C C   . ALA A 1 53  ? 14.940  6.185   -4.939  1.00 22.44 ? 33  ALA A C   1 
ATOM   54   O O   . ALA A 1 53  ? 14.886  5.294   -5.759  1.00 22.15 ? 33  ALA A O   1 
ATOM   55   C CB  . ALA A 1 53  ? 16.102  5.983   -2.705  1.00 20.87 ? 33  ALA A CB  1 
ATOM   56   N N   . GLU A 1 54  ? 13.921  6.994   -4.705  1.00 22.28 ? 34  GLU A N   1 
ATOM   57   C CA  . GLU A 1 54  ? 12.611  6.740   -5.380  1.00 23.84 ? 34  GLU A CA  1 
ATOM   58   C C   . GLU A 1 54  ? 12.755  6.880   -6.922  1.00 25.63 ? 34  GLU A C   1 
ATOM   59   O O   . GLU A 1 54  ? 12.177  6.072   -7.703  1.00 22.64 ? 34  GLU A O   1 
ATOM   60   C CB  . GLU A 1 54  ? 11.517  7.679   -4.837  1.00 23.97 ? 34  GLU A CB  1 
ATOM   61   C CG  . GLU A 1 54  ? 10.139  7.484   -5.572  1.00 24.61 ? 34  GLU A CG  1 
ATOM   62   C CD  . GLU A 1 54  ? 8.932   7.975   -4.763  1.00 28.13 ? 34  GLU A CD  1 
ATOM   63   O OE1 . GLU A 1 54  ? 9.044   8.884   -3.922  1.00 25.58 ? 34  GLU A OE1 1 
ATOM   64   O OE2 . GLU A 1 54  ? 7.847   7.416   -4.951  1.00 23.50 ? 34  GLU A OE2 1 
ATOM   65   N N   . ASN A 1 55  ? 13.561  7.878   -7.327  1.00 26.37 ? 35  ASN A N   1 
ATOM   66   C CA  . ASN A 1 55  ? 13.843  8.162   -8.739  1.00 29.11 ? 35  ASN A CA  1 
ATOM   67   C C   . ASN A 1 55  ? 14.526  6.982   -9.369  1.00 28.97 ? 35  ASN A C   1 
ATOM   68   O O   . ASN A 1 55  ? 14.088  6.516   -10.400 1.00 28.79 ? 35  ASN A O   1 
ATOM   69   C CB  . ASN A 1 55  ? 14.726  9.440   -8.921  1.00 30.51 ? 35  ASN A CB  1 
ATOM   70   C CG  . ASN A 1 55  ? 13.936  10.734  -8.744  1.00 38.92 ? 35  ASN A CG  1 
ATOM   71   O OD1 . ASN A 1 55  ? 12.701  10.744  -8.833  1.00 44.01 ? 35  ASN A OD1 1 
ATOM   72   N ND2 . ASN A 1 55  ? 14.659  11.860  -8.518  1.00 45.26 ? 35  ASN A ND2 1 
ATOM   73   N N   . LEU A 1 56  ? 15.579  6.463   -8.749  1.00 29.37 ? 36  LEU A N   1 
ATOM   74   C CA  . LEU A 1 56  ? 16.303  5.342   -9.350  1.00 30.47 ? 36  LEU A CA  1 
ATOM   75   C C   . LEU A 1 56  ? 15.487  4.051   -9.369  1.00 30.74 ? 36  LEU A C   1 
ATOM   76   O O   . LEU A 1 56  ? 15.577  3.271   -10.328 1.00 30.26 ? 36  LEU A O   1 
ATOM   77   C CB  . LEU A 1 56  ? 17.650  5.126   -8.644  1.00 31.50 ? 36  LEU A CB  1 
ATOM   78   C CG  . LEU A 1 56  ? 18.571  6.374   -8.753  1.00 34.41 ? 36  LEU A CG  1 
ATOM   79   C CD1 . LEU A 1 56  ? 19.798  6.220   -7.851  1.00 37.64 ? 36  LEU A CD1 1 
ATOM   80   C CD2 . LEU A 1 56  ? 18.987  6.682   -10.189 1.00 36.32 ? 36  LEU A CD2 1 
ATOM   81   N N   . LEU A 1 57  ? 14.693  3.837   -8.316  1.00 29.13 ? 37  LEU A N   1 
ATOM   82   C CA  . LEU A 1 57  ? 13.848  2.649   -8.235  1.00 30.25 ? 37  LEU A CA  1 
ATOM   83   C C   . LEU A 1 57  ? 12.857  2.517   -9.429  1.00 30.63 ? 37  LEU A C   1 
ATOM   84   O O   . LEU A 1 57  ? 12.430  1.403   -9.732  1.00 30.92 ? 37  LEU A O   1 
ATOM   85   C CB  . LEU A 1 57  ? 13.110  2.599   -6.877  1.00 29.03 ? 37  LEU A CB  1 
ATOM   86   C CG  . LEU A 1 57  ? 13.977  2.081   -5.696  1.00 27.85 ? 37  LEU A CG  1 
ATOM   87   C CD1 . LEU A 1 57  ? 13.235  2.196   -4.373  1.00 18.59 ? 37  LEU A CD1 1 
ATOM   88   C CD2 . LEU A 1 57  ? 14.457  0.685   -5.890  1.00 22.07 ? 37  LEU A CD2 1 
ATOM   89   N N   . GLU A 1 58  ? 12.496  3.633   -10.054 1.00 33.01 ? 38  GLU A N   1 
ATOM   90   C CA  . GLU A 1 58  ? 11.651  3.646   -11.250 1.00 37.37 ? 38  GLU A CA  1 
ATOM   91   C C   . GLU A 1 58  ? 12.320  2.863   -12.354 1.00 39.69 ? 38  GLU A C   1 
ATOM   92   O O   . GLU A 1 58  ? 11.647  2.168   -13.095 1.00 40.24 ? 38  GLU A O   1 
ATOM   93   C CB  . GLU A 1 58  ? 11.392  5.062   -11.807 1.00 37.77 ? 38  GLU A CB  1 
ATOM   94   C CG  . GLU A 1 58  ? 11.154  6.169   -10.823 1.00 41.96 ? 38  GLU A CG  1 
ATOM   95   C CD  . GLU A 1 58  ? 9.776   6.133   -10.152 1.00 48.61 ? 38  GLU A CD  1 
ATOM   96   O OE1 . GLU A 1 58  ? 8.814   5.625   -10.802 1.00 49.10 ? 38  GLU A OE1 1 
ATOM   97   O OE2 . GLU A 1 58  ? 9.667   6.624   -8.977  1.00 46.59 ? 38  GLU A OE2 1 
ATOM   98   N N   . ASP A 1 59  ? 13.659  2.977   -12.429 1.00 42.32 ? 39  ASP A N   1 
ATOM   99   C CA  . ASP A 1 59  ? 14.471  2.384   -13.486 1.00 44.21 ? 39  ASP A CA  1 
ATOM   100  C C   . ASP A 1 59  ? 15.006  0.995   -13.206 1.00 43.67 ? 39  ASP A C   1 
ATOM   101  O O   . ASP A 1 59  ? 15.167  0.217   -14.137 1.00 43.17 ? 39  ASP A O   1 
ATOM   102  C CB  . ASP A 1 59  ? 15.647  3.311   -13.815 1.00 45.83 ? 39  ASP A CB  1 
ATOM   103  C CG  . ASP A 1 59  ? 15.285  4.359   -14.842 1.00 49.96 ? 39  ASP A CG  1 
ATOM   104  O OD1 . ASP A 1 59  ? 14.082  4.745   -14.901 1.00 55.16 ? 39  ASP A OD1 1 
ATOM   105  O OD2 . ASP A 1 59  ? 16.201  4.813   -15.585 1.00 53.13 ? 39  ASP A OD2 1 
ATOM   106  N N   . ARG A 1 60  ? 15.320  0.684   -11.948 1.00 43.24 ? 40  ARG A N   1 
ATOM   107  C CA  . ARG A 1 60  ? 15.992  -0.590  -11.643 1.00 42.17 ? 40  ARG A CA  1 
ATOM   108  C C   . ARG A 1 60  ? 15.701  -1.115  -10.235 1.00 41.15 ? 40  ARG A C   1 
ATOM   109  O O   . ARG A 1 60  ? 15.193  -0.382  -9.406  1.00 40.23 ? 40  ARG A O   1 
ATOM   110  C CB  . ARG A 1 60  ? 17.516  -0.485  -11.937 1.00 43.24 ? 40  ARG A CB  1 
ATOM   111  C CG  . ARG A 1 60  ? 18.294  0.595   -11.219 1.00 44.01 ? 40  ARG A CG  1 
ATOM   112  C CD  . ARG A 1 60  ? 19.747  0.702   -11.829 1.00 49.98 ? 40  ARG A CD  1 
ATOM   113  N NE  . ARG A 1 60  ? 20.571  1.688   -11.107 1.00 50.77 ? 40  ARG A NE  1 
ATOM   114  C CZ  . ARG A 1 60  ? 20.672  2.981   -11.426 1.00 50.54 ? 40  ARG A CZ  1 
ATOM   115  N NH1 . ARG A 1 60  ? 20.052  3.477   -12.490 1.00 51.01 ? 40  ARG A NH1 1 
ATOM   116  N NH2 . ARG A 1 60  ? 21.427  3.783   -10.689 1.00 50.24 ? 40  ARG A NH2 1 
ATOM   117  N N   . PRO A 1 61  ? 15.988  -2.397  -9.976  1.00 40.61 ? 41  PRO A N   1 
ATOM   118  C CA  . PRO A 1 61  ? 15.746  -2.948  -8.634  1.00 40.87 ? 41  PRO A CA  1 
ATOM   119  C C   . PRO A 1 61  ? 16.746  -2.402  -7.583  1.00 40.60 ? 41  PRO A C   1 
ATOM   120  O O   . PRO A 1 61  ? 17.845  -1.898  -7.933  1.00 39.87 ? 41  PRO A O   1 
ATOM   121  C CB  . PRO A 1 61  ? 15.955  -4.467  -8.814  1.00 40.57 ? 41  PRO A CB  1 
ATOM   122  C CG  . PRO A 1 61  ? 15.950  -4.710  -10.289 1.00 41.59 ? 41  PRO A CG  1 
ATOM   123  C CD  . PRO A 1 61  ? 16.435  -3.433  -10.927 1.00 41.02 ? 41  PRO A CD  1 
ATOM   124  N N   . LEU A 1 62  ? 16.360  -2.515  -6.319  1.00 40.21 ? 42  LEU A N   1 
ATOM   125  C CA  . LEU A 1 62  ? 17.202  -2.064  -5.230  1.00 40.84 ? 42  LEU A CA  1 
ATOM   126  C C   . LEU A 1 62  ? 18.633  -2.718  -5.271  1.00 42.32 ? 42  LEU A C   1 
ATOM   127  O O   . LEU A 1 62  ? 19.655  -2.037  -4.992  1.00 42.47 ? 42  LEU A O   1 
ATOM   128  C CB  . LEU A 1 62  ? 16.518  -2.318  -3.900  1.00 40.29 ? 42  LEU A CB  1 
ATOM   129  C CG  . LEU A 1 62  ? 17.259  -1.653  -2.724  1.00 39.24 ? 42  LEU A CG  1 
ATOM   130  C CD1 . LEU A 1 62  ? 17.258  -0.095  -2.820  1.00 31.67 ? 42  LEU A CD1 1 
ATOM   131  C CD2 . LEU A 1 62  ? 16.686  -2.180  -1.424  1.00 38.77 ? 42  LEU A CD2 1 
ATOM   132  N N   . ALA A 1 63  ? 18.686  -4.001  -5.644  1.00 42.16 ? 43  ALA A N   1 
ATOM   133  C CA  . ALA A 1 63  ? 19.948  -4.717  -5.884  1.00 42.25 ? 43  ALA A CA  1 
ATOM   134  C C   . ALA A 1 63  ? 20.903  -4.058  -6.919  1.00 42.50 ? 43  ALA A C   1 
ATOM   135  O O   . ALA A 1 63  ? 22.131  -4.230  -6.801  1.00 42.04 ? 43  ALA A O   1 
ATOM   136  C CB  . ALA A 1 63  ? 19.670  -6.185  -6.259  1.00 42.63 ? 43  ALA A CB  1 
ATOM   137  N N   . ASP A 1 64  ? 20.354  -3.323  -7.901  1.00 41.66 ? 44  ASP A N   1 
ATOM   138  C CA  . ASP A 1 64  ? 21.150  -2.591  -8.886  1.00 41.46 ? 44  ASP A CA  1 
ATOM   139  C C   . ASP A 1 64  ? 21.411  -1.109  -8.535  1.00 41.02 ? 44  ASP A C   1 
ATOM   140  O O   . ASP A 1 64  ? 21.930  -0.343  -9.356  1.00 41.60 ? 44  ASP A O   1 
ATOM   141  C CB  . ASP A 1 64  ? 20.510  -2.626  -10.281 1.00 42.40 ? 44  ASP A CB  1 
ATOM   142  C CG  . ASP A 1 64  ? 20.269  -4.037  -10.827 1.00 44.17 ? 44  ASP A CG  1 
ATOM   143  O OD1 . ASP A 1 64  ? 20.502  -5.060  -10.136 1.00 46.22 ? 44  ASP A OD1 1 
ATOM   144  O OD2 . ASP A 1 64  ? 19.803  -4.097  -11.995 1.00 46.53 ? 44  ASP A OD2 1 
ATOM   145  N N   . ILE A 1 65  ? 20.995  -0.678  -7.349  1.00 40.31 ? 45  ILE A N   1 
ATOM   146  C CA  . ILE A 1 65  ? 21.313  0.666   -6.881  1.00 39.04 ? 45  ILE A CA  1 
ATOM   147  C C   . ILE A 1 65  ? 22.420  0.566   -5.807  1.00 39.49 ? 45  ILE A C   1 
ATOM   148  O O   . ILE A 1 65  ? 22.353  -0.249  -4.861  1.00 39.10 ? 45  ILE A O   1 
ATOM   149  C CB  . ILE A 1 65  ? 20.060  1.415   -6.332  1.00 37.98 ? 45  ILE A CB  1 
ATOM   150  C CG1 . ILE A 1 65  ? 18.954  1.479   -7.397  1.00 37.67 ? 45  ILE A CG1 1 
ATOM   151  C CG2 . ILE A 1 65  ? 20.414  2.839   -5.908  1.00 36.88 ? 45  ILE A CG2 1 
ATOM   152  C CD1 . ILE A 1 65  ? 17.568  1.804   -6.840  1.00 34.76 ? 45  ILE A CD1 1 
ATOM   153  N N   . SER A 1 66  ? 23.457  1.373   -5.976  1.00 40.38 ? 46  SER A N   1 
ATOM   154  C CA  . SER A 1 66  ? 24.534  1.393   -4.966  1.00 41.26 ? 46  SER A CA  1 
ATOM   155  C C   . SER A 1 66  ? 24.389  2.634   -4.093  1.00 40.25 ? 46  SER A C   1 
ATOM   156  O O   . SER A 1 66  ? 23.786  3.621   -4.494  1.00 40.79 ? 46  SER A O   1 
ATOM   157  C CB  . SER A 1 66  ? 25.916  1.352   -5.640  1.00 40.25 ? 46  SER A CB  1 
ATOM   158  O OG  . SER A 1 66  ? 26.019  2.447   -6.531  1.00 39.39 ? 46  SER A OG  1 
ATOM   159  N N   . VAL A 1 67  ? 24.969  2.576   -2.896  1.00 41.63 ? 47  VAL A N   1 
ATOM   160  C CA  . VAL A 1 67  ? 25.009  3.713   -1.972  1.00 40.20 ? 47  VAL A CA  1 
ATOM   161  C C   . VAL A 1 67  ? 25.634  4.922   -2.684  1.00 39.95 ? 47  VAL A C   1 
ATOM   162  O O   . VAL A 1 67  ? 25.210  6.080   -2.534  1.00 38.13 ? 47  VAL A O   1 
ATOM   163  C CB  . VAL A 1 67  ? 25.796  3.330   -0.721  1.00 40.67 ? 47  VAL A CB  1 
ATOM   164  C CG1 . VAL A 1 67  ? 25.951  4.526   0.203   1.00 40.46 ? 47  VAL A CG1 1 
ATOM   165  C CG2 . VAL A 1 67  ? 25.098  2.180   -0.003  1.00 38.88 ? 47  VAL A CG2 1 
ATOM   166  N N   . ASP A 1 68  ? 26.604  4.608   -3.537  1.00 40.80 ? 48  ASP A N   1 
ATOM   167  C CA  . ASP A 1 68  ? 27.332  5.590   -4.325  1.00 40.72 ? 48  ASP A CA  1 
ATOM   168  C C   . ASP A 1 68  ? 26.374  6.347   -5.225  1.00 39.54 ? 48  ASP A C   1 
ATOM   169  O O   . ASP A 1 68  ? 26.351  7.600   -5.236  1.00 38.61 ? 48  ASP A O   1 
ATOM   170  C CB  . ASP A 1 68  ? 28.386  4.850   -5.140  1.00 42.76 ? 48  ASP A CB  1 
ATOM   171  C CG  . ASP A 1 68  ? 29.500  5.748   -5.616  1.00 48.58 ? 48  ASP A CG  1 
ATOM   172  O OD1 . ASP A 1 68  ? 29.541  6.971   -5.246  1.00 51.42 ? 48  ASP A OD1 1 
ATOM   173  O OD2 . ASP A 1 68  ? 30.339  5.199   -6.393  1.00 54.89 ? 48  ASP A OD2 1 
ATOM   174  N N   . ASP A 1 69  ? 25.509  5.593   -5.922  1.00 38.94 ? 49  ASP A N   1 
ATOM   175  C CA  . ASP A 1 69  ? 24.450  6.195   -6.740  1.00 37.09 ? 49  ASP A CA  1 
ATOM   176  C C   . ASP A 1 69  ? 23.582  7.106   -5.892  1.00 34.60 ? 49  ASP A C   1 
ATOM   177  O O   . ASP A 1 69  ? 23.268  8.258   -6.273  1.00 34.54 ? 49  ASP A O   1 
ATOM   178  C CB  . ASP A 1 69  ? 23.538  5.106   -7.316  1.00 38.65 ? 49  ASP A CB  1 
ATOM   179  C CG  . ASP A 1 69  ? 24.227  4.231   -8.299  1.00 41.13 ? 49  ASP A CG  1 
ATOM   180  O OD1 . ASP A 1 69  ? 24.674  4.777   -9.320  1.00 42.98 ? 49  ASP A OD1 1 
ATOM   181  O OD2 . ASP A 1 69  ? 24.293  3.002   -8.044  1.00 46.14 ? 49  ASP A OD2 1 
ATOM   182  N N   . LEU A 1 70  ? 23.192  6.595   -4.734  1.00 31.65 ? 50  LEU A N   1 
ATOM   183  C CA  . LEU A 1 70  ? 22.330  7.387   -3.833  1.00 28.65 ? 50  LEU A CA  1 
ATOM   184  C C   . LEU A 1 70  ? 22.974  8.637   -3.324  1.00 28.61 ? 50  LEU A C   1 
ATOM   185  O O   . LEU A 1 70  ? 22.372  9.707   -3.332  1.00 26.85 ? 50  LEU A O   1 
ATOM   186  C CB  . LEU A 1 70  ? 21.820  6.547   -2.673  1.00 26.52 ? 50  LEU A CB  1 
ATOM   187  C CG  . LEU A 1 70  ? 20.918  5.401   -3.107  1.00 27.31 ? 50  LEU A CG  1 
ATOM   188  C CD1 . LEU A 1 70  ? 20.634  4.476   -1.934  1.00 26.36 ? 50  LEU A CD1 1 
ATOM   189  C CD2 . LEU A 1 70  ? 19.632  6.054   -3.792  1.00 26.00 ? 50  LEU A CD2 1 
ATOM   190  N N   . ALA A 1 71  ? 24.223  8.482   -2.852  1.00 30.12 ? 51  ALA A N   1 
ATOM   191  C CA  . ALA A 1 71  ? 25.056  9.592   -2.348  1.00 30.15 ? 51  ALA A CA  1 
ATOM   192  C C   . ALA A 1 71  ? 25.268  10.661  -3.427  1.00 30.28 ? 51  ALA A C   1 
ATOM   193  O O   . ALA A 1 71  ? 25.007  11.881  -3.273  1.00 30.12 ? 51  ALA A O   1 
ATOM   194  C CB  . ALA A 1 71  ? 26.418  8.988   -1.858  1.00 30.04 ? 51  ALA A CB  1 
ATOM   195  N N   . LYS A 1 72  ? 25.741  10.179  -4.553  1.00 33.25 ? 52  LYS A N   1 
ATOM   196  C CA  . LYS A 1 72  ? 25.905  11.004  -5.716  1.00 35.50 ? 52  LYS A CA  1 
ATOM   197  C C   . LYS A 1 72  ? 24.619  11.747  -6.090  1.00 35.31 ? 52  LYS A C   1 
ATOM   198  O O   . LYS A 1 72  ? 24.639  12.980  -6.186  1.00 35.09 ? 52  LYS A O   1 
ATOM   199  C CB  . LYS A 1 72  ? 26.417  10.133  -6.861  1.00 36.72 ? 52  LYS A CB  1 
ATOM   200  C CG  . LYS A 1 72  ? 26.757  10.893  -8.123  1.00 41.72 ? 52  LYS A CG  1 
ATOM   201  C CD  . LYS A 1 72  ? 27.482  9.943   -9.136  1.00 49.40 ? 52  LYS A CD  1 
ATOM   202  C CE  . LYS A 1 72  ? 28.491  9.001   -8.439  1.00 51.11 ? 52  LYS A CE  1 
ATOM   203  N NZ  . LYS A 1 72  ? 28.497  7.625   -9.047  1.00 51.82 ? 52  LYS A NZ  1 
ATOM   204  N N   . GLY A 1 73  ? 23.481  11.033  -6.251  1.00 34.90 ? 53  GLY A N   1 
ATOM   205  C CA  . GLY A 1 73  ? 22.230  11.754  -6.621  1.00 33.53 ? 53  GLY A CA  1 
ATOM   206  C C   . GLY A 1 73  ? 21.838  12.760  -5.559  1.00 32.07 ? 53  GLY A C   1 
ATOM   207  O O   . GLY A 1 73  ? 21.138  13.759  -5.816  1.00 31.66 ? 53  GLY A O   1 
ATOM   208  N N   . ALA A 1 74  ? 22.295  12.525  -4.330  1.00 31.36 ? 54  ALA A N   1 
ATOM   209  C CA  . ALA A 1 74  ? 21.935  13.440  -3.229  1.00 29.73 ? 54  ALA A CA  1 
ATOM   210  C C   . ALA A 1 74  ? 22.912  14.597  -3.058  1.00 29.14 ? 54  ALA A C   1 
ATOM   211  O O   . ALA A 1 74  ? 22.684  15.511  -2.265  1.00 29.66 ? 54  ALA A O   1 
ATOM   212  C CB  . ALA A 1 74  ? 21.755  12.644  -1.906  1.00 29.39 ? 54  ALA A CB  1 
ATOM   213  N N   . GLY A 1 75  ? 24.007  14.544  -3.807  1.00 29.92 ? 55  GLY A N   1 
ATOM   214  C CA  . GLY A 1 75  ? 25.063  15.616  -3.765  1.00 30.23 ? 55  GLY A CA  1 
ATOM   215  C C   . GLY A 1 75  ? 25.917  15.553  -2.483  1.00 29.13 ? 55  GLY A C   1 
ATOM   216  O O   . GLY A 1 75  ? 26.360  16.600  -1.936  1.00 29.11 ? 55  GLY A O   1 
ATOM   217  N N   . ILE A 1 76  ? 26.081  14.323  -1.978  1.00 29.23 ? 56  ILE A N   1 
ATOM   218  C CA  . ILE A 1 76  ? 26.846  14.068  -0.728  1.00 28.67 ? 56  ILE A CA  1 
ATOM   219  C C   . ILE A 1 76  ? 27.832  12.961  -0.984  1.00 28.74 ? 56  ILE A C   1 
ATOM   220  O O   . ILE A 1 76  ? 27.676  12.226  -1.991  1.00 27.63 ? 56  ILE A O   1 
ATOM   221  C CB  . ILE A 1 76  ? 25.928  13.701  0.523   1.00 27.36 ? 56  ILE A CB  1 
ATOM   222  C CG1 . ILE A 1 76  ? 25.156  12.395  0.246   1.00 26.81 ? 56  ILE A CG1 1 
ATOM   223  C CG2 . ILE A 1 76  ? 25.143  14.943  1.022   1.00 29.13 ? 56  ILE A CG2 1 
ATOM   224  C CD1 . ILE A 1 76  ? 24.322  11.779  1.404   1.00 23.41 ? 56  ILE A CD1 1 
ATOM   225  N N   . SER A 1 77  ? 28.805  12.774  -0.061  1.00 27.69 ? 57  SER A N   1 
ATOM   226  C CA  . SER A 1 77  ? 29.765  11.653  -0.189  1.00 26.20 ? 57  SER A CA  1 
ATOM   227  C C   . SER A 1 77  ? 29.158  10.386  0.341   1.00 25.98 ? 57  SER A C   1 
ATOM   228  O O   . SER A 1 77  ? 28.193  10.397  1.096   1.00 24.74 ? 57  SER A O   1 
ATOM   229  C CB  . SER A 1 77  ? 31.086  11.924  0.575   1.00 27.77 ? 57  SER A CB  1 
ATOM   230  O OG  . SER A 1 77  ? 30.889  11.909  2.012   1.00 26.28 ? 57  SER A OG  1 
ATOM   231  N N   . ARG A 1 78  ? 29.771  9.269   0.016   1.00 26.28 ? 58  ARG A N   1 
ATOM   232  C CA  . ARG A 1 78  ? 29.354  8.027   0.600   1.00 26.86 ? 58  ARG A CA  1 
ATOM   233  C C   . ARG A 1 78  ? 29.428  7.853   2.125   1.00 25.79 ? 58  ARG A C   1 
ATOM   234  O O   . ARG A 1 78  ? 28.435  7.370   2.742   1.00 22.89 ? 58  ARG A O   1 
ATOM   235  C CB  . ARG A 1 78  ? 29.968  6.877   -0.223  1.00 29.33 ? 58  ARG A CB  1 
ATOM   236  C CG  . ARG A 1 78  ? 29.737  5.520   0.313   1.00 34.87 ? 58  ARG A CG  1 
ATOM   237  C CD  . ARG A 1 78  ? 30.700  4.503   -0.411  1.00 43.81 ? 58  ARG A CD  1 
ATOM   238  N NE  . ARG A 1 78  ? 30.821  3.251   0.345   1.00 48.73 ? 58  ARG A NE  1 
ATOM   239  C CZ  . ARG A 1 78  ? 30.034  2.191   0.154   1.00 53.33 ? 58  ARG A CZ  1 
ATOM   240  N NH1 . ARG A 1 78  ? 29.078  2.242   -0.759  1.00 52.16 ? 58  ARG A NH1 1 
ATOM   241  N NH2 . ARG A 1 78  ? 30.196  1.078   0.877   1.00 56.28 ? 58  ARG A NH2 1 
ATOM   242  N N   . PRO A 1 79  ? 30.574  8.256   2.809   1.00 24.58 ? 59  PRO A N   1 
ATOM   243  C CA  . PRO A 1 79  ? 30.426  8.129   4.247   1.00 22.15 ? 59  PRO A CA  1 
ATOM   244  C C   . PRO A 1 79  ? 29.412  9.117   4.803   1.00 18.77 ? 59  PRO A C   1 
ATOM   245  O O   . PRO A 1 79  ? 28.828  8.874   5.858   1.00 20.59 ? 59  PRO A O   1 
ATOM   246  C CB  . PRO A 1 79  ? 31.875  8.419   4.811   1.00 23.28 ? 59  PRO A CB  1 
ATOM   247  C CG  . PRO A 1 79  ? 32.543  9.143   3.752   1.00 23.34 ? 59  PRO A CG  1 
ATOM   248  C CD  . PRO A 1 79  ? 31.957  8.643   2.435   1.00 25.86 ? 59  PRO A CD  1 
ATOM   249  N N   . THR A 1 80  ? 29.200  10.234  4.131   1.00 19.11 ? 60  THR A N   1 
ATOM   250  C CA  . THR A 1 80  ? 28.108  11.189  4.574   1.00 18.39 ? 60  THR A CA  1 
ATOM   251  C C   . THR A 1 80  ? 26.733  10.510  4.475   1.00 18.91 ? 60  THR A C   1 
ATOM   252  O O   . THR A 1 80  ? 25.914  10.693  5.373   1.00 20.63 ? 60  THR A O   1 
ATOM   253  C CB  . THR A 1 80  ? 28.162  12.529  3.870   1.00 17.81 ? 60  THR A CB  1 
ATOM   254  O OG1 . THR A 1 80  ? 29.349  13.233  4.287   1.00 17.47 ? 60  THR A OG1 1 
ATOM   255  C CG2 . THR A 1 80  ? 26.958  13.443  4.249   1.00 19.72 ? 60  THR A CG2 1 
ATOM   256  N N   . PHE A 1 81  ? 26.556  9.650   3.461   1.00 18.97 ? 61  PHE A N   1 
ATOM   257  C CA  . PHE A 1 81  ? 25.322  8.828   3.368   1.00 22.38 ? 61  PHE A CA  1 
ATOM   258  C C   . PHE A 1 81  ? 25.069  8.013   4.640   1.00 25.21 ? 61  PHE A C   1 
ATOM   259  O O   . PHE A 1 81  ? 23.966  8.054   5.236   1.00 24.10 ? 61  PHE A O   1 
ATOM   260  C CB  . PHE A 1 81  ? 25.408  7.816   2.222   1.00 23.38 ? 61  PHE A CB  1 
ATOM   261  C CG  . PHE A 1 81  ? 24.260  6.815   2.236   1.00 24.45 ? 61  PHE A CG  1 
ATOM   262  C CD1 . PHE A 1 81  ? 23.094  7.088   1.500   1.00 26.36 ? 61  PHE A CD1 1 
ATOM   263  C CD2 . PHE A 1 81  ? 24.290  5.673   3.061   1.00 27.92 ? 61  PHE A CD2 1 
ATOM   264  C CE1 . PHE A 1 81  ? 22.027  6.197   1.482   1.00 24.72 ? 61  PHE A CE1 1 
ATOM   265  C CE2 . PHE A 1 81  ? 23.186  4.745   3.084   1.00 29.90 ? 61  PHE A CE2 1 
ATOM   266  C CZ  . PHE A 1 81  ? 22.057  5.014   2.266   1.00 26.41 ? 61  PHE A CZ  1 
ATOM   267  N N   . TYR A 1 82  ? 26.119  7.281   5.053   1.00 26.45 ? 62  TYR A N   1 
ATOM   268  C CA  . TYR A 1 82  ? 26.060  6.385   6.188   1.00 27.57 ? 62  TYR A CA  1 
ATOM   269  C C   . TYR A 1 82  ? 25.706  7.105   7.464   1.00 28.55 ? 62  TYR A C   1 
ATOM   270  O O   . TYR A 1 82  ? 25.206  6.501   8.432   1.00 27.19 ? 62  TYR A O   1 
ATOM   271  C CB  . TYR A 1 82  ? 27.334  5.543   6.283   1.00 27.40 ? 62  TYR A CB  1 
ATOM   272  C CG  . TYR A 1 82  ? 27.417  4.499   5.177   1.00 31.02 ? 62  TYR A CG  1 
ATOM   273  C CD1 . TYR A 1 82  ? 26.587  3.349   5.221   1.00 30.77 ? 62  TYR A CD1 1 
ATOM   274  C CD2 . TYR A 1 82  ? 28.292  4.645   4.090   1.00 29.76 ? 62  TYR A CD2 1 
ATOM   275  C CE1 . TYR A 1 82  ? 26.658  2.361   4.234   1.00 31.73 ? 62  TYR A CE1 1 
ATOM   276  C CE2 . TYR A 1 82  ? 28.335  3.662   3.065   1.00 34.27 ? 62  TYR A CE2 1 
ATOM   277  C CZ  . TYR A 1 82  ? 27.505  2.521   3.166   1.00 35.54 ? 62  TYR A CZ  1 
ATOM   278  O OH  . TYR A 1 82  ? 27.539  1.528   2.203   1.00 39.05 ? 62  TYR A OH  1 
ATOM   279  N N   . PHE A 1 83  ? 25.924  8.415   7.470   1.00 28.59 ? 63  PHE A N   1 
ATOM   280  C CA  . PHE A 1 83  ? 25.451  9.199   8.586   1.00 29.42 ? 63  PHE A CA  1 
ATOM   281  C C   . PHE A 1 83  ? 23.908  9.247   8.688   1.00 30.54 ? 63  PHE A C   1 
ATOM   282  O O   . PHE A 1 83  ? 23.370  9.295   9.782   1.00 31.91 ? 63  PHE A O   1 
ATOM   283  C CB  . PHE A 1 83  ? 25.946  10.632  8.517   1.00 30.31 ? 63  PHE A CB  1 
ATOM   284  C CG  . PHE A 1 83  ? 25.553  11.439  9.721   1.00 30.04 ? 63  PHE A CG  1 
ATOM   285  C CD1 . PHE A 1 83  ? 26.194  11.211  10.970  1.00 30.51 ? 63  PHE A CD1 1 
ATOM   286  C CD2 . PHE A 1 83  ? 24.514  12.366  9.650   1.00 34.71 ? 63  PHE A CD2 1 
ATOM   287  C CE1 . PHE A 1 83  ? 25.802  11.914  12.120  1.00 32.38 ? 63  PHE A CE1 1 
ATOM   288  C CE2 . PHE A 1 83  ? 24.092  13.103  10.798  1.00 35.60 ? 63  PHE A CE2 1 
ATOM   289  C CZ  . PHE A 1 83  ? 24.748  12.884  12.044  1.00 33.88 ? 63  PHE A CZ  1 
ATOM   290  N N   . TYR A 1 84  ? 23.205  9.318   7.556   1.00 29.45 ? 64  TYR A N   1 
ATOM   291  C CA  . TYR A 1 84  ? 21.719  9.412   7.553   1.00 29.03 ? 64  TYR A CA  1 
ATOM   292  C C   . TYR A 1 84  ? 20.983  8.071   7.604   1.00 29.10 ? 64  TYR A C   1 
ATOM   293  O O   . TYR A 1 84  ? 19.847  8.031   8.094   1.00 28.93 ? 64  TYR A O   1 
ATOM   294  C CB  . TYR A 1 84  ? 21.270  10.200  6.303   1.00 28.68 ? 64  TYR A CB  1 
ATOM   295  C CG  . TYR A 1 84  ? 21.677  11.633  6.413   1.00 30.32 ? 64  TYR A CG  1 
ATOM   296  C CD1 . TYR A 1 84  ? 20.943  12.524  7.209   1.00 34.83 ? 64  TYR A CD1 1 
ATOM   297  C CD2 . TYR A 1 84  ? 22.851  12.102  5.799   1.00 27.61 ? 64  TYR A CD2 1 
ATOM   298  C CE1 . TYR A 1 84  ? 21.349  13.877  7.371   1.00 35.07 ? 64  TYR A CE1 1 
ATOM   299  C CE2 . TYR A 1 84  ? 23.242  13.434  5.940   1.00 31.54 ? 64  TYR A CE2 1 
ATOM   300  C CZ  . TYR A 1 84  ? 22.495  14.305  6.747   1.00 33.30 ? 64  TYR A CZ  1 
ATOM   301  O OH  . TYR A 1 84  ? 22.900  15.609  6.855   1.00 34.53 ? 64  TYR A OH  1 
ATOM   302  N N   . PHE A 1 85  ? 21.594  7.023   7.019   1.00 29.21 ? 65  PHE A N   1 
ATOM   303  C CA  . PHE A 1 85  ? 21.048  5.671   6.893   1.00 30.30 ? 65  PHE A CA  1 
ATOM   304  C C   . PHE A 1 85  ? 22.158  4.621   7.037   1.00 31.51 ? 65  PHE A C   1 
ATOM   305  O O   . PHE A 1 85  ? 23.262  4.824   6.534   1.00 32.38 ? 65  PHE A O   1 
ATOM   306  C CB  . PHE A 1 85  ? 20.365  5.457   5.498   1.00 28.81 ? 65  PHE A CB  1 
ATOM   307  C CG  . PHE A 1 85  ? 19.173  6.367   5.257   1.00 28.75 ? 65  PHE A CG  1 
ATOM   308  C CD1 . PHE A 1 85  ? 17.879  6.004   5.707   1.00 28.54 ? 65  PHE A CD1 1 
ATOM   309  C CD2 . PHE A 1 85  ? 19.339  7.581   4.596   1.00 24.79 ? 65  PHE A CD2 1 
ATOM   310  C CE1 . PHE A 1 85  ? 16.798  6.853   5.511   1.00 27.79 ? 65  PHE A CE1 1 
ATOM   311  C CE2 . PHE A 1 85  ? 18.246  8.467   4.376   1.00 25.08 ? 65  PHE A CE2 1 
ATOM   312  C CZ  . PHE A 1 85  ? 16.964  8.083   4.832   1.00 28.52 ? 65  PHE A CZ  1 
ATOM   313  N N   . PRO A 1 86  ? 21.857  3.474   7.686   1.00 33.04 ? 66  PRO A N   1 
ATOM   314  C CA  . PRO A 1 86  ? 22.856  2.372   7.766   1.00 33.55 ? 66  PRO A CA  1 
ATOM   315  C C   . PRO A 1 86  ? 23.037  1.591   6.483   1.00 34.42 ? 66  PRO A C   1 
ATOM   316  O O   . PRO A 1 86  ? 24.073  0.968   6.291   1.00 34.11 ? 66  PRO A O   1 
ATOM   317  C CB  . PRO A 1 86  ? 22.367  1.490   8.923   1.00 34.81 ? 66  PRO A CB  1 
ATOM   318  C CG  . PRO A 1 86  ? 20.934  1.952   9.247   1.00 34.30 ? 66  PRO A CG  1 
ATOM   319  C CD  . PRO A 1 86  ? 20.713  3.315   8.619   1.00 33.06 ? 66  PRO A CD  1 
ATOM   320  N N   . SER A 1 87  ? 22.056  1.669   5.559   1.00 33.25 ? 67  SER A N   1 
ATOM   321  C CA  . SER A 1 87  ? 22.059  0.857   4.339   1.00 31.80 ? 67  SER A CA  1 
ATOM   322  C C   . SER A 1 87  ? 21.048  1.388   3.286   1.00 30.53 ? 67  SER A C   1 
ATOM   323  O O   . SER A 1 87  ? 20.184  2.212   3.605   1.00 28.75 ? 67  SER A O   1 
ATOM   324  C CB  . SER A 1 87  ? 21.609  -0.553  4.694   1.00 33.28 ? 67  SER A CB  1 
ATOM   325  O OG  . SER A 1 87  ? 20.416  -0.467  5.497   1.00 33.39 ? 67  SER A OG  1 
ATOM   326  N N   . LYS A 1 88  ? 21.182  0.914   2.053   1.00 30.73 ? 68  LYS A N   1 
ATOM   327  C CA  . LYS A 1 88  ? 20.198  1.194   1.014   1.00 31.45 ? 68  LYS A CA  1 
ATOM   328  C C   . LYS A 1 88  ? 18.796  0.556   1.400   1.00 31.53 ? 68  LYS A C   1 
ATOM   329  O O   . LYS A 1 88  ? 17.733  1.182   1.163   1.00 30.55 ? 68  LYS A O   1 
ATOM   330  C CB  . LYS A 1 88  ? 20.739  0.794   -0.354  1.00 31.83 ? 68  LYS A CB  1 
ATOM   331  C CG  . LYS A 1 88  ? 20.691  -0.698  -0.631  1.00 36.58 ? 68  LYS A CG  1 
ATOM   332  C CD  . LYS A 1 88  ? 21.774  -1.109  -1.603  1.00 41.52 ? 68  LYS A CD  1 
ATOM   333  C CE  . LYS A 1 88  ? 21.557  -2.519  -2.130  1.00 43.11 ? 68  LYS A CE  1 
ATOM   334  N NZ  . LYS A 1 88  ? 22.003  -2.542  -3.558  1.00 45.89 ? 68  LYS A NZ  1 
ATOM   335  N N   . GLU A 1 89  ? 18.822  -0.591  2.092   1.00 30.94 ? 69  GLU A N   1 
ATOM   336  C CA  . GLU A 1 89  ? 17.595  -1.258  2.591   1.00 30.82 ? 69  GLU A CA  1 
ATOM   337  C C   . GLU A 1 89  ? 16.907  -0.354  3.600   1.00 29.81 ? 69  GLU A C   1 
ATOM   338  O O   . GLU A 1 89  ? 15.671  -0.335  3.704   1.00 28.15 ? 69  GLU A O   1 
ATOM   339  C CB  . GLU A 1 89  ? 17.895  -2.638  3.214   1.00 30.46 ? 69  GLU A CB  1 
ATOM   340  C CG  . GLU A 1 89  ? 18.419  -3.686  2.163   1.00 37.34 ? 69  GLU A CG  1 
ATOM   341  C CD  . GLU A 1 89  ? 19.933  -3.547  1.761   1.00 44.28 ? 69  GLU A CD  1 
ATOM   342  O OE1 . GLU A 1 89  ? 20.771  -2.972  2.509   1.00 44.91 ? 69  GLU A OE1 1 
ATOM   343  O OE2 . GLU A 1 89  ? 20.279  -4.008  0.651   1.00 47.41 ? 69  GLU A OE2 1 
ATOM   344  N N   . ALA A 1 90  ? 17.695  0.439   4.358   1.00 27.87 ? 70  ALA A N   1 
ATOM   345  C CA  . ALA A 1 90  ? 17.049  1.344   5.343   1.00 25.67 ? 70  ALA A CA  1 
ATOM   346  C C   . ALA A 1 90  ? 16.354  2.512   4.637   1.00 23.95 ? 70  ALA A C   1 
ATOM   347  O O   . ALA A 1 90  ? 15.357  3.042   5.115   1.00 23.96 ? 70  ALA A O   1 
ATOM   348  C CB  . ALA A 1 90  ? 18.081  1.872   6.382   1.00 26.18 ? 70  ALA A CB  1 
ATOM   349  N N   . VAL A 1 91  ? 16.912  2.917   3.511   1.00 22.70 ? 71  VAL A N   1 
ATOM   350  C CA  . VAL A 1 91  ? 16.299  3.959   2.676   1.00 21.86 ? 71  VAL A CA  1 
ATOM   351  C C   . VAL A 1 91  ? 14.890  3.482   2.195   1.00 21.31 ? 71  VAL A C   1 
ATOM   352  O O   . VAL A 1 91  ? 13.940  4.214   2.318   1.00 19.41 ? 71  VAL A O   1 
ATOM   353  C CB  . VAL A 1 91  ? 17.175  4.340   1.459   1.00 21.57 ? 71  VAL A CB  1 
ATOM   354  C CG1 . VAL A 1 91  ? 16.498  5.433   0.656   1.00 20.38 ? 71  VAL A CG1 1 
ATOM   355  C CG2 . VAL A 1 91  ? 18.574  4.892   1.961   1.00 21.18 ? 71  VAL A CG2 1 
ATOM   356  N N   . LEU A 1 92  ? 14.827  2.290   1.625   1.00 21.74 ? 72  LEU A N   1 
ATOM   357  C CA  . LEU A 1 92  ? 13.526  1.715   1.137   1.00 24.16 ? 72  LEU A CA  1 
ATOM   358  C C   . LEU A 1 92  ? 12.495  1.591   2.247   1.00 23.53 ? 72  LEU A C   1 
ATOM   359  O O   . LEU A 1 92  ? 11.315  1.958   2.103   1.00 24.51 ? 72  LEU A O   1 
ATOM   360  C CB  . LEU A 1 92  ? 13.817  0.334   0.552   1.00 23.85 ? 72  LEU A CB  1 
ATOM   361  C CG  . LEU A 1 92  ? 12.584  -0.441  0.084   1.00 25.23 ? 72  LEU A CG  1 
ATOM   362  C CD1 . LEU A 1 92  ? 11.864  0.388   -0.991  1.00 23.00 ? 72  LEU A CD1 1 
ATOM   363  C CD2 . LEU A 1 92  ? 13.037  -1.811  -0.472  1.00 26.85 ? 72  LEU A CD2 1 
ATOM   364  N N   . LEU A 1 93  ? 12.942  1.120   3.411   1.00 24.93 ? 73  LEU A N   1 
ATOM   365  C CA  . LEU A 1 93  ? 12.090  1.071   4.599   1.00 22.40 ? 73  LEU A CA  1 
ATOM   366  C C   . LEU A 1 93  ? 11.477  2.407   4.875   1.00 23.69 ? 73  LEU A C   1 
ATOM   367  O O   . LEU A 1 93  ? 10.270  2.476   5.176   1.00 22.16 ? 73  LEU A O   1 
ATOM   368  C CB  . LEU A 1 93  ? 12.816  0.497   5.847   1.00 22.31 ? 73  LEU A CB  1 
ATOM   369  C CG  . LEU A 1 93  ? 11.959  0.460   7.130   1.00 25.56 ? 73  LEU A CG  1 
ATOM   370  C CD1 . LEU A 1 93  ? 10.741  -0.600  7.010   1.00 19.07 ? 73  LEU A CD1 1 
ATOM   371  C CD2 . LEU A 1 93  ? 12.891  0.111   8.390   1.00 23.23 ? 73  LEU A CD2 1 
ATOM   372  N N   . THR A 1 94  ? 12.273  3.497   4.795   1.00 22.19 ? 74  THR A N   1 
ATOM   373  C CA  . THR A 1 94  ? 11.754  4.809   5.122   1.00 20.90 ? 74  THR A CA  1 
ATOM   374  C C   . THR A 1 94  ? 10.818  5.262   4.021   1.00 20.29 ? 74  THR A C   1 
ATOM   375  O O   . THR A 1 94  ? 9.821   5.920   4.295   1.00 19.39 ? 74  THR A O   1 
ATOM   376  C CB  . THR A 1 94  ? 12.926  5.930   5.328   1.00 22.16 ? 74  THR A CB  1 
ATOM   377  O OG1 . THR A 1 94  ? 13.683  5.602   6.504   1.00 23.37 ? 74  THR A OG1 1 
ATOM   378  C CG2 . THR A 1 94  ? 12.376  7.306   5.519   1.00 21.54 ? 74  THR A CG2 1 
ATOM   379  N N   . LEU A 1 95  ? 11.181  4.972   2.776   1.00 19.32 ? 75  LEU A N   1 
ATOM   380  C CA  . LEU A 1 95  ? 10.298  5.364   1.658   1.00 20.44 ? 75  LEU A CA  1 
ATOM   381  C C   . LEU A 1 95  ? 8.942   4.641   1.851   1.00 19.20 ? 75  LEU A C   1 
ATOM   382  O O   . LEU A 1 95  ? 7.914   5.247   1.715   1.00 16.68 ? 75  LEU A O   1 
ATOM   383  C CB  . LEU A 1 95  ? 10.907  4.989   0.308   1.00 19.21 ? 75  LEU A CB  1 
ATOM   384  C CG  . LEU A 1 95  ? 12.036  5.889   -0.222  1.00 21.53 ? 75  LEU A CG  1 
ATOM   385  C CD1 . LEU A 1 95  ? 12.744  5.178   -1.430  1.00 24.00 ? 75  LEU A CD1 1 
ATOM   386  C CD2 . LEU A 1 95  ? 11.508  7.208   -0.647  1.00 20.83 ? 75  LEU A CD2 1 
ATOM   387  N N   . LEU A 1 96  ? 8.991   3.352   2.185   1.00 18.94 ? 76  LEU A N   1 
ATOM   388  C CA  . LEU A 1 96  ? 7.764   2.582   2.286   1.00 20.21 ? 76  LEU A CA  1 
ATOM   389  C C   . LEU A 1 96  ? 6.928   3.104   3.451   1.00 19.73 ? 76  LEU A C   1 
ATOM   390  O O   . LEU A 1 96  ? 5.736   3.319   3.334   1.00 19.57 ? 76  LEU A O   1 
ATOM   391  C CB  . LEU A 1 96  ? 8.080   1.124   2.424   1.00 19.17 ? 76  LEU A CB  1 
ATOM   392  C CG  . LEU A 1 96  ? 6.804   0.273   2.514   1.00 23.29 ? 76  LEU A CG  1 
ATOM   393  C CD1 . LEU A 1 96  ? 5.938   0.434   1.190   1.00 22.08 ? 76  LEU A CD1 1 
ATOM   394  C CD2 . LEU A 1 96  ? 7.233   -1.212  2.762   1.00 20.39 ? 76  LEU A CD2 1 
ATOM   395  N N   . ASP A 1 97  ? 7.611   3.411   4.545   1.00 21.16 ? 77  ASP A N   1 
ATOM   396  C CA  . ASP A 1 97  ? 6.958   3.971   5.722   1.00 22.13 ? 77  ASP A CA  1 
ATOM   397  C C   . ASP A 1 97  ? 6.204   5.270   5.418   1.00 20.87 ? 77  ASP A C   1 
ATOM   398  O O   . ASP A 1 97  ? 5.083   5.525   5.914   1.00 19.95 ? 77  ASP A O   1 
ATOM   399  C CB  . ASP A 1 97  ? 8.033   4.195   6.811   1.00 22.26 ? 77  ASP A CB  1 
ATOM   400  C CG  . ASP A 1 97  ? 7.429   4.660   8.089   1.00 27.47 ? 77  ASP A CG  1 
ATOM   401  O OD1 . ASP A 1 97  ? 6.939   3.828   8.831   1.00 30.20 ? 77  ASP A OD1 1 
ATOM   402  O OD2 . ASP A 1 97  ? 7.321   5.870   8.302   1.00 34.25 ? 77  ASP A OD2 1 
ATOM   403  N N   . ARG A 1 98  ? 6.821   6.127   4.600   1.00 19.67 ? 78  ARG A N   1 
ATOM   404  C CA  . ARG A 1 98  ? 6.164   7.381   4.266   1.00 19.74 ? 78  ARG A CA  1 
ATOM   405  C C   . ARG A 1 98  ? 4.936   7.156   3.389   1.00 18.37 ? 78  ARG A C   1 
ATOM   406  O O   . ARG A 1 98  ? 3.939   7.796   3.595   1.00 18.03 ? 78  ARG A O   1 
ATOM   407  C CB  . ARG A 1 98  ? 7.133   8.342   3.555   1.00 22.06 ? 78  ARG A CB  1 
ATOM   408  C CG  . ARG A 1 98  ? 8.290   8.848   4.492   1.00 23.93 ? 78  ARG A CG  1 
ATOM   409  C CD  . ARG A 1 98  ? 9.489   9.382   3.611   1.00 28.33 ? 78  ARG A CD  1 
ATOM   410  N NE  . ARG A 1 98  ? 9.077   10.426  2.652   1.00 34.35 ? 78  ARG A NE  1 
ATOM   411  C CZ  . ARG A 1 98  ? 8.981   11.730  2.950   1.00 37.47 ? 78  ARG A CZ  1 
ATOM   412  N NH1 . ARG A 1 98  ? 9.274   12.173  4.185   1.00 34.18 ? 78  ARG A NH1 1 
ATOM   413  N NH2 . ARG A 1 98  ? 8.625   12.601  2.011   1.00 36.34 ? 78  ARG A NH2 1 
ATOM   414  N N   . VAL A 1 99  ? 5.045   6.262   2.407   1.00 18.12 ? 79  VAL A N   1 
ATOM   415  C CA  . VAL A 1 99  ? 3.864   5.965   1.521   1.00 18.03 ? 79  VAL A CA  1 
ATOM   416  C C   . VAL A 1 99  ? 2.699   5.346   2.333   1.00 17.57 ? 79  VAL A C   1 
ATOM   417  O O   . VAL A 1 99  ? 1.502   5.712   2.188   1.00 17.31 ? 79  VAL A O   1 
ATOM   418  C CB  . VAL A 1 99  ? 4.302   5.058   0.376   1.00 18.22 ? 79  VAL A CB  1 
ATOM   419  C CG1 . VAL A 1 99  ? 3.082   4.600   -0.543  1.00 19.85 ? 79  VAL A CG1 1 
ATOM   420  C CG2 . VAL A 1 99  ? 5.357   5.792   -0.557  1.00 14.59 ? 79  VAL A CG2 1 
ATOM   421  N N   . VAL A 1 100 ? 3.025   4.365   3.168   1.00 18.34 ? 80  VAL A N   1 
ATOM   422  C CA  . VAL A 1 100 ? 1.916   3.732   3.872   1.00 19.19 ? 80  VAL A CA  1 
ATOM   423  C C   . VAL A 1 100 ? 1.247   4.689   4.836   1.00 18.37 ? 80  VAL A C   1 
ATOM   424  O O   . VAL A 1 100 ? 0.062   4.691   4.975   1.00 15.75 ? 80  VAL A O   1 
ATOM   425  C CB  . VAL A 1 100 ? 2.257   2.399   4.578   1.00 20.65 ? 80  VAL A CB  1 
ATOM   426  C CG1 . VAL A 1 100 ? 3.038   1.347   3.672   1.00 18.76 ? 80  VAL A CG1 1 
ATOM   427  C CG2 . VAL A 1 100 ? 2.843   2.590   5.917   1.00 24.76 ? 80  VAL A CG2 1 
ATOM   428  N N   . ASN A 1 101 ? 2.046   5.465   5.601   1.00 18.61 ? 81  ASN A N   1 
ATOM   429  C CA  . ASN A 1 101 ? 1.483   6.519   6.415   1.00 18.10 ? 81  ASN A CA  1 
ATOM   430  C C   . ASN A 1 101 ? 0.658   7.539   5.654   1.00 18.22 ? 81  ASN A C   1 
ATOM   431  O O   . ASN A 1 101 ? -0.345  8.003   6.170   1.00 19.43 ? 81  ASN A O   1 
ATOM   432  C CB  . ASN A 1 101 ? 2.583   7.200   7.236   1.00 19.47 ? 81  ASN A CB  1 
ATOM   433  C CG  . ASN A 1 101 ? 2.885   6.406   8.517   1.00 20.10 ? 81  ASN A CG  1 
ATOM   434  O OD1 . ASN A 1 101 ? 2.062   6.372   9.423   1.00 23.16 ? 81  ASN A OD1 1 
ATOM   435  N ND2 . ASN A 1 101 ? 3.968   5.666   8.508   1.00 24.71 ? 81  ASN A ND2 1 
ATOM   436  N N   . GLN A 1 102 ? 1.064   7.907   4.452   1.00 18.55 ? 82  GLN A N   1 
ATOM   437  C CA  . GLN A 1 102 ? 0.260   8.839   3.642   1.00 18.18 ? 82  GLN A CA  1 
ATOM   438  C C   . GLN A 1 102 ? -1.087  8.218   3.256   1.00 15.99 ? 82  GLN A C   1 
ATOM   439  O O   . GLN A 1 102 ? -2.129  8.852   3.393   1.00 17.13 ? 82  GLN A O   1 
ATOM   440  C CB  . GLN A 1 102 ? 1.078   9.301   2.381   1.00 20.69 ? 82  GLN A CB  1 
ATOM   441  C CG  . GLN A 1 102 ? 0.277   10.099  1.341   1.00 24.21 ? 82  GLN A CG  1 
ATOM   442  C CD  . GLN A 1 102 ? 1.057   10.205  0.019   1.00 35.51 ? 82  GLN A CD  1 
ATOM   443  O OE1 . GLN A 1 102 ? 2.276   9.956   -0.043  1.00 39.39 ? 82  GLN A OE1 1 
ATOM   444  N NE2 . GLN A 1 102 ? 0.356   10.550  -1.041  1.00 34.12 ? 82  GLN A NE2 1 
ATOM   445  N N   . ALA A 1 103 ? -1.101  6.934   2.858   1.00 14.86 ? 83  ALA A N   1 
ATOM   446  C CA  . ALA A 1 103 ? -2.356  6.229   2.629   1.00 14.11 ? 83  ALA A CA  1 
ATOM   447  C C   . ALA A 1 103 ? -3.162  6.212   3.956   1.00 13.08 ? 83  ALA A C   1 
ATOM   448  O O   . ALA A 1 103 ? -4.353  6.445   3.975   1.00 13.81 ? 83  ALA A O   1 
ATOM   449  C CB  . ALA A 1 103 ? -2.027  4.715   2.167   1.00 14.46 ? 83  ALA A CB  1 
ATOM   450  N N   . ASP A 1 104 ? -2.508  5.826   5.049   1.00 14.22 ? 84  ASP A N   1 
ATOM   451  C CA  . ASP A 1 104 ? -3.226  5.707   6.291   1.00 16.31 ? 84  ASP A CA  1 
ATOM   452  C C   . ASP A 1 104 ? -3.842  7.063   6.702   1.00 17.58 ? 84  ASP A C   1 
ATOM   453  O O   . ASP A 1 104 ? -5.019  7.116   7.124   1.00 17.08 ? 84  ASP A O   1 
ATOM   454  C CB  . ASP A 1 104 ? -2.343  5.179   7.393   1.00 16.54 ? 84  ASP A CB  1 
ATOM   455  C CG  . ASP A 1 104 ? -3.156  4.849   8.649   1.00 21.12 ? 84  ASP A CG  1 
ATOM   456  O OD1 . ASP A 1 104 ? -4.054  3.974   8.551   1.00 16.74 ? 84  ASP A OD1 1 
ATOM   457  O OD2 . ASP A 1 104 ? -2.897  5.466   9.732   1.00 19.11 ? 84  ASP A OD2 1 
ATOM   458  N N   . MET A 1 105 ? -3.060  8.148   6.595   1.00 18.56 ? 85  MET A N   1 
ATOM   459  C CA  . MET A 1 105 ? -3.630  9.507   6.888   1.00 22.14 ? 85  MET A CA  1 
ATOM   460  C C   . MET A 1 105 ? -4.782  9.908   5.994   1.00 20.92 ? 85  MET A C   1 
ATOM   461  O O   . MET A 1 105 ? -5.771  10.489  6.463   1.00 22.35 ? 85  MET A O   1 
ATOM   462  C CB  . MET A 1 105 ? -2.526  10.574  6.846   1.00 22.23 ? 85  MET A CB  1 
ATOM   463  C CG  . MET A 1 105 ? -1.475  10.289  7.910   1.00 29.06 ? 85  MET A CG  1 
ATOM   464  S SD  . MET A 1 105 ? -0.145  11.544  7.949   1.00 46.11 ? 85  MET A SD  1 
ATOM   465  C CE  . MET A 1 105 ? 1.159   10.889  6.837   1.00 41.88 ? 85  MET A CE  1 
ATOM   466  N N   . ALA A 1 106 ? -4.689  9.573   4.704   1.00 19.40 ? 86  ALA A N   1 
ATOM   467  C CA  . ALA A 1 106 ? -5.811  9.862   3.782   1.00 19.99 ? 86  ALA A CA  1 
ATOM   468  C C   . ALA A 1 106 ? -7.042  9.083   4.184   1.00 20.58 ? 86  ALA A C   1 
ATOM   469  O O   . ALA A 1 106 ? -8.154  9.580   4.077   1.00 21.03 ? 86  ALA A O   1 
ATOM   470  C CB  . ALA A 1 106 ? -5.434  9.541   2.330   1.00 19.51 ? 86  ALA A CB  1 
ATOM   471  N N   . LEU A 1 107 ? -6.865  7.845   4.649   1.00 19.73 ? 87  LEU A N   1 
ATOM   472  C CA  . LEU A 1 107 ? -8.045  7.063   5.062   1.00 19.86 ? 87  LEU A CA  1 
ATOM   473  C C   . LEU A 1 107 ? -8.610  7.645   6.379   1.00 21.85 ? 87  LEU A C   1 
ATOM   474  O O   . LEU A 1 107 ? -9.805  7.679   6.547   1.00 21.03 ? 87  LEU A O   1 
ATOM   475  C CB  . LEU A 1 107 ? -7.665  5.568   5.266   1.00 17.83 ? 87  LEU A CB  1 
ATOM   476  C CG  . LEU A 1 107 ? -8.803  4.679   5.715   1.00 16.38 ? 87  LEU A CG  1 
ATOM   477  C CD1 . LEU A 1 107 ? -9.855  4.538   4.551   1.00 20.13 ? 87  LEU A CD1 1 
ATOM   478  C CD2 . LEU A 1 107 ? -8.256  3.289   6.224   1.00 18.77 ? 87  LEU A CD2 1 
ATOM   479  N N   . GLN A 1 108 ? -7.738  8.077   7.301   1.00 23.21 ? 88  GLN A N   1 
ATOM   480  C CA  . GLN A 1 108 ? -8.242  8.784   8.535   1.00 26.62 ? 88  GLN A CA  1 
ATOM   481  C C   . GLN A 1 108 ? -9.125  9.988   8.201   1.00 27.39 ? 88  GLN A C   1 
ATOM   482  O O   . GLN A 1 108 ? -10.142 10.180  8.845   1.00 27.65 ? 88  GLN A O   1 
ATOM   483  C CB  . GLN A 1 108 ? -7.082  9.236   9.437   1.00 27.78 ? 88  GLN A CB  1 
ATOM   484  C CG  . GLN A 1 108 ? -6.369  8.083   10.077  1.00 33.07 ? 88  GLN A CG  1 
ATOM   485  C CD  . GLN A 1 108 ? -5.220  8.513   10.982  1.00 40.62 ? 88  GLN A CD  1 
ATOM   486  O OE1 . GLN A 1 108 ? -4.070  8.045   10.827  1.00 43.57 ? 88  GLN A OE1 1 
ATOM   487  N NE2 . GLN A 1 108 ? -5.517  9.397   11.930  1.00 34.69 ? 88  GLN A NE2 1 
ATOM   488  N N   . THR A 1 109 ? -8.736  10.774  7.189   1.00 29.29 ? 89  THR A N   1 
ATOM   489  C CA  . THR A 1 109 ? -9.468  11.940  6.728   1.00 31.94 ? 89  THR A CA  1 
ATOM   490  C C   . THR A 1 109 ? -10.892 11.587  6.266   1.00 34.46 ? 89  THR A C   1 
ATOM   491  O O   . THR A 1 109 ? -11.863 12.310  6.545   1.00 32.78 ? 89  THR A O   1 
ATOM   492  C CB  . THR A 1 109 ? -8.660  12.671  5.586   1.00 32.83 ? 89  THR A CB  1 
ATOM   493  O OG1 . THR A 1 109 ? -7.396  13.068  6.112   1.00 31.22 ? 89  THR A OG1 1 
ATOM   494  C CG2 . THR A 1 109 ? -9.392  13.932  5.038   1.00 32.84 ? 89  THR A CG2 1 
ATOM   495  N N   . LEU A 1 110 ? -11.025 10.450  5.580   1.00 36.69 ? 90  LEU A N   1 
ATOM   496  C CA  . LEU A 1 110 ? -12.324 9.910   5.219   1.00 39.11 ? 90  LEU A CA  1 
ATOM   497  C C   . LEU A 1 110 ? -13.105 9.435   6.424   1.00 41.34 ? 90  LEU A C   1 
ATOM   498  O O   . LEU A 1 110 ? -14.304 9.646   6.512   1.00 42.54 ? 90  LEU A O   1 
ATOM   499  C CB  . LEU A 1 110 ? -12.141 8.734   4.261   1.00 38.57 ? 90  LEU A CB  1 
ATOM   500  C CG  . LEU A 1 110 ? -11.887 9.048   2.811   1.00 38.24 ? 90  LEU A CG  1 
ATOM   501  C CD1 . LEU A 1 110 ? -11.927 7.671   2.085   1.00 35.34 ? 90  LEU A CD1 1 
ATOM   502  C CD2 . LEU A 1 110 ? -12.978 9.976   2.276   1.00 37.10 ? 90  LEU A CD2 1 
ATOM   503  N N   . ALA A 1 111 ? -12.429 8.756   7.349   1.00 43.84 ? 91  ALA A N   1 
ATOM   504  C CA  . ALA A 1 111 ? -13.106 8.235   8.518   1.00 46.12 ? 91  ALA A CA  1 
ATOM   505  C C   . ALA A 1 111 ? -13.754 9.420   9.267   1.00 47.61 ? 91  ALA A C   1 
ATOM   506  O O   . ALA A 1 111 ? -14.878 9.301   9.764   1.00 47.94 ? 91  ALA A O   1 
ATOM   507  C CB  . ALA A 1 111 ? -12.136 7.446   9.416   1.00 46.17 ? 91  ALA A CB  1 
ATOM   508  N N   . GLU A 1 112 ? -13.036 10.550  9.304   1.00 48.55 ? 92  GLU A N   1 
ATOM   509  C CA  . GLU A 1 112 ? -13.530 11.828  9.835   1.00 49.72 ? 92  GLU A CA  1 
ATOM   510  C C   . GLU A 1 112 ? -14.189 12.608  8.684   1.00 49.73 ? 92  GLU A C   1 
ATOM   511  O O   . GLU A 1 112 ? -15.356 12.976  8.756   1.00 50.30 ? 92  GLU A O   1 
ATOM   512  C CB  . GLU A 1 112 ? -12.352 12.622  10.420  1.00 50.07 ? 92  GLU A CB  1 
ATOM   513  C CG  . GLU A 1 112 ? -11.352 11.737  11.177  1.00 51.74 ? 92  GLU A CG  1 
ATOM   514  C CD  . GLU A 1 112 ? -10.027 12.425  11.522  1.00 55.77 ? 92  GLU A CD  1 
ATOM   515  O OE1 . GLU A 1 112 ? -9.706  13.479  10.921  1.00 55.80 ? 92  GLU A OE1 1 
ATOM   516  O OE2 . GLU A 1 112 ? -9.298  11.888  12.406  1.00 56.60 ? 92  GLU A OE2 1 
ATOM   517  N N   . ASP A 1 118 ? -24.001 7.402   -0.414  1.00 30.36 ? 98  ASP A N   1 
ATOM   518  C CA  . ASP A 1 118 ? -24.244 6.263   -1.339  1.00 30.16 ? 98  ASP A CA  1 
ATOM   519  C C   . ASP A 1 118 ? -23.253 5.124   -0.989  1.00 28.39 ? 98  ASP A C   1 
ATOM   520  O O   . ASP A 1 118 ? -22.058 5.367   -1.004  1.00 27.13 ? 98  ASP A O   1 
ATOM   521  C CB  . ASP A 1 118 ? -24.008 6.765   -2.757  1.00 32.30 ? 98  ASP A CB  1 
ATOM   522  C CG  . ASP A 1 118 ? -24.100 5.647   -3.816  1.00 35.19 ? 98  ASP A CG  1 
ATOM   523  O OD1 . ASP A 1 118 ? -23.167 4.871   -3.989  1.00 32.90 ? 98  ASP A OD1 1 
ATOM   524  O OD2 . ASP A 1 118 ? -25.126 5.563   -4.494  1.00 44.16 ? 98  ASP A OD2 1 
ATOM   525  N N   . ARG A 1 119 ? -23.723 3.915   -0.659  1.00 26.72 ? 99  ARG A N   1 
ATOM   526  C CA  . ARG A 1 119 ? -22.785 2.850   -0.104  1.00 26.09 ? 99  ARG A CA  1 
ATOM   527  C C   . ARG A 1 119 ? -21.698 2.490   -1.113  1.00 24.04 ? 99  ARG A C   1 
ATOM   528  O O   . ARG A 1 119 ? -20.549 2.385   -0.746  1.00 25.86 ? 99  ARG A O   1 
ATOM   529  C CB  . ARG A 1 119 ? -23.527 1.575   0.380   1.00 26.57 ? 99  ARG A CB  1 
ATOM   530  C CG  . ARG A 1 119 ? -24.072 0.733   -0.743  1.00 29.63 ? 99  ARG A CG  1 
ATOM   531  C CD  . ARG A 1 119 ? -25.348 -0.122  -0.325  1.00 35.94 ? 99  ARG A CD  1 
ATOM   532  N NE  . ARG A 1 119 ? -25.658 -1.074  -1.397  1.00 36.52 ? 99  ARG A NE  1 
ATOM   533  C CZ  . ARG A 1 119 ? -26.608 -2.015  -1.344  1.00 38.05 ? 99  ARG A CZ  1 
ATOM   534  N NH1 . ARG A 1 119 ? -27.353 -2.147  -0.256  1.00 31.92 ? 99  ARG A NH1 1 
ATOM   535  N NH2 . ARG A 1 119 ? -26.800 -2.841  -2.388  1.00 40.71 ? 99  ARG A NH2 1 
ATOM   536  N N   . GLU A 1 120 ? -22.046 2.345   -2.384  1.00 21.60 ? 100 GLU A N   1 
ATOM   537  C CA  . GLU A 1 120 ? -21.050 1.945   -3.351  1.00 21.71 ? 100 GLU A CA  1 
ATOM   538  C C   . GLU A 1 120 ? -19.952 3.032   -3.474  1.00 21.82 ? 100 GLU A C   1 
ATOM   539  O O   . GLU A 1 120 ? -18.737 2.755   -3.437  1.00 17.78 ? 100 GLU A O   1 
ATOM   540  C CB  . GLU A 1 120 ? -21.681 1.656   -4.679  1.00 20.85 ? 100 GLU A CB  1 
ATOM   541  C CG  . GLU A 1 120 ? -20.634 1.478   -5.704  1.00 26.39 ? 100 GLU A CG  1 
ATOM   542  C CD  . GLU A 1 120 ? -21.178 1.044   -7.013  1.00 33.15 ? 100 GLU A CD  1 
ATOM   543  O OE1 . GLU A 1 120 ? -22.292 0.492   -7.057  1.00 35.55 ? 100 GLU A OE1 1 
ATOM   544  O OE2 . GLU A 1 120 ? -20.456 1.247   -7.991  1.00 36.13 ? 100 GLU A OE2 1 
ATOM   545  N N   . ASN A 1 121 ? -20.392 4.292   -3.445  1.00 19.66 ? 101 ASN A N   1 
ATOM   546  C CA  . ASN A 1 121 ? -19.438 5.372   -3.557  1.00 20.01 ? 101 ASN A CA  1 
ATOM   547  C C   . ASN A 1 121 ? -18.578 5.549   -2.311  1.00 19.12 ? 101 ASN A C   1 
ATOM   548  O O   . ASN A 1 121 ? -17.390 5.979   -2.400  1.00 19.95 ? 101 ASN A O   1 
ATOM   549  C CB  . ASN A 1 121 ? -20.169 6.698   -3.918  1.00 21.63 ? 101 ASN A CB  1 
ATOM   550  C CG  . ASN A 1 121 ? -19.243 7.676   -4.522  1.00 26.04 ? 101 ASN A CG  1 
ATOM   551  O OD1 . ASN A 1 121 ? -18.774 7.464   -5.645  1.00 30.21 ? 101 ASN A OD1 1 
ATOM   552  N ND2 . ASN A 1 121 ? -18.916 8.734   -3.782  1.00 27.00 ? 101 ASN A ND2 1 
ATOM   553  N N   . MET A 1 122 ? -19.141 5.242   -1.148  1.00 17.82 ? 102 MET A N   1 
ATOM   554  C CA  . MET A 1 122 ? -18.396 5.235   0.098   1.00 18.04 ? 102 MET A CA  1 
ATOM   555  C C   . MET A 1 122 ? -17.203 4.268   -0.014  1.00 17.59 ? 102 MET A C   1 
ATOM   556  O O   . MET A 1 122 ? -16.078 4.642   0.257   1.00 15.50 ? 102 MET A O   1 
ATOM   557  C CB  . MET A 1 122 ? -19.281 4.803   1.303   1.00 18.00 ? 102 MET A CB  1 
ATOM   558  C CG  . MET A 1 122 ? -18.471 4.937   2.637   1.00 21.11 ? 102 MET A CG  1 
ATOM   559  S SD  . MET A 1 122 ? -19.396 4.271   4.069   1.00 30.73 ? 102 MET A SD  1 
ATOM   560  C CE  . MET A 1 122 ? -19.335 2.492   3.755   1.00 28.81 ? 102 MET A CE  1 
ATOM   561  N N   . TRP A 1 123 ? -17.468 3.027   -0.424  1.00 15.81 ? 103 TRP A N   1 
ATOM   562  C CA  . TRP A 1 123 ? -16.358 2.067   -0.537  1.00 14.09 ? 103 TRP A CA  1 
ATOM   563  C C   . TRP A 1 123 ? -15.365 2.441   -1.667  1.00 13.81 ? 103 TRP A C   1 
ATOM   564  O O   . TRP A 1 123 ? -14.155 2.294   -1.507  1.00 14.65 ? 103 TRP A O   1 
ATOM   565  C CB  . TRP A 1 123 ? -16.887 0.640   -0.726  1.00 12.91 ? 103 TRP A CB  1 
ATOM   566  C CG  . TRP A 1 123 ? -17.612 0.162   0.557   1.00 15.47 ? 103 TRP A CG  1 
ATOM   567  C CD1 . TRP A 1 123 ? -18.979 -0.051  0.720   1.00 11.20 ? 103 TRP A CD1 1 
ATOM   568  C CD2 . TRP A 1 123 ? -16.986 -0.203  1.793   1.00 13.33 ? 103 TRP A CD2 1 
ATOM   569  N NE1 . TRP A 1 123 ? -19.220 -0.514  2.008   1.00 13.46 ? 103 TRP A NE1 1 
ATOM   570  C CE2 . TRP A 1 123 ? -18.039 -0.597  2.693   1.00 16.80 ? 103 TRP A CE2 1 
ATOM   571  C CE3 . TRP A 1 123 ? -15.657 -0.152  2.264   1.00 11.89 ? 103 TRP A CE3 1 
ATOM   572  C CZ2 . TRP A 1 123 ? -17.788 -1.013  4.007   1.00 16.07 ? 103 TRP A CZ2 1 
ATOM   573  C CZ3 . TRP A 1 123 ? -15.399 -0.574  3.603   1.00 13.71 ? 103 TRP A CZ3 1 
ATOM   574  C CH2 . TRP A 1 123 ? -16.467 -1.020  4.432   1.00 16.81 ? 103 TRP A CH2 1 
ATOM   575  N N   . ARG A 1 124 ? -15.880 2.916   -2.795  1.00 13.24 ? 104 ARG A N   1 
ATOM   576  C CA  . ARG A 1 124 ? -15.031 3.294   -3.918  1.00 13.29 ? 104 ARG A CA  1 
ATOM   577  C C   . ARG A 1 124 ? -14.010 4.374   -3.445  1.00 14.24 ? 104 ARG A C   1 
ATOM   578  O O   . ARG A 1 124 ? -12.828 4.326   -3.781  1.00 14.25 ? 104 ARG A O   1 
ATOM   579  C CB  . ARG A 1 124 ? -15.895 3.849   -5.076  1.00 13.99 ? 104 ARG A CB  1 
ATOM   580  C CG  . ARG A 1 124 ? -15.065 4.273   -6.278  1.00 13.39 ? 104 ARG A CG  1 
ATOM   581  C CD  . ARG A 1 124 ? -16.045 4.748   -7.464  1.00 16.17 ? 104 ARG A CD  1 
ATOM   582  N NE  . ARG A 1 124 ? -16.971 3.651   -7.839  1.00 22.91 ? 104 ARG A NE  1 
ATOM   583  C CZ  . ARG A 1 124 ? -16.663 2.656   -8.689  1.00 27.01 ? 104 ARG A CZ  1 
ATOM   584  N NH1 . ARG A 1 124 ? -15.504 2.640   -9.344  1.00 30.02 ? 104 ARG A NH1 1 
ATOM   585  N NH2 . ARG A 1 124 ? -17.555 1.711   -8.958  1.00 26.28 ? 104 ARG A NH2 1 
ATOM   586  N N   . THR A 1 125 ? -14.489 5.355   -2.680  1.00 15.08 ? 105 THR A N   1 
ATOM   587  C CA  . THR A 1 125 ? -13.623 6.430   -2.252  1.00 16.52 ? 105 THR A CA  1 
ATOM   588  C C   . THR A 1 125 ? -12.510 5.892   -1.312  1.00 16.28 ? 105 THR A C   1 
ATOM   589  O O   . THR A 1 125 ? -11.374 6.343   -1.352  1.00 16.51 ? 105 THR A O   1 
ATOM   590  C CB  . THR A 1 125 ? -14.476 7.568   -1.530  1.00 15.89 ? 105 THR A CB  1 
ATOM   591  O OG1 . THR A 1 125 ? -15.501 8.049   -2.407  1.00 20.12 ? 105 THR A OG1 1 
ATOM   592  C CG2 . THR A 1 125 ? -13.570 8.784   -1.250  1.00 20.58 ? 105 THR A CG2 1 
ATOM   593  N N   . GLY A 1 126 ? -12.861 4.962   -0.429  1.00 14.79 ? 106 GLY A N   1 
ATOM   594  C CA  . GLY A 1 126 ? -11.871 4.361   0.470   1.00 14.31 ? 106 GLY A CA  1 
ATOM   595  C C   . GLY A 1 126 ? -10.875 3.484   -0.301  1.00 12.46 ? 106 GLY A C   1 
ATOM   596  O O   . GLY A 1 126 ? -9.646  3.586   -0.098  1.00 10.97 ? 106 GLY A O   1 
ATOM   597  N N   . ILE A 1 127 ? -11.363 2.638   -1.193  1.00 11.51 ? 107 ILE A N   1 
ATOM   598  C CA  . ILE A 1 127 ? -10.418 1.836   -2.030  1.00 12.13 ? 107 ILE A CA  1 
ATOM   599  C C   . ILE A 1 127 ? -9.529  2.733   -2.864  1.00 11.88 ? 107 ILE A C   1 
ATOM   600  O O   . ILE A 1 127 ? -8.337  2.496   -3.051  1.00 10.49 ? 107 ILE A O   1 
ATOM   601  C CB  . ILE A 1 127 ? -11.187 0.802   -2.937  1.00 12.09 ? 107 ILE A CB  1 
ATOM   602  C CG1 . ILE A 1 127 ? -11.969 -0.186  -1.978  1.00 11.13 ? 107 ILE A CG1 1 
ATOM   603  C CG2 . ILE A 1 127 ? -10.273 0.087   -3.910  1.00 10.21 ? 107 ILE A CG2 1 
ATOM   604  C CD1 . ILE A 1 127 ? -12.925 -1.165  -2.774  1.00 17.27 ? 107 ILE A CD1 1 
ATOM   605  N N   . ASN A 1 128 ? -10.120 3.829   -3.339  1.00 12.34 ? 108 ASN A N   1 
ATOM   606  C CA  . ASN A 1 128 ? -9.376  4.779   -4.170  1.00 11.90 ? 108 ASN A CA  1 
ATOM   607  C C   . ASN A 1 128 ? -8.214  5.426   -3.457  1.00 11.39 ? 108 ASN A C   1 
ATOM   608  O O   . ASN A 1 128 ? -7.235  5.721   -4.093  1.00 13.30 ? 108 ASN A O   1 
ATOM   609  C CB  . ASN A 1 128 ? -10.299 5.886   -4.722  1.00 12.11 ? 108 ASN A CB  1 
ATOM   610  C CG  . ASN A 1 128 ? -9.558  6.787   -5.743  1.00 15.16 ? 108 ASN A CG  1 
ATOM   611  O OD1 . ASN A 1 128 ? -9.125  6.308   -6.809  1.00 12.97 ? 108 ASN A OD1 1 
ATOM   612  N ND2 . ASN A 1 128 ? -9.417  8.085   -5.410  1.00 11.22 ? 108 ASN A ND2 1 
ATOM   613  N N   . VAL A 1 129 ? -8.287  5.611   -2.140  1.00 11.55 ? 109 VAL A N   1 
ATOM   614  C CA  . VAL A 1 129 ? -7.124  6.160   -1.384  1.00 12.97 ? 109 VAL A CA  1 
ATOM   615  C C   . VAL A 1 129 ? -5.909  5.267   -1.670  1.00 12.42 ? 109 VAL A C   1 
ATOM   616  O O   . VAL A 1 129 ? -4.753  5.733   -1.879  1.00 11.68 ? 109 VAL A O   1 
ATOM   617  C CB  . VAL A 1 129 ? -7.473  6.115   0.165   1.00 14.39 ? 109 VAL A CB  1 
ATOM   618  C CG1 . VAL A 1 129 ? -6.161  6.239   1.036   1.00 16.75 ? 109 VAL A CG1 1 
ATOM   619  C CG2 . VAL A 1 129 ? -8.553  7.231   0.481   1.00 18.68 ? 109 VAL A CG2 1 
ATOM   620  N N   . PHE A 1 130 ? -6.157  3.960   -1.716  1.00 10.76 ? 110 PHE A N   1 
ATOM   621  C CA  . PHE A 1 130 ? -5.015  2.985   -1.882  1.00 10.46 ? 110 PHE A CA  1 
ATOM   622  C C   . PHE A 1 130 ? -4.574  2.865   -3.322  1.00 10.54 ? 110 PHE A C   1 
ATOM   623  O O   . PHE A 1 130 ? -3.372  2.891   -3.650  1.00 10.82 ? 110 PHE A O   1 
ATOM   624  C CB  . PHE A 1 130 ? -5.421  1.625   -1.268  1.00 10.00 ? 110 PHE A CB  1 
ATOM   625  C CG  . PHE A 1 130 ? -5.539  1.719   0.205   1.00 10.06 ? 110 PHE A CG  1 
ATOM   626  C CD1 . PHE A 1 130 ? -4.420  1.566   1.021   1.00 13.57 ? 110 PHE A CD1 1 
ATOM   627  C CD2 . PHE A 1 130 ? -6.769  2.138   0.780   1.00 9.66  ? 110 PHE A CD2 1 
ATOM   628  C CE1 . PHE A 1 130 ? -4.537  1.738   2.436   1.00 11.16 ? 110 PHE A CE1 1 
ATOM   629  C CE2 . PHE A 1 130 ? -6.881  2.375   2.197   1.00 13.40 ? 110 PHE A CE2 1 
ATOM   630  C CZ  . PHE A 1 130 ? -5.759  2.192   3.013   1.00 12.86 ? 110 PHE A CZ  1 
ATOM   631  N N   . PHE A 1 131 ? -5.560  2.850   -4.211  1.00 10.36 ? 111 PHE A N   1 
ATOM   632  C CA  . PHE A 1 131 ? -5.239  2.878   -5.661  1.00 11.25 ? 111 PHE A CA  1 
ATOM   633  C C   . PHE A 1 131 ? -4.401  4.133   -6.033  1.00 12.13 ? 111 PHE A C   1 
ATOM   634  O O   . PHE A 1 131 ? -3.441  4.075   -6.778  1.00 12.87 ? 111 PHE A O   1 
ATOM   635  C CB  . PHE A 1 131 ? -6.561  2.917   -6.396  1.00 11.59 ? 111 PHE A CB  1 
ATOM   636  C CG  . PHE A 1 131 ? -6.411  2.999   -7.881  1.00 13.58 ? 111 PHE A CG  1 
ATOM   637  C CD1 . PHE A 1 131 ? -5.944  1.903   -8.611  1.00 13.54 ? 111 PHE A CD1 1 
ATOM   638  C CD2 . PHE A 1 131 ? -6.828  4.143   -8.558  1.00 17.14 ? 111 PHE A CD2 1 
ATOM   639  C CE1 . PHE A 1 131 ? -5.894  1.970   -10.079 1.00 14.76 ? 111 PHE A CE1 1 
ATOM   640  C CE2 . PHE A 1 131 ? -6.738  4.226   -10.009 1.00 21.10 ? 111 PHE A CE2 1 
ATOM   641  C CZ  . PHE A 1 131 ? -6.261  3.150   -10.740 1.00 14.69 ? 111 PHE A CZ  1 
ATOM   642  N N   . GLU A 1 132 ? -4.799  5.295   -5.519  1.00 13.18 ? 112 GLU A N   1 
ATOM   643  C CA  . GLU A 1 132 ? -4.082  6.549   -5.894  1.00 13.09 ? 112 GLU A CA  1 
ATOM   644  C C   . GLU A 1 132 ? -2.784  6.654   -5.150  1.00 14.45 ? 112 GLU A C   1 
ATOM   645  O O   . GLU A 1 132 ? -1.744  7.072   -5.738  1.00 14.91 ? 112 GLU A O   1 
ATOM   646  C CB  . GLU A 1 132 ? -4.933  7.814   -5.537  1.00 15.67 ? 112 GLU A CB  1 
ATOM   647  C CG  . GLU A 1 132 ? -6.035  8.058   -6.523  1.00 20.30 ? 112 GLU A CG  1 
ATOM   648  C CD  . GLU A 1 132 ? -5.479  8.378   -7.926  1.00 29.74 ? 112 GLU A CD  1 
ATOM   649  O OE1 . GLU A 1 132 ? -4.379  8.981   -7.959  1.00 27.21 ? 112 GLU A OE1 1 
ATOM   650  O OE2 . GLU A 1 132 ? -6.110  7.979   -8.946  1.00 26.64 ? 112 GLU A OE2 1 
ATOM   651  N N   . THR A 1 133 ? -2.794  6.328   -3.859  1.00 12.83 ? 113 THR A N   1 
ATOM   652  C CA  . THR A 1 133 ? -1.576  6.572   -3.099  1.00 14.27 ? 113 THR A CA  1 
ATOM   653  C C   . THR A 1 133 ? -0.477  5.589   -3.564  1.00 14.70 ? 113 THR A C   1 
ATOM   654  O O   . THR A 1 133 ? 0.697   5.996   -3.828  1.00 13.54 ? 113 THR A O   1 
ATOM   655  C CB  . THR A 1 133 ? -1.772  6.425   -1.534  1.00 15.05 ? 113 THR A CB  1 
ATOM   656  O OG1 . THR A 1 133 ? -2.793  7.311   -1.085  1.00 15.44 ? 113 THR A OG1 1 
ATOM   657  C CG2 . THR A 1 133 ? -0.426  6.752   -0.776  1.00 18.18 ? 113 THR A CG2 1 
ATOM   658  N N   . PHE A 1 134 ? -0.832  4.303   -3.708  1.00 13.44 ? 114 PHE A N   1 
ATOM   659  C CA  . PHE A 1 134 ? 0.215   3.368   -4.102  1.00 12.65 ? 114 PHE A CA  1 
ATOM   660  C C   . PHE A 1 134 ? 0.541   3.485   -5.584  1.00 13.65 ? 114 PHE A C   1 
ATOM   661  O O   . PHE A 1 134 ? 1.672   3.255   -5.989  1.00 13.39 ? 114 PHE A O   1 
ATOM   662  C CB  . PHE A 1 134 ? -0.152  1.943   -3.706  1.00 13.93 ? 114 PHE A CB  1 
ATOM   663  C CG  . PHE A 1 134 ? -0.065  1.729   -2.186  1.00 19.52 ? 114 PHE A CG  1 
ATOM   664  C CD1 . PHE A 1 134 ? 1.188   1.536   -1.583  1.00 29.89 ? 114 PHE A CD1 1 
ATOM   665  C CD2 . PHE A 1 134 ? -1.151  1.803   -1.391  1.00 31.22 ? 114 PHE A CD2 1 
ATOM   666  C CE1 . PHE A 1 134 ? 1.324   1.350   -0.156  1.00 33.05 ? 114 PHE A CE1 1 
ATOM   667  C CE2 . PHE A 1 134 ? -1.022  1.634   0.064   1.00 32.87 ? 114 PHE A CE2 1 
ATOM   668  C CZ  . PHE A 1 134 ? 0.171   1.416   0.643   1.00 30.66 ? 114 PHE A CZ  1 
ATOM   669  N N   . GLY A 1 135 ? -0.488  3.773   -6.382  1.00 13.27 ? 115 GLY A N   1 
ATOM   670  C CA  . GLY A 1 135 ? -0.369  4.012   -7.841  1.00 14.90 ? 115 GLY A CA  1 
ATOM   671  C C   . GLY A 1 135 ? 0.460   5.241   -8.195  1.00 16.35 ? 115 GLY A C   1 
ATOM   672  O O   . GLY A 1 135 ? 1.052   5.308   -9.274  1.00 16.44 ? 115 GLY A O   1 
ATOM   673  N N   . SER A 1 136 ? 0.521   6.199   -7.280  1.00 16.46 ? 116 SER A N   1 
ATOM   674  C CA  . SER A 1 136 ? 1.436   7.363   -7.419  1.00 19.80 ? 116 SER A CA  1 
ATOM   675  C C   . SER A 1 136 ? 2.853   7.044   -6.957  1.00 18.76 ? 116 SER A C   1 
ATOM   676  O O   . SER A 1 136 ? 3.741   7.886   -7.106  1.00 19.27 ? 116 SER A O   1 
ATOM   677  C CB  . SER A 1 136 ? 0.925   8.599   -6.657  1.00 18.45 ? 116 SER A CB  1 
ATOM   678  O OG  . SER A 1 136 ? -0.343  8.952   -7.209  1.00 21.11 ? 116 SER A OG  1 
ATOM   679  N N   . HIS A 1 137 ? 3.045   5.893   -6.337  1.00 18.17 ? 117 HIS A N   1 
ATOM   680  C CA  . HIS A 1 137 ? 4.383   5.489   -5.870  1.00 18.80 ? 117 HIS A CA  1 
ATOM   681  C C   . HIS A 1 137 ? 4.680   4.052   -6.262  1.00 19.25 ? 117 HIS A C   1 
ATOM   682  O O   . HIS A 1 137 ? 4.918   3.234   -5.384  1.00 18.91 ? 117 HIS A O   1 
ATOM   683  C CB  . HIS A 1 137 ? 4.532   5.733   -4.331  1.00 16.88 ? 117 HIS A CB  1 
ATOM   684  C CG  . HIS A 1 137 ? 4.561   7.175   -3.979  1.00 20.29 ? 117 HIS A CG  1 
ATOM   685  N ND1 . HIS A 1 137 ? 3.429   7.863   -3.598  1.00 26.14 ? 117 HIS A ND1 1 
ATOM   686  C CD2 . HIS A 1 137 ? 5.545   8.105   -4.073  1.00 22.84 ? 117 HIS A CD2 1 
ATOM   687  C CE1 . HIS A 1 137 ? 3.713   9.146   -3.448  1.00 26.45 ? 117 HIS A CE1 1 
ATOM   688  N NE2 . HIS A 1 137 ? 4.993   9.320   -3.719  1.00 24.19 ? 117 HIS A NE2 1 
ATOM   689  N N   . LYS A 1 138 ? 4.604   3.714   -7.575  1.00 19.68 ? 118 LYS A N   1 
ATOM   690  C CA  . LYS A 1 138 ? 4.647   2.292   -7.926  1.00 18.97 ? 118 LYS A CA  1 
ATOM   691  C C   . LYS A 1 138 ? 5.993   1.657   -7.705  1.00 19.77 ? 118 LYS A C   1 
ATOM   692  O O   . LYS A 1 138 ? 6.077   0.457   -7.432  1.00 18.08 ? 118 LYS A O   1 
ATOM   693  C CB  . LYS A 1 138 ? 4.260   2.057   -9.379  1.00 19.42 ? 118 LYS A CB  1 
ATOM   694  C CG  . LYS A 1 138 ? 2.827   2.390   -9.720  1.00 19.04 ? 118 LYS A CG  1 
ATOM   695  C CD  . LYS A 1 138 ? 2.558   2.211   -11.213 1.00 24.34 ? 118 LYS A CD  1 
ATOM   696  C CE  . LYS A 1 138 ? 1.210   2.881   -11.553 1.00 27.38 ? 118 LYS A CE  1 
ATOM   697  N NZ  . LYS A 1 138 ? 1.047   2.733   -12.976 1.00 33.16 ? 118 LYS A NZ  1 
ATOM   698  N N   . ALA A 1 139 ? 7.051   2.451   -7.906  1.00 18.35 ? 119 ALA A N   1 
ATOM   699  C CA  . ALA A 1 139 ? 8.417   1.891   -7.797  1.00 17.28 ? 119 ALA A CA  1 
ATOM   700  C C   . ALA A 1 139 ? 8.685   1.535   -6.332  1.00 16.24 ? 119 ALA A C   1 
ATOM   701  O O   . ALA A 1 139 ? 9.208   0.461   -6.017  1.00 17.80 ? 119 ALA A O   1 
ATOM   702  C CB  . ALA A 1 139 ? 9.439   2.964   -8.373  1.00 17.37 ? 119 ALA A CB  1 
ATOM   703  N N   . VAL A 1 140 ? 8.245   2.397   -5.424  1.00 16.12 ? 120 VAL A N   1 
ATOM   704  C CA  . VAL A 1 140 ? 8.407   2.162   -3.982  1.00 18.49 ? 120 VAL A CA  1 
ATOM   705  C C   . VAL A 1 140 ? 7.541   0.957   -3.486  1.00 20.06 ? 120 VAL A C   1 
ATOM   706  O O   . VAL A 1 140 ? 8.038   0.058   -2.755  1.00 19.75 ? 120 VAL A O   1 
ATOM   707  C CB  . VAL A 1 140 ? 8.052   3.397   -3.137  1.00 16.74 ? 120 VAL A CB  1 
ATOM   708  C CG1 . VAL A 1 140 ? 7.853   3.005   -1.635  1.00 18.39 ? 120 VAL A CG1 1 
ATOM   709  C CG2 . VAL A 1 140 ? 9.127   4.549   -3.323  1.00 18.93 ? 120 VAL A CG2 1 
ATOM   710  N N   . THR A 1 141 ? 6.259   0.991   -3.850  1.00 20.69 ? 121 THR A N   1 
ATOM   711  C CA  . THR A 1 141 ? 5.329   -0.180  -3.680  1.00 21.52 ? 121 THR A CA  1 
ATOM   712  C C   . THR A 1 141 ? 5.935   -1.500  -4.135  1.00 21.07 ? 121 THR A C   1 
ATOM   713  O O   . THR A 1 141 ? 5.965   -2.466  -3.364  1.00 21.46 ? 121 THR A O   1 
ATOM   714  C CB  . THR A 1 141 ? 4.099   0.004   -4.612  1.00 21.16 ? 121 THR A CB  1 
ATOM   715  O OG1 . THR A 1 141 ? 3.401   1.144   -4.210  1.00 21.55 ? 121 THR A OG1 1 
ATOM   716  C CG2 . THR A 1 141 ? 3.155   -1.214  -4.562  1.00 25.17 ? 121 THR A CG2 1 
ATOM   717  N N   . ARG A 1 142 ? 6.341   -1.563  -5.393  1.00 21.73 ? 122 ARG A N   1 
ATOM   718  C CA  . ARG A 1 142 ? 6.939   -2.776  -5.943  1.00 24.87 ? 122 ARG A CA  1 
ATOM   719  C C   . ARG A 1 142 ? 8.224   -3.221  -5.186  1.00 24.80 ? 122 ARG A C   1 
ATOM   720  O O   . ARG A 1 142 ? 8.302   -4.344  -4.685  1.00 24.51 ? 122 ARG A O   1 
ATOM   721  C CB  . ARG A 1 142 ? 7.231   -2.607  -7.407  1.00 25.37 ? 122 ARG A CB  1 
ATOM   722  C CG  . ARG A 1 142 ? 8.149   -3.719  -7.934  1.00 32.14 ? 122 ARG A CG  1 
ATOM   723  C CD  . ARG A 1 142 ? 8.968   -3.231  -9.090  1.00 42.80 ? 122 ARG A CD  1 
ATOM   724  N NE  . ARG A 1 142 ? 8.099   -2.937  -10.231 1.00 48.16 ? 122 ARG A NE  1 
ATOM   725  C CZ  . ARG A 1 142 ? 7.572   -3.856  -11.061 1.00 51.49 ? 122 ARG A CZ  1 
ATOM   726  N NH1 . ARG A 1 142 ? 7.803   -5.166  -10.904 1.00 50.84 ? 122 ARG A NH1 1 
ATOM   727  N NH2 . ARG A 1 142 ? 6.822   -3.454  -12.076 1.00 49.40 ? 122 ARG A NH2 1 
ATOM   728  N N   . ALA A 1 143 ? 9.189   -2.320  -5.004  1.00 24.36 ? 123 ALA A N   1 
ATOM   729  C CA  . ALA A 1 143 ? 10.414  -2.658  -4.198  1.00 23.51 ? 123 ALA A CA  1 
ATOM   730  C C   . ALA A 1 143 ? 10.069  -3.016  -2.784  1.00 21.97 ? 123 ALA A C   1 
ATOM   731  O O   . ALA A 1 143 ? 10.665  -3.917  -2.181  1.00 21.77 ? 123 ALA A O   1 
ATOM   732  C CB  . ALA A 1 143 ? 11.393  -1.482  -4.204  1.00 22.90 ? 123 ALA A CB  1 
ATOM   733  N N   . GLY A 1 144 ? 9.110   -2.312  -2.203  1.00 20.68 ? 124 GLY A N   1 
ATOM   734  C CA  . GLY A 1 144 ? 8.728   -2.600  -0.817  1.00 22.33 ? 124 GLY A CA  1 
ATOM   735  C C   . GLY A 1 144 ? 8.077   -3.952  -0.655  1.00 24.29 ? 124 GLY A C   1 
ATOM   736  O O   . GLY A 1 144 ? 8.297   -4.629  0.340   1.00 24.67 ? 124 GLY A O   1 
ATOM   737  N N   . GLN A 1 145 ? 7.234   -4.342  -1.619  1.00 24.18 ? 125 GLN A N   1 
ATOM   738  C CA  . GLN A 1 145 ? 6.603   -5.677  -1.578  1.00 25.02 ? 125 GLN A CA  1 
ATOM   739  C C   . GLN A 1 145 ? 7.669   -6.768  -1.701  1.00 24.63 ? 125 GLN A C   1 
ATOM   740  O O   . GLN A 1 145 ? 7.656   -7.723  -0.939  1.00 23.80 ? 125 GLN A O   1 
ATOM   741  C CB  . GLN A 1 145 ? 5.543   -5.812  -2.697  1.00 25.61 ? 125 GLN A CB  1 
ATOM   742  C CG  . GLN A 1 145 ? 4.281   -4.924  -2.394  1.00 28.25 ? 125 GLN A CG  1 
ATOM   743  C CD  . GLN A 1 145 ? 3.616   -5.216  -1.031  1.00 29.74 ? 125 GLN A CD  1 
ATOM   744  O OE1 . GLN A 1 145 ? 3.306   -6.354  -0.729  1.00 27.93 ? 125 GLN A OE1 1 
ATOM   745  N NE2 . GLN A 1 145 ? 3.418   -4.174  -0.209  1.00 29.06 ? 125 GLN A NE2 1 
ATOM   746  N N   . ALA A 1 146 ? 8.618   -6.591  -2.614  1.00 24.69 ? 126 ALA A N   1 
ATOM   747  C CA  . ALA A 1 146 ? 9.650   -7.599  -2.783  1.00 26.95 ? 126 ALA A CA  1 
ATOM   748  C C   . ALA A 1 146 ? 10.490  -7.664  -1.498  1.00 27.53 ? 126 ALA A C   1 
ATOM   749  O O   . ALA A 1 146 ? 10.977  -8.747  -1.116  1.00 27.21 ? 126 ALA A O   1 
ATOM   750  C CB  . ALA A 1 146 ? 10.527  -7.269  -3.991  1.00 27.40 ? 126 ALA A CB  1 
ATOM   751  N N   . ALA A 1 147 ? 10.608  -6.534  -0.781  1.00 26.02 ? 127 ALA A N   1 
ATOM   752  C CA  . ALA A 1 147 ? 11.462  -6.545  0.422   1.00 25.64 ? 127 ALA A CA  1 
ATOM   753  C C   . ALA A 1 147 ? 10.819  -7.216  1.617   1.00 26.33 ? 127 ALA A C   1 
ATOM   754  O O   . ALA A 1 147 ? 11.508  -7.554  2.589   1.00 25.32 ? 127 ALA A O   1 
ATOM   755  C CB  . ALA A 1 147 ? 11.991  -5.106  0.796   1.00 23.86 ? 127 ALA A CB  1 
ATOM   756  N N   . ARG A 1 148 ? 9.503   -7.449  1.569   1.00 26.14 ? 128 ARG A N   1 
ATOM   757  C CA  . ARG A 1 148 ? 8.855   -8.223  2.644   1.00 27.23 ? 128 ARG A CA  1 
ATOM   758  C C   . ARG A 1 148 ? 9.497   -9.597  2.777   1.00 29.37 ? 128 ARG A C   1 
ATOM   759  O O   . ARG A 1 148 ? 9.511   -10.173 3.886   1.00 30.61 ? 128 ARG A O   1 
ATOM   760  C CB  . ARG A 1 148 ? 7.356   -8.397  2.380   1.00 26.19 ? 128 ARG A CB  1 
ATOM   761  C CG  . ARG A 1 148 ? 6.576   -7.053  2.486   1.00 25.03 ? 128 ARG A CG  1 
ATOM   762  C CD  . ARG A 1 148 ? 5.135   -7.239  1.980   1.00 23.86 ? 128 ARG A CD  1 
ATOM   763  N NE  . ARG A 1 148 ? 4.388   -8.179  2.801   1.00 23.82 ? 128 ARG A NE  1 
ATOM   764  C CZ  . ARG A 1 148 ? 3.200   -8.663  2.445   1.00 30.09 ? 128 ARG A CZ  1 
ATOM   765  N NH1 . ARG A 1 148 ? 2.640   -8.278  1.273   1.00 26.06 ? 128 ARG A NH1 1 
ATOM   766  N NH2 . ARG A 1 148 ? 2.594   -9.527  3.237   1.00 27.35 ? 128 ARG A NH2 1 
ATOM   767  N N   . ALA A 1 149 ? 10.015  -10.139 1.676   1.00 31.29 ? 129 ALA A N   1 
ATOM   768  C CA  . ALA A 1 149 ? 10.604  -11.484 1.705   1.00 33.49 ? 129 ALA A CA  1 
ATOM   769  C C   . ALA A 1 149 ? 11.948  -11.538 2.495   1.00 35.92 ? 129 ALA A C   1 
ATOM   770  O O   . ALA A 1 149 ? 12.238  -12.564 3.185   1.00 36.23 ? 129 ALA A O   1 
ATOM   771  C CB  . ALA A 1 149 ? 10.777  -12.048 0.277   1.00 32.96 ? 129 ALA A CB  1 
ATOM   772  N N   . THR A 1 150 ? 12.740  -10.455 2.405   1.00 35.83 ? 130 THR A N   1 
ATOM   773  C CA  . THR A 1 150 ? 14.120  -10.460 2.889   1.00 36.68 ? 130 THR A CA  1 
ATOM   774  C C   . THR A 1 150 ? 14.325  -9.569  4.102   1.00 36.62 ? 130 THR A C   1 
ATOM   775  O O   . THR A 1 150 ? 15.382  -9.607  4.726   1.00 37.55 ? 130 THR A O   1 
ATOM   776  C CB  . THR A 1 150 ? 15.108  -10.031 1.755   1.00 37.21 ? 130 THR A CB  1 
ATOM   777  O OG1 . THR A 1 150 ? 14.720  -8.753  1.248   1.00 37.94 ? 130 THR A OG1 1 
ATOM   778  C CG2 . THR A 1 150 ? 15.038  -11.020 0.578   1.00 38.42 ? 130 THR A CG2 1 
ATOM   779  N N   . SER A 1 151 ? 13.333  -8.750  4.451   1.00 34.60 ? 131 SER A N   1 
ATOM   780  C CA  . SER A 1 151 ? 13.520  -7.815  5.524   1.00 32.73 ? 131 SER A CA  1 
ATOM   781  C C   . SER A 1 151 ? 12.420  -7.907  6.567   1.00 33.07 ? 131 SER A C   1 
ATOM   782  O O   . SER A 1 151 ? 11.248  -7.684  6.262   1.00 31.21 ? 131 SER A O   1 
ATOM   783  C CB  . SER A 1 151 ? 13.637  -6.386  4.962   1.00 32.35 ? 131 SER A CB  1 
ATOM   784  O OG  . SER A 1 151 ? 13.314  -5.429  5.972   1.00 32.40 ? 131 SER A OG  1 
ATOM   785  N N   . VAL A 1 152 ? 12.786  -8.216  7.821   1.00 32.04 ? 132 VAL A N   1 
ATOM   786  C CA  . VAL A 1 152 ? 11.786  -8.311  8.872   1.00 31.42 ? 132 VAL A CA  1 
ATOM   787  C C   . VAL A 1 152 ? 11.126  -6.961  9.157   1.00 29.42 ? 132 VAL A C   1 
ATOM   788  O O   . VAL A 1 152 ? 9.945   -6.904  9.491   1.00 27.68 ? 132 VAL A O   1 
ATOM   789  C CB  . VAL A 1 152 ? 12.358  -8.965  10.202  1.00 33.53 ? 132 VAL A CB  1 
ATOM   790  C CG1 . VAL A 1 152 ? 11.222  -9.249  11.207  1.00 32.37 ? 132 VAL A CG1 1 
ATOM   791  C CG2 . VAL A 1 152 ? 13.079  -10.269 9.888   1.00 34.08 ? 132 VAL A CG2 1 
ATOM   792  N N   . GLU A 1 153 ? 11.874  -5.865  9.080   1.00 27.40 ? 133 GLU A N   1 
ATOM   793  C CA  . GLU A 1 153 ? 11.259  -4.545  9.346   1.00 27.47 ? 133 GLU A CA  1 
ATOM   794  C C   . GLU A 1 153 ? 10.164  -4.143  8.303   1.00 23.87 ? 133 GLU A C   1 
ATOM   795  O O   . GLU A 1 153 ? 9.127   -3.575  8.653   1.00 21.65 ? 133 GLU A O   1 
ATOM   796  C CB  . GLU A 1 153 ? 12.328  -3.454  9.426   1.00 26.91 ? 133 GLU A CB  1 
ATOM   797  C CG  . GLU A 1 153 ? 13.248  -3.701  10.623  1.00 35.83 ? 133 GLU A CG  1 
ATOM   798  C CD  . GLU A 1 153 ? 14.085  -2.488  10.913  1.00 43.81 ? 133 GLU A CD  1 
ATOM   799  O OE1 . GLU A 1 153 ? 15.227  -2.461  10.416  1.00 45.65 ? 133 GLU A OE1 1 
ATOM   800  O OE2 . GLU A 1 153 ? 13.570  -1.550  11.579  1.00 47.82 ? 133 GLU A OE2 1 
ATOM   801  N N   . VAL A 1 154 ? 10.454  -4.430  7.043   1.00 22.69 ? 134 VAL A N   1 
ATOM   802  C CA  . VAL A 1 154 ? 9.486   -4.181  5.959   1.00 22.37 ? 134 VAL A CA  1 
ATOM   803  C C   . VAL A 1 154 ? 8.301   -5.154  6.125   1.00 21.98 ? 134 VAL A C   1 
ATOM   804  O O   . VAL A 1 154 ? 7.143   -4.707  6.042   1.00 22.73 ? 134 VAL A O   1 
ATOM   805  C CB  . VAL A 1 154 ? 10.123  -4.329  4.540   1.00 21.87 ? 134 VAL A CB  1 
ATOM   806  C CG1 . VAL A 1 154 ? 9.024   -4.275  3.429   1.00 21.51 ? 134 VAL A CG1 1 
ATOM   807  C CG2 . VAL A 1 154 ? 11.176  -3.250  4.308   1.00 22.75 ? 134 VAL A CG2 1 
ATOM   808  N N   . ALA A 1 155 ? 8.588   -6.445  6.345   1.00 21.75 ? 135 ALA A N   1 
ATOM   809  C CA  . ALA A 1 155 ? 7.507   -7.374  6.716   1.00 22.47 ? 135 ALA A CA  1 
ATOM   810  C C   . ALA A 1 155 ? 6.611   -6.924  7.840   1.00 22.80 ? 135 ALA A C   1 
ATOM   811  O O   . ALA A 1 155 ? 5.383   -6.938  7.656   1.00 20.70 ? 135 ALA A O   1 
ATOM   812  C CB  . ALA A 1 155 ? 7.984   -8.823  6.917   1.00 23.17 ? 135 ALA A CB  1 
ATOM   813  N N   . GLU A 1 156 ? 7.186   -6.510  8.994   1.00 20.88 ? 136 GLU A N   1 
ATOM   814  C CA  . GLU A 1 156 ? 6.420   -6.028  10.130  1.00 21.53 ? 136 GLU A CA  1 
ATOM   815  C C   . GLU A 1 156 ? 5.651   -4.736  9.874   1.00 20.46 ? 136 GLU A C   1 
ATOM   816  O O   . GLU A 1 156 ? 4.512   -4.610  10.327  1.00 20.51 ? 136 GLU A O   1 
ATOM   817  C CB  . GLU A 1 156 ? 7.307   -5.901  11.423  1.00 23.46 ? 136 GLU A CB  1 
ATOM   818  C CG  . GLU A 1 156 ? 7.820   -7.371  11.882  1.00 29.38 ? 136 GLU A CG  1 
ATOM   819  C CD  . GLU A 1 156 ? 8.700   -7.360  13.159  1.00 39.76 ? 136 GLU A CD  1 
ATOM   820  O OE1 . GLU A 1 156 ? 9.362   -6.326  13.450  1.00 40.26 ? 136 GLU A OE1 1 
ATOM   821  O OE2 . GLU A 1 156 ? 8.728   -8.401  13.872  1.00 44.85 ? 136 GLU A OE2 1 
ATOM   822  N N   . LEU A 1 157 ? 6.262   -3.808  9.143   1.00 19.84 ? 137 LEU A N   1 
ATOM   823  C CA  . LEU A 1 157 ? 5.605   -2.559  8.746   1.00 19.60 ? 137 LEU A CA  1 
ATOM   824  C C   . LEU A 1 157 ? 4.331   -2.870  7.931   1.00 17.63 ? 137 LEU A C   1 
ATOM   825  O O   . LEU A 1 157 ? 3.246   -2.341  8.277   1.00 17.10 ? 137 LEU A O   1 
ATOM   826  C CB  . LEU A 1 157 ? 6.534   -1.667  7.896   1.00 18.94 ? 137 LEU A CB  1 
ATOM   827  C CG  . LEU A 1 157 ? 5.940   -0.333  7.393   1.00 21.77 ? 137 LEU A CG  1 
ATOM   828  C CD1 . LEU A 1 157 ? 5.520   0.636   8.480   1.00 23.67 ? 137 LEU A CD1 1 
ATOM   829  C CD2 . LEU A 1 157 ? 6.923   0.350   6.457   1.00 25.84 ? 137 LEU A CD2 1 
ATOM   830  N N   . TRP A 1 158 ? 4.474   -3.672  6.873   1.00 16.94 ? 138 TRP A N   1 
ATOM   831  C CA  . TRP A 1 158 ? 3.287   -3.994  5.994   1.00 16.87 ? 138 TRP A CA  1 
ATOM   832  C C   . TRP A 1 158 ? 2.209   -4.669  6.855   1.00 16.98 ? 138 TRP A C   1 
ATOM   833  O O   . TRP A 1 158 ? 1.002   -4.320  6.841   1.00 14.47 ? 138 TRP A O   1 
ATOM   834  C CB  . TRP A 1 158 ? 3.687   -4.920  4.799   1.00 16.03 ? 138 TRP A CB  1 
ATOM   835  C CG  . TRP A 1 158 ? 2.549   -4.962  3.876   1.00 19.14 ? 138 TRP A CG  1 
ATOM   836  C CD1 . TRP A 1 158 ? 1.688   -6.007  3.677   1.00 16.02 ? 138 TRP A CD1 1 
ATOM   837  C CD2 . TRP A 1 158 ? 2.014   -3.840  3.098   1.00 17.81 ? 138 TRP A CD2 1 
ATOM   838  N NE1 . TRP A 1 158 ? 0.721   -5.640  2.773   1.00 15.98 ? 138 TRP A NE1 1 
ATOM   839  C CE2 . TRP A 1 158 ? 0.865   -4.314  2.430   1.00 17.41 ? 138 TRP A CE2 1 
ATOM   840  C CE3 . TRP A 1 158 ? 2.427   -2.521  2.885   1.00 20.59 ? 138 TRP A CE3 1 
ATOM   841  C CZ2 . TRP A 1 158 ? 0.113   -3.512  1.545   1.00 20.52 ? 138 TRP A CZ2 1 
ATOM   842  C CZ3 . TRP A 1 158 ? 1.681   -1.701  2.020   1.00 23.83 ? 138 TRP A CZ3 1 
ATOM   843  C CH2 . TRP A 1 158 ? 0.527   -2.194  1.367   1.00 16.85 ? 138 TRP A CH2 1 
ATOM   844  N N   . SER A 1 159 ? 2.646   -5.654  7.649   1.00 17.31 ? 139 SER A N   1 
ATOM   845  C CA  . SER A 1 159 ? 1.675   -6.451  8.426   1.00 17.22 ? 139 SER A CA  1 
ATOM   846  C C   . SER A 1 159 ? 0.942   -5.551  9.423   1.00 16.14 ? 139 SER A C   1 
ATOM   847  O O   . SER A 1 159 ? -0.263  -5.705  9.623   1.00 14.82 ? 139 SER A O   1 
ATOM   848  C CB  . SER A 1 159 ? 2.410   -7.632  9.144   1.00 18.91 ? 139 SER A CB  1 
ATOM   849  O OG  . SER A 1 159 ? 1.707   -8.056  10.289  1.00 24.62 ? 139 SER A OG  1 
ATOM   850  N N   . THR A 1 160 ? 1.661   -4.606  10.077  1.00 14.55 ? 140 THR A N   1 
ATOM   851  C CA  . THR A 1 160 ? 1.028   -3.767  11.054  1.00 15.32 ? 140 THR A CA  1 
ATOM   852  C C   . THR A 1 160 ? -0.036  -2.884  10.408  1.00 14.77 ? 140 THR A C   1 
ATOM   853  O O   . THR A 1 160 ? -1.121  -2.688  10.978  1.00 12.90 ? 140 THR A O   1 
ATOM   854  C CB  . THR A 1 160 ? 2.102   -2.815  11.685  1.00 18.60 ? 140 THR A CB  1 
ATOM   855  O OG1 . THR A 1 160 ? 2.923   -3.614  12.516  1.00 22.14 ? 140 THR A OG1 1 
ATOM   856  C CG2 . THR A 1 160 ? 1.462   -1.683  12.517  1.00 21.50 ? 140 THR A CG2 1 
ATOM   857  N N   . PHE A 1 161 ? 0.275   -2.314  9.247   1.00 12.19 ? 141 PHE A N   1 
ATOM   858  C CA  . PHE A 1 161 ? -0.778  -1.470  8.617   1.00 14.02 ? 141 PHE A CA  1 
ATOM   859  C C   . PHE A 1 161 ? -1.924  -2.282  8.015   1.00 13.00 ? 141 PHE A C   1 
ATOM   860  O O   . PHE A 1 161 ? -3.039  -1.895  8.132   1.00 11.84 ? 141 PHE A O   1 
ATOM   861  C CB  . PHE A 1 161 ? -0.228  -0.502  7.595   1.00 13.57 ? 141 PHE A CB  1 
ATOM   862  C CG  . PHE A 1 161 ? 0.346   0.724   8.257   1.00 15.16 ? 141 PHE A CG  1 
ATOM   863  C CD1 . PHE A 1 161 ? -0.461  1.809   8.522   1.00 18.02 ? 141 PHE A CD1 1 
ATOM   864  C CD2 . PHE A 1 161 ? 1.633   0.687   8.764   1.00 17.89 ? 141 PHE A CD2 1 
ATOM   865  C CE1 . PHE A 1 161 ? 0.055   2.960   9.177   1.00 22.22 ? 141 PHE A CE1 1 
ATOM   866  C CE2 . PHE A 1 161 ? 2.180   1.839   9.473   1.00 20.30 ? 141 PHE A CE2 1 
ATOM   867  C CZ  . PHE A 1 161 ? 1.371   2.950   9.673   1.00 21.71 ? 141 PHE A CZ  1 
ATOM   868  N N   . MET A 1 162 ? -1.628  -3.424  7.459   1.00 13.58 ? 142 MET A N   1 
ATOM   869  C CA  . MET A 1 162 ? -2.790  -4.322  7.011   1.00 12.58 ? 142 MET A CA  1 
ATOM   870  C C   . MET A 1 162 ? -3.719  -4.628  8.173   1.00 12.19 ? 142 MET A C   1 
ATOM   871  O O   . MET A 1 162 ? -4.906  -4.652  8.036   1.00 11.11 ? 142 MET A O   1 
ATOM   872  C CB  . MET A 1 162 ? -2.224  -5.623  6.440   1.00 12.96 ? 142 MET A CB  1 
ATOM   873  C CG  . MET A 1 162 ? -1.590  -5.454  5.039   1.00 14.30 ? 142 MET A CG  1 
ATOM   874  S SD  . MET A 1 162 ? -2.729  -4.821  3.753   1.00 15.63 ? 142 MET A SD  1 
ATOM   875  C CE  . MET A 1 162 ? -3.653  -6.345  3.434   1.00 15.54 ? 142 MET A CE  1 
ATOM   876  N N   . GLN A 1 163 ? -3.163  -4.976  9.322   1.00 13.21 ? 143 GLN A N   1 
ATOM   877  C CA  . GLN A 1 163 ? -4.025  -5.204  10.484  1.00 14.62 ? 143 GLN A CA  1 
ATOM   878  C C   . GLN A 1 163 ? -4.865  -4.005  10.841  1.00 11.95 ? 143 GLN A C   1 
ATOM   879  O O   . GLN A 1 163 ? -6.027  -4.151  11.082  1.00 11.44 ? 143 GLN A O   1 
ATOM   880  C CB  . GLN A 1 163 ? -3.227  -5.665  11.713  1.00 13.89 ? 143 GLN A CB  1 
ATOM   881  C CG  . GLN A 1 163 ? -2.574  -7.054  11.531  1.00 22.74 ? 143 GLN A CG  1 
ATOM   882  C CD  . GLN A 1 163 ? -1.574  -7.341  12.693  1.00 30.80 ? 143 GLN A CD  1 
ATOM   883  O OE1 . GLN A 1 163 ? -1.969  -7.299  13.829  1.00 35.25 ? 143 GLN A OE1 1 
ATOM   884  N NE2 . GLN A 1 163 ? -0.284  -7.587  12.381  1.00 33.47 ? 143 GLN A NE2 1 
ATOM   885  N N   . LYS A 1 164 ? -4.270  -2.820  10.816  1.00 11.65 ? 144 LYS A N   1 
ATOM   886  C CA  . LYS A 1 164 ? -5.028  -1.631  11.063  1.00 13.05 ? 144 LYS A CA  1 
ATOM   887  C C   . LYS A 1 164 ? -6.149  -1.379  9.994   1.00 11.18 ? 144 LYS A C   1 
ATOM   888  O O   . LYS A 1 164 ? -7.281  -1.110  10.335  1.00 12.29 ? 144 LYS A O   1 
ATOM   889  C CB  . LYS A 1 164 ? -4.058  -0.466  11.131  1.00 14.44 ? 144 LYS A CB  1 
ATOM   890  C CG  . LYS A 1 164 ? -4.731  0.814   11.450  1.00 18.50 ? 144 LYS A CG  1 
ATOM   891  C CD  . LYS A 1 164 ? -3.609  1.950   11.521  1.00 26.23 ? 144 LYS A CD  1 
ATOM   892  C CE  . LYS A 1 164 ? -4.237  3.198   12.339  1.00 27.07 ? 144 LYS A CE  1 
ATOM   893  N NZ  . LYS A 1 164 ? -3.440  4.419   12.018  1.00 27.05 ? 144 LYS A NZ  1 
ATOM   894  N N   . TRP A 1 165 ? -5.826  -1.534  8.721   1.00 10.66 ? 145 TRP A N   1 
ATOM   895  C CA  . TRP A 1 165 ? -6.819  -1.290  7.667   1.00 11.97 ? 145 TRP A CA  1 
ATOM   896  C C   . TRP A 1 165 ? -7.949  -2.382  7.657   1.00 11.84 ? 145 TRP A C   1 
ATOM   897  O O   . TRP A 1 165 ? -9.110  -2.089  7.387   1.00 13.69 ? 145 TRP A O   1 
ATOM   898  C CB  . TRP A 1 165 ? -6.112  -1.281  6.316   1.00 10.97 ? 145 TRP A CB  1 
ATOM   899  C CG  . TRP A 1 165 ? -5.111  -0.140  6.243   1.00 14.03 ? 145 TRP A CG  1 
ATOM   900  C CD1 . TRP A 1 165 ? -5.220  1.083   6.904   1.00 13.77 ? 145 TRP A CD1 1 
ATOM   901  C CD2 . TRP A 1 165 ? -3.900  -0.106  5.509   1.00 11.37 ? 145 TRP A CD2 1 
ATOM   902  N NE1 . TRP A 1 165 ? -4.118  1.863   6.622   1.00 11.37 ? 145 TRP A NE1 1 
ATOM   903  C CE2 . TRP A 1 165 ? -3.293  1.173   5.763   1.00 14.52 ? 145 TRP A CE2 1 
ATOM   904  C CE3 . TRP A 1 165 ? -3.244  -1.013  4.657   1.00 10.53 ? 145 TRP A CE3 1 
ATOM   905  C CZ2 . TRP A 1 165 ? -2.090  1.580   5.155   1.00 16.48 ? 145 TRP A CZ2 1 
ATOM   906  C CZ3 . TRP A 1 165 ? -2.005  -0.608  4.051   1.00 16.47 ? 145 TRP A CZ3 1 
ATOM   907  C CH2 . TRP A 1 165 ? -1.449  0.693   4.315   1.00 16.36 ? 145 TRP A CH2 1 
ATOM   908  N N   . ILE A 1 166 ? -7.555  -3.614  7.987   1.00 11.44 ? 146 ILE A N   1 
ATOM   909  C CA  . ILE A 1 166 ? -8.610  -4.678  8.182   1.00 10.91 ? 146 ILE A CA  1 
ATOM   910  C C   . ILE A 1 166 ? -9.583  -4.348  9.344   1.00 11.66 ? 146 ILE A C   1 
ATOM   911  O O   . ILE A 1 166 ? -10.782 -4.466  9.206   1.00 10.42 ? 146 ILE A O   1 
ATOM   912  C CB  . ILE A 1 166 ? -7.910  -6.052  8.350   1.00 9.23  ? 146 ILE A CB  1 
ATOM   913  C CG1 . ILE A 1 166 ? -7.349  -6.446  6.937   1.00 8.49  ? 146 ILE A CG1 1 
ATOM   914  C CG2 . ILE A 1 166 ? -8.935  -7.150  8.847   1.00 10.15 ? 146 ILE A CG2 1 
ATOM   915  C CD1 . ILE A 1 166 ? -6.330  -7.652  6.977   1.00 9.90  ? 146 ILE A CD1 1 
ATOM   916  N N   . ALA A 1 167 ? -9.019  -3.944  10.478  1.00 12.31 ? 147 ALA A N   1 
ATOM   917  C CA  . ALA A 1 167 ? -9.787  -3.567  11.671  1.00 14.23 ? 147 ALA A CA  1 
ATOM   918  C C   . ALA A 1 167 ? -10.736 -2.402  11.334  1.00 15.67 ? 147 ALA A C   1 
ATOM   919  O O   . ALA A 1 167 ? -11.921 -2.482  11.662  1.00 13.28 ? 147 ALA A O   1 
ATOM   920  C CB  . ALA A 1 167 ? -8.832  -3.217  12.888  1.00 14.10 ? 147 ALA A CB  1 
ATOM   921  N N   . TYR A 1 168 ? -10.251 -1.408  10.550  1.00 15.84 ? 148 TYR A N   1 
ATOM   922  C CA  . TYR A 1 168 ? -11.130 -0.300  10.129  1.00 16.80 ? 148 TYR A CA  1 
ATOM   923  C C   . TYR A 1 168 ? -12.274 -0.780  9.166   1.00 15.26 ? 148 TYR A C   1 
ATOM   924  O O   . TYR A 1 168 ? -13.414 -0.496  9.356   1.00 14.31 ? 148 TYR A O   1 
ATOM   925  C CB  . TYR A 1 168 ? -10.339 0.885   9.519   1.00 18.31 ? 148 TYR A CB  1 
ATOM   926  C CG  . TYR A 1 168 ? -11.288 2.038   9.404   1.00 24.38 ? 148 TYR A CG  1 
ATOM   927  C CD1 . TYR A 1 168 ? -11.937 2.531   10.554  1.00 30.86 ? 148 TYR A CD1 1 
ATOM   928  C CD2 . TYR A 1 168 ? -11.657 2.541   8.176   1.00 27.81 ? 148 TYR A CD2 1 
ATOM   929  C CE1 . TYR A 1 168 ? -12.892 3.553   10.463  1.00 34.53 ? 148 TYR A CE1 1 
ATOM   930  C CE2 . TYR A 1 168 ? -12.590 3.575   8.082   1.00 33.06 ? 148 TYR A CE2 1 
ATOM   931  C CZ  . TYR A 1 168 ? -13.196 4.073   9.224   1.00 33.70 ? 148 TYR A CZ  1 
ATOM   932  O OH  . TYR A 1 168 ? -14.152 5.084   9.117   1.00 43.08 ? 148 TYR A OH  1 
ATOM   933  N N   . THR A 1 169 ? -11.941 -1.582  8.158   1.00 14.40 ? 149 THR A N   1 
ATOM   934  C CA  . THR A 1 169 ? -12.931 -2.156  7.310   1.00 13.38 ? 149 THR A CA  1 
ATOM   935  C C   . THR A 1 169 ? -13.971 -2.949  8.091   1.00 13.72 ? 149 THR A C   1 
ATOM   936  O O   . THR A 1 169 ? -15.139 -2.796  7.831   1.00 13.72 ? 149 THR A O   1 
ATOM   937  C CB  . THR A 1 169 ? -12.258 -3.152  6.264   1.00 12.36 ? 149 THR A CB  1 
ATOM   938  O OG1 . THR A 1 169 ? -11.197 -2.454  5.548   1.00 13.03 ? 149 THR A OG1 1 
ATOM   939  C CG2 . THR A 1 169 ? -13.357 -3.738  5.290   1.00 11.54 ? 149 THR A CG2 1 
ATOM   940  N N   . ALA A 1 170 ? -13.511 -3.845  8.987   1.00 12.94 ? 150 ALA A N   1 
ATOM   941  C CA  . ALA A 1 170 ? -14.428 -4.644  9.829   1.00 14.16 ? 150 ALA A CA  1 
ATOM   942  C C   . ALA A 1 170 ? -15.375 -3.751  10.661  1.00 15.61 ? 150 ALA A C   1 
ATOM   943  O O   . ALA A 1 170 ? -16.587 -4.025  10.766  1.00 15.41 ? 150 ALA A O   1 
ATOM   944  C CB  . ALA A 1 170 ? -13.582 -5.620  10.759  1.00 13.11 ? 150 ALA A CB  1 
ATOM   945  N N   . ALA A 1 171 ? -14.823 -2.666  11.218  1.00 17.47 ? 151 ALA A N   1 
ATOM   946  C CA  . ALA A 1 171 ? -15.628 -1.683  12.054  1.00 17.87 ? 151 ALA A CA  1 
ATOM   947  C C   . ALA A 1 171 ? -16.659 -0.982  11.201  1.00 18.36 ? 151 ALA A C   1 
ATOM   948  O O   . ALA A 1 171 ? -17.811 -0.818  11.600  1.00 18.18 ? 151 ALA A O   1 
ATOM   949  C CB  . ALA A 1 171 ? -14.720 -0.677  12.759  1.00 18.02 ? 151 ALA A CB  1 
ATOM   950  N N   . VAL A 1 172 ? -16.331 -0.720  9.928   1.00 16.89 ? 152 VAL A N   1 
ATOM   951  C CA  . VAL A 1 172 ? -17.330 -0.085  9.088   1.00 16.36 ? 152 VAL A CA  1 
ATOM   952  C C   . VAL A 1 172 ? -18.430 -1.087  8.679   1.00 16.81 ? 152 VAL A C   1 
ATOM   953  O O   . VAL A 1 172 ? -19.586 -0.742  8.576   1.00 16.24 ? 152 VAL A O   1 
ATOM   954  C CB  . VAL A 1 172 ? -16.661 0.543   7.826   1.00 16.95 ? 152 VAL A CB  1 
ATOM   955  C CG1 . VAL A 1 172 ? -17.734 1.127   6.847   1.00 14.55 ? 152 VAL A CG1 1 
ATOM   956  C CG2 . VAL A 1 172 ? -15.640 1.621   8.268   1.00 18.34 ? 152 VAL A CG2 1 
ATOM   957  N N   . ILE A 1 173 ? -18.051 -2.326  8.349   1.00 16.60 ? 153 ILE A N   1 
ATOM   958  C CA  . ILE A 1 173 ? -19.034 -3.348  8.004   1.00 16.20 ? 153 ILE A CA  1 
ATOM   959  C C   . ILE A 1 173 ? -19.975 -3.593  9.242   1.00 16.80 ? 153 ILE A C   1 
ATOM   960  O O   . ILE A 1 173 ? -21.146 -3.733  9.087   1.00 20.07 ? 153 ILE A O   1 
ATOM   961  C CB  . ILE A 1 173 ? -18.340 -4.721  7.620   1.00 13.50 ? 153 ILE A CB  1 
ATOM   962  C CG1 . ILE A 1 173 ? -17.609 -4.648  6.218   1.00 13.76 ? 153 ILE A CG1 1 
ATOM   963  C CG2 . ILE A 1 173 ? -19.377 -5.832  7.532   1.00 15.29 ? 153 ILE A CG2 1 
ATOM   964  C CD1 . ILE A 1 173 ? -16.499 -5.861  5.982   1.00 13.68 ? 153 ILE A CD1 1 
ATOM   965  N N   . ASP A 1 174 ? -19.402 -3.678  10.430  1.00 19.15 ? 154 ASP A N   1 
ATOM   966  C CA  . ASP A 1 174 ? -20.181 -3.884  11.683  1.00 21.55 ? 154 ASP A CA  1 
ATOM   967  C C   . ASP A 1 174 ? -21.163 -2.722  11.878  1.00 24.37 ? 154 ASP A C   1 
ATOM   968  O O   . ASP A 1 174 ? -22.367 -2.987  12.107  1.00 24.66 ? 154 ASP A O   1 
ATOM   969  C CB  . ASP A 1 174 ? -19.205 -4.085  12.877  1.00 21.79 ? 154 ASP A CB  1 
ATOM   970  C CG  . ASP A 1 174 ? -18.735 -5.503  12.975  1.00 24.29 ? 154 ASP A CG  1 
ATOM   971  O OD1 . ASP A 1 174 ? -19.430 -6.428  12.450  1.00 27.31 ? 154 ASP A OD1 1 
ATOM   972  O OD2 . ASP A 1 174 ? -17.647 -5.725  13.508  1.00 33.29 ? 154 ASP A OD2 1 
ATOM   973  N N   . ALA A 1 175 ? -20.688 -1.486  11.680  1.00 23.97 ? 155 ALA A N   1 
ATOM   974  C CA  . ALA A 1 175 ? -21.586 -0.296  11.703  1.00 24.74 ? 155 ALA A CA  1 
ATOM   975  C C   . ALA A 1 175 ? -22.688 -0.415  10.682  1.00 24.77 ? 155 ALA A C   1 
ATOM   976  O O   . ALA A 1 175 ? -23.854 -0.084  10.960  1.00 24.68 ? 155 ALA A O   1 
ATOM   977  C CB  . ALA A 1 175 ? -20.816 1.009   11.466  1.00 23.92 ? 155 ALA A CB  1 
ATOM   978  N N   . GLU A 1 176 ? -22.352 -0.897  9.483   1.00 23.48 ? 156 GLU A N   1 
ATOM   979  C CA  . GLU A 1 176 ? -23.362 -1.037  8.445   1.00 23.49 ? 156 GLU A CA  1 
ATOM   980  C C   . GLU A 1 176 ? -24.400 -2.070  8.827   1.00 24.62 ? 156 GLU A C   1 
ATOM   981  O O   . GLU A 1 176 ? -25.613 -1.900  8.530   1.00 26.93 ? 156 GLU A O   1 
ATOM   982  C CB  . GLU A 1 176 ? -22.695 -1.413  7.121   1.00 23.47 ? 156 GLU A CB  1 
ATOM   983  C CG  . GLU A 1 176 ? -21.958 -0.280  6.406   1.00 23.14 ? 156 GLU A CG  1 
ATOM   984  C CD  . GLU A 1 176 ? -22.907 0.783   5.839   1.00 23.35 ? 156 GLU A CD  1 
ATOM   985  O OE1 . GLU A 1 176 ? -23.261 1.675   6.615   1.00 24.55 ? 156 GLU A OE1 1 
ATOM   986  O OE2 . GLU A 1 176 ? -23.315 0.708   4.642   1.00 16.62 ? 156 GLU A OE2 1 
ATOM   987  N N   . ARG A 1 177 ? -23.940 -3.151  9.471   1.00 24.09 ? 157 ARG A N   1 
ATOM   988  C CA  . ARG A 1 177 ? -24.838 -4.196  9.959   1.00 25.65 ? 157 ARG A CA  1 
ATOM   989  C C   . ARG A 1 177 ? -25.674 -3.672  11.166  1.00 26.40 ? 157 ARG A C   1 
ATOM   990  O O   . ARG A 1 177 ? -26.845 -3.957  11.257  1.00 25.51 ? 157 ARG A O   1 
ATOM   991  C CB  . ARG A 1 177 ? -24.074 -5.426  10.402  1.00 23.66 ? 157 ARG A CB  1 
ATOM   992  C CG  . ARG A 1 177 ? -23.444 -6.206  9.202   1.00 20.97 ? 157 ARG A CG  1 
ATOM   993  C CD  . ARG A 1 177 ? -22.372 -7.198  9.700   1.00 17.76 ? 157 ARG A CD  1 
ATOM   994  N NE  . ARG A 1 177 ? -21.868 -7.944  8.536   1.00 15.89 ? 157 ARG A NE  1 
ATOM   995  C CZ  . ARG A 1 177 ? -21.240 -9.124  8.571   1.00 17.52 ? 157 ARG A CZ  1 
ATOM   996  N NH1 . ARG A 1 177 ? -20.962 -9.731  9.741   1.00 14.29 ? 157 ARG A NH1 1 
ATOM   997  N NH2 . ARG A 1 177 ? -20.894 -9.696  7.422   1.00 15.37 ? 157 ARG A NH2 1 
ATOM   998  N N   . ASP A 1 178 ? -25.032 -2.953  12.068  1.00 28.48 ? 158 ASP A N   1 
ATOM   999  C CA  . ASP A 1 178 ? -25.741 -2.370  13.220  1.00 32.11 ? 158 ASP A CA  1 
ATOM   1000 C C   . ASP A 1 178 ? -26.897 -1.512  12.767  1.00 33.43 ? 158 ASP A C   1 
ATOM   1001 O O   . ASP A 1 178 ? -27.972 -1.619  13.352  1.00 35.61 ? 158 ASP A O   1 
ATOM   1002 C CB  . ASP A 1 178 ? -24.798 -1.565  14.073  1.00 32.28 ? 158 ASP A CB  1 
ATOM   1003 C CG  . ASP A 1 178 ? -23.902 -2.442  14.874  1.00 36.50 ? 158 ASP A CG  1 
ATOM   1004 O OD1 . ASP A 1 178 ? -24.191 -3.679  14.952  1.00 36.68 ? 158 ASP A OD1 1 
ATOM   1005 O OD2 . ASP A 1 178 ? -22.909 -1.904  15.407  1.00 38.19 ? 158 ASP A OD2 1 
ATOM   1006 N N   . ARG A 1 179 ? -26.695 -0.678  11.739  1.00 33.36 ? 159 ARG A N   1 
ATOM   1007 C CA  . ARG A 1 179 ? -27.784 0.166   11.212  1.00 34.64 ? 159 ARG A CA  1 
ATOM   1008 C C   . ARG A 1 179 ? -28.789 -0.498  10.246  1.00 32.99 ? 159 ARG A C   1 
ATOM   1009 O O   . ARG A 1 179 ? -29.711 0.157   9.800   1.00 32.23 ? 159 ARG A O   1 
ATOM   1010 C CB  . ARG A 1 179 ? -27.240 1.492   10.645  1.00 35.46 ? 159 ARG A CB  1 
ATOM   1011 C CG  . ARG A 1 179 ? -26.560 1.408   9.303   1.00 37.49 ? 159 ARG A CG  1 
ATOM   1012 C CD  . ARG A 1 179 ? -25.868 2.702   8.900   1.00 41.61 ? 159 ARG A CD  1 
ATOM   1013 N NE  . ARG A 1 179 ? -25.430 2.614   7.487   1.00 48.79 ? 159 ARG A NE  1 
ATOM   1014 C CZ  . ARG A 1 179 ? -26.220 2.758   6.413   1.00 50.99 ? 159 ARG A CZ  1 
ATOM   1015 N NH1 . ARG A 1 179 ? -27.521 3.000   6.574   1.00 52.20 ? 159 ARG A NH1 1 
ATOM   1016 N NH2 . ARG A 1 179 ? -25.718 2.660   5.170   1.00 48.88 ? 159 ARG A NH2 1 
ATOM   1017 N N   . GLY A 1 180 ? -28.635 -1.790  9.936   1.00 32.30 ? 160 GLY A N   1 
ATOM   1018 C CA  . GLY A 1 180 ? -29.637 -2.525  9.114   1.00 29.38 ? 160 GLY A CA  1 
ATOM   1019 C C   . GLY A 1 180 ? -29.402 -2.414  7.629   1.00 29.70 ? 160 GLY A C   1 
ATOM   1020 O O   . GLY A 1 180 ? -30.172 -2.953  6.810   1.00 29.86 ? 160 GLY A O   1 
ATOM   1021 N N   . ALA A 1 181 ? -28.311 -1.736  7.256   1.00 28.67 ? 161 ALA A N   1 
ATOM   1022 C CA  . ALA A 1 181 ? -27.927 -1.568  5.835   1.00 27.75 ? 161 ALA A CA  1 
ATOM   1023 C C   . ALA A 1 181 ? -27.189 -2.791  5.224   1.00 26.32 ? 161 ALA A C   1 
ATOM   1024 O O   . ALA A 1 181 ? -27.263 -3.007  4.058   1.00 27.69 ? 161 ALA A O   1 
ATOM   1025 C CB  . ALA A 1 181 ? -27.051 -0.277  5.722   1.00 27.41 ? 161 ALA A CB  1 
ATOM   1026 N N   . ALA A 1 182 ? -26.546 -3.621  6.037   1.00 24.26 ? 162 ALA A N   1 
ATOM   1027 C CA  . ALA A 1 182 ? -25.815 -4.812  5.554   1.00 22.54 ? 162 ALA A CA  1 
ATOM   1028 C C   . ALA A 1 182 ? -26.261 -6.078  6.297   1.00 21.61 ? 162 ALA A C   1 
ATOM   1029 O O   . ALA A 1 182 ? -26.493 -6.017  7.458   1.00 22.05 ? 162 ALA A O   1 
ATOM   1030 C CB  . ALA A 1 182 ? -24.270 -4.594  5.774   1.00 21.45 ? 162 ALA A CB  1 
ATOM   1031 N N   . PRO A 1 183 ? -26.337 -7.227  5.630   1.00 21.38 ? 163 PRO A N   1 
ATOM   1032 C CA  . PRO A 1 183 ? -26.862 -8.433  6.319   1.00 21.84 ? 163 PRO A CA  1 
ATOM   1033 C C   . PRO A 1 183 ? -25.747 -9.094  7.147   1.00 23.12 ? 163 PRO A C   1 
ATOM   1034 O O   . PRO A 1 183 ? -24.548 -8.922  6.833   1.00 21.54 ? 163 PRO A O   1 
ATOM   1035 C CB  . PRO A 1 183 ? -27.311 -9.298  5.155   1.00 21.39 ? 163 PRO A CB  1 
ATOM   1036 C CG  . PRO A 1 183 ? -26.184 -8.958  3.999   1.00 21.55 ? 163 PRO A CG  1 
ATOM   1037 C CD  . PRO A 1 183 ? -26.146 -7.436  4.175   1.00 22.57 ? 163 PRO A CD  1 
ATOM   1038 N N   . ARG A 1 184 ? -26.109 -9.816  8.209   1.00 22.42 ? 164 ARG A N   1 
ATOM   1039 C CA  . ARG A 1 184 ? -25.126 -10.488 9.028   1.00 24.21 ? 164 ARG A CA  1 
ATOM   1040 C C   . ARG A 1 184 ? -24.767 -11.835 8.406   1.00 24.31 ? 164 ARG A C   1 
ATOM   1041 O O   . ARG A 1 184 ? -25.427 -12.849 8.703   1.00 23.16 ? 164 ARG A O   1 
ATOM   1042 C CB  . ARG A 1 184 ? -25.653 -10.690 10.492  1.00 25.12 ? 164 ARG A CB  1 
ATOM   1043 C CG  . ARG A 1 184 ? -25.707 -9.362  11.231  1.00 30.71 ? 164 ARG A CG  1 
ATOM   1044 C CD  . ARG A 1 184 ? -25.930 -9.465  12.799  1.00 36.08 ? 164 ARG A CD  1 
ATOM   1045 N NE  . ARG A 1 184 ? -26.223 -8.104  13.318  1.00 41.63 ? 164 ARG A NE  1 
ATOM   1046 C CZ  . ARG A 1 184 ? -25.307 -7.172  13.610  1.00 37.44 ? 164 ARG A CZ  1 
ATOM   1047 N NH1 . ARG A 1 184 ? -24.018 -7.421  13.467  1.00 38.81 ? 164 ARG A NH1 1 
ATOM   1048 N NH2 . ARG A 1 184 ? -25.677 -5.983  14.046  1.00 37.04 ? 164 ARG A NH2 1 
ATOM   1049 N N   . THR A 1 185 ? -23.754 -11.855 7.531   1.00 21.97 ? 165 THR A N   1 
ATOM   1050 C CA  . THR A 1 185 ? -23.376 -13.087 6.844   1.00 20.42 ? 165 THR A CA  1 
ATOM   1051 C C   . THR A 1 185 ? -22.072 -13.610 7.495   1.00 21.48 ? 165 THR A C   1 
ATOM   1052 O O   . THR A 1 185 ? -22.077 -14.033 8.660   1.00 19.17 ? 165 THR A O   1 
ATOM   1053 C CB  . THR A 1 185 ? -23.201 -12.774 5.351   1.00 21.60 ? 165 THR A CB  1 
ATOM   1054 O OG1 . THR A 1 185 ? -22.355 -11.613 5.246   1.00 15.67 ? 165 THR A OG1 1 
ATOM   1055 C CG2 . THR A 1 185 ? -24.591 -12.498 4.690   1.00 21.50 ? 165 THR A CG2 1 
ATOM   1056 N N   . LEU A 1 186 ? -20.941 -13.546 6.783   1.00 18.24 ? 166 LEU A N   1 
ATOM   1057 C CA  . LEU A 1 186 ? -19.644 -13.900 7.376   1.00 17.41 ? 166 LEU A CA  1 
ATOM   1058 C C   . LEU A 1 186 ? -19.295 -13.060 8.592   1.00 16.14 ? 166 LEU A C   1 
ATOM   1059 O O   . LEU A 1 186 ? -19.614 -11.874 8.621   1.00 18.30 ? 166 LEU A O   1 
ATOM   1060 C CB  . LEU A 1 186 ? -18.537 -13.665 6.344   1.00 15.75 ? 166 LEU A CB  1 
ATOM   1061 C CG  . LEU A 1 186 ? -18.459 -14.510 5.032   1.00 17.33 ? 166 LEU A CG  1 
ATOM   1062 C CD1 . LEU A 1 186 ? -17.208 -14.130 4.218   1.00 14.88 ? 166 LEU A CD1 1 
ATOM   1063 C CD2 . LEU A 1 186 ? -18.612 -16.088 5.323   1.00 19.76 ? 166 LEU A CD2 1 
ATOM   1064 N N   . PRO A 1 187 ? -18.573 -13.635 9.552   1.00 15.89 ? 167 PRO A N   1 
ATOM   1065 C CA  . PRO A 1 187 ? -17.833 -12.786 10.499  1.00 15.62 ? 167 PRO A CA  1 
ATOM   1066 C C   . PRO A 1 187 ? -17.112 -11.588 9.794   1.00 15.67 ? 167 PRO A C   1 
ATOM   1067 O O   . PRO A 1 187 ? -16.347 -11.765 8.784   1.00 14.16 ? 167 PRO A O   1 
ATOM   1068 C CB  . PRO A 1 187 ? -16.791 -13.750 11.060  1.00 15.43 ? 167 PRO A CB  1 
ATOM   1069 C CG  . PRO A 1 187 ? -17.509 -15.177 10.961  1.00 16.75 ? 167 PRO A CG  1 
ATOM   1070 C CD  . PRO A 1 187 ? -18.087 -15.055 9.595   1.00 16.31 ? 167 PRO A CD  1 
ATOM   1071 N N   . ALA A 1 188 ? -17.412 -10.382 10.287  1.00 14.22 ? 168 ALA A N   1 
ATOM   1072 C CA  . ALA A 1 188 ? -16.922 -9.158  9.626   1.00 15.73 ? 168 ALA A CA  1 
ATOM   1073 C C   . ALA A 1 188 ? -15.424 -9.112  9.470   1.00 13.85 ? 168 ALA A C   1 
ATOM   1074 O O   . ALA A 1 188 ? -14.902 -8.619  8.406   1.00 12.46 ? 168 ALA A O   1 
ATOM   1075 C CB  . ALA A 1 188 ? -17.470 -7.879  10.365  1.00 15.23 ? 168 ALA A CB  1 
ATOM   1076 N N   . HIS A 1 189 ? -14.689 -9.606  10.490  1.00 11.81 ? 169 HIS A N   1 
ATOM   1077 C CA  . HIS A 1 189 ? -13.281 -9.406  10.463  1.00 14.09 ? 169 HIS A CA  1 
ATOM   1078 C C   . HIS A 1 189 ? -12.621 -10.389 9.426   1.00 13.13 ? 169 HIS A C   1 
ATOM   1079 O O   . HIS A 1 189 ? -11.625 -10.055 8.768   1.00 11.65 ? 169 HIS A O   1 
ATOM   1080 C CB  . HIS A 1 189 ? -12.691 -9.560  11.893  1.00 15.55 ? 169 HIS A CB  1 
ATOM   1081 C CG  . HIS A 1 189 ? -11.252 -9.181  11.997  1.00 14.56 ? 169 HIS A CG  1 
ATOM   1082 N ND1 . HIS A 1 189 ? -10.233 -10.069 11.764  1.00 14.44 ? 169 HIS A ND1 1 
ATOM   1083 C CD2 . HIS A 1 189 ? -10.664 -7.985  12.260  1.00 11.50 ? 169 HIS A CD2 1 
ATOM   1084 C CE1 . HIS A 1 189 ? -9.059  -9.450  11.898  1.00 15.59 ? 169 HIS A CE1 1 
ATOM   1085 N NE2 . HIS A 1 189 ? -9.293  -8.183  12.206  1.00 14.62 ? 169 HIS A NE2 1 
ATOM   1086 N N   . GLU A 1 190 ? -13.197 -11.566 9.296   1.00 11.52 ? 170 GLU A N   1 
ATOM   1087 C CA  . GLU A 1 190 ? -12.749 -12.522 8.272   1.00 11.47 ? 170 GLU A CA  1 
ATOM   1088 C C   . GLU A 1 190 ? -13.064 -11.999 6.855   1.00 10.19 ? 170 GLU A C   1 
ATOM   1089 O O   . GLU A 1 190 ? -12.222 -12.140 5.984   1.00 9.49  ? 170 GLU A O   1 
ATOM   1090 C CB  . GLU A 1 190 ? -13.424 -13.908 8.478   1.00 10.69 ? 170 GLU A CB  1 
ATOM   1091 C CG  . GLU A 1 190 ? -12.965 -14.462 9.870   1.00 13.31 ? 170 GLU A CG  1 
ATOM   1092 C CD  . GLU A 1 190 ? -13.665 -15.741 10.353  1.00 18.77 ? 170 GLU A CD  1 
ATOM   1093 O OE1 . GLU A 1 190 ? -14.544 -16.287 9.628   1.00 14.43 ? 170 GLU A OE1 1 
ATOM   1094 O OE2 . GLU A 1 190 ? -13.286 -16.204 11.503  1.00 21.58 ? 170 GLU A OE2 1 
ATOM   1095 N N   . LEU A 1 191 ? -14.280 -11.502 6.638   1.00 9.86  ? 171 LEU A N   1 
ATOM   1096 C CA  . LEU A 1 191 ? -14.648 -10.906 5.351   1.00 11.05 ? 171 LEU A CA  1 
ATOM   1097 C C   . LEU A 1 191 ? -13.710 -9.763  5.001   1.00 10.27 ? 171 LEU A C   1 
ATOM   1098 O O   . LEU A 1 191 ? -13.117 -9.727  3.891   1.00 10.34 ? 171 LEU A O   1 
ATOM   1099 C CB  . LEU A 1 191 ? -16.110 -10.412 5.386   1.00 10.26 ? 171 LEU A CB  1 
ATOM   1100 C CG  . LEU A 1 191 ? -16.518 -9.603  4.163   1.00 13.83 ? 171 LEU A CG  1 
ATOM   1101 C CD1 . LEU A 1 191 ? -16.446 -10.479 2.805   1.00 9.17  ? 171 LEU A CD1 1 
ATOM   1102 C CD2 . LEU A 1 191 ? -18.061 -9.191  4.444   1.00 16.27 ? 171 LEU A CD2 1 
ATOM   1103 N N   . ALA A 1 192 ? -13.465 -8.885  5.982   1.00 10.19 ? 172 ALA A N   1 
ATOM   1104 C CA  . ALA A 1 192 ? -12.511 -7.784  5.772   1.00 10.53 ? 172 ALA A CA  1 
ATOM   1105 C C   . ALA A 1 192 ? -11.096 -8.292  5.436   1.00 11.74 ? 172 ALA A C   1 
ATOM   1106 O O   . ALA A 1 192 ? -10.383 -7.681  4.637   1.00 10.49 ? 172 ALA A O   1 
ATOM   1107 C CB  . ALA A 1 192 ? -12.473 -6.842  7.014   1.00 10.73 ? 172 ALA A CB  1 
ATOM   1108 N N   . THR A 1 193 ? -10.618 -9.320  6.155   1.00 9.80  ? 173 THR A N   1 
ATOM   1109 C CA  . THR A 1 193 ? -9.305  -9.816  5.844   1.00 11.72 ? 173 THR A CA  1 
ATOM   1110 C C   . THR A 1 193 ? -9.199  -10.254 4.368   1.00 11.70 ? 173 THR A C   1 
ATOM   1111 O O   . THR A 1 193 ? -8.249  -9.878  3.704   1.00 9.67  ? 173 THR A O   1 
ATOM   1112 C CB  . THR A 1 193 ? -8.938  -11.034 6.783   1.00 13.66 ? 173 THR A CB  1 
ATOM   1113 O OG1 . THR A 1 193 ? -8.910  -10.539 8.126   1.00 13.24 ? 173 THR A OG1 1 
ATOM   1114 C CG2 . THR A 1 193 ? -7.523  -11.538 6.515   1.00 13.15 ? 173 THR A CG2 1 
ATOM   1115 N N   . ALA A 1 194 ? -10.101 -11.124 3.919   1.00 9.08  ? 174 ALA A N   1 
ATOM   1116 C CA  . ALA A 1 194 ? -10.028 -11.632 2.479   1.00 9.59  ? 174 ALA A CA  1 
ATOM   1117 C C   . ALA A 1 194 ? -10.119 -10.494 1.480   1.00 8.68  ? 174 ALA A C   1 
ATOM   1118 O O   . ALA A 1 194 ? -9.427  -10.483 0.481   1.00 9.38  ? 174 ALA A O   1 
ATOM   1119 C CB  . ALA A 1 194 ? -11.199 -12.654 2.212   1.00 8.98  ? 174 ALA A CB  1 
ATOM   1120 N N   . LEU A 1 195 ? -11.014 -9.538  1.725   1.00 7.71  ? 175 LEU A N   1 
ATOM   1121 C CA  . LEU A 1 195 ? -11.165 -8.418  0.788   1.00 7.67  ? 175 LEU A CA  1 
ATOM   1122 C C   . LEU A 1 195 ? -9.911  -7.541  0.739   1.00 9.98  ? 175 LEU A C   1 
ATOM   1123 O O   . LEU A 1 195 ? -9.547  -7.070  -0.315  1.00 8.64  ? 175 LEU A O   1 
ATOM   1124 C CB  . LEU A 1 195 ? -12.407 -7.556  1.167   1.00 7.40  ? 175 LEU A CB  1 
ATOM   1125 C CG  . LEU A 1 195 ? -13.829 -8.263  1.003   1.00 4.94  ? 175 LEU A CG  1 
ATOM   1126 C CD1 . LEU A 1 195 ? -14.957 -7.299  1.476   1.00 10.82 ? 175 LEU A CD1 1 
ATOM   1127 C CD2 . LEU A 1 195 ? -14.020 -8.586  -0.510  1.00 7.26  ? 175 LEU A CD2 1 
ATOM   1128 N N   . ASN A 1 196 ? -9.338  -7.238  1.906   1.00 9.08  ? 176 ASN A N   1 
ATOM   1129 C CA  . ASN A 1 196 ? -8.093  -6.493  1.931   1.00 9.65  ? 176 ASN A CA  1 
ATOM   1130 C C   . ASN A 1 196 ? -6.905  -7.235  1.291   1.00 10.79 ? 176 ASN A C   1 
ATOM   1131 O O   . ASN A 1 196 ? -6.107  -6.606  0.582   1.00 10.03 ? 176 ASN A O   1 
ATOM   1132 C CB  . ASN A 1 196 ? -7.814  -6.094  3.405   1.00 8.99  ? 176 ASN A CB  1 
ATOM   1133 C CG  . ASN A 1 196 ? -8.549  -4.771  3.718   1.00 14.45 ? 176 ASN A CG  1 
ATOM   1134 O OD1 . ASN A 1 196 ? -8.241  -3.778  3.062   1.00 22.16 ? 176 ASN A OD1 1 
ATOM   1135 N ND2 . ASN A 1 196 ? -9.606  -4.816  4.456   1.00 11.09 ? 176 ASN A ND2 1 
ATOM   1136 N N   . LEU A 1 197 ? -6.809  -8.554  1.512   1.00 8.54  ? 177 LEU A N   1 
ATOM   1137 C CA  . LEU A 1 197 ? -5.726  -9.329  0.858   1.00 9.23  ? 177 LEU A CA  1 
ATOM   1138 C C   . LEU A 1 197 ? -5.959  -9.341  -0.672  1.00 9.42  ? 177 LEU A C   1 
ATOM   1139 O O   . LEU A 1 197 ? -5.027  -9.277  -1.471  1.00 9.89  ? 177 LEU A O   1 
ATOM   1140 C CB  . LEU A 1 197 ? -5.685  -10.795 1.411   1.00 9.71  ? 177 LEU A CB  1 
ATOM   1141 C CG  . LEU A 1 197 ? -5.128  -10.900 2.880   1.00 9.42  ? 177 LEU A CG  1 
ATOM   1142 C CD1 . LEU A 1 197 ? -5.190  -12.395 3.271   1.00 9.86  ? 177 LEU A CD1 1 
ATOM   1143 C CD2 . LEU A 1 197 ? -3.656  -10.399 2.885   1.00 11.97 ? 177 LEU A CD2 1 
ATOM   1144 N N   . MET A 1 198 ? -7.223  -9.499  -1.067  1.00 9.78  ? 178 MET A N   1 
ATOM   1145 C CA  . MET A 1 198 ? -7.515  -9.357  -2.489  1.00 11.31 ? 178 MET A CA  1 
ATOM   1146 C C   . MET A 1 198 ? -6.996  -7.999  -3.009  1.00 10.48 ? 178 MET A C   1 
ATOM   1147 O O   . MET A 1 198 ? -6.391  -7.958  -4.103  1.00 11.20 ? 178 MET A O   1 
ATOM   1148 C CB  . MET A 1 198 ? -9.008  -9.448  -2.746  1.00 9.80  ? 178 MET A CB  1 
ATOM   1149 C CG  . MET A 1 198 ? -9.396  -9.071  -4.315  1.00 10.30 ? 178 MET A CG  1 
ATOM   1150 S SD  . MET A 1 198 ? -11.158 -9.189  -4.671  1.00 11.55 ? 178 MET A SD  1 
ATOM   1151 C CE  . MET A 1 198 ? -11.919 -7.821  -3.694  1.00 8.50  ? 178 MET A CE  1 
ATOM   1152 N N   . ASN A 1 199 ? -7.322  -6.890  -2.315  1.00 10.07 ? 179 ASN A N   1 
ATOM   1153 C CA  . ASN A 1 199 ? -6.897  -5.576  -2.828  1.00 10.60 ? 179 ASN A CA  1 
ATOM   1154 C C   . ASN A 1 199 ? -5.397  -5.482  -2.913  1.00 10.12 ? 179 ASN A C   1 
ATOM   1155 O O   . ASN A 1 199 ? -4.856  -5.000  -3.918  1.00 9.32  ? 179 ASN A O   1 
ATOM   1156 C CB  . ASN A 1 199 ? -7.413  -4.448  -1.930  1.00 9.16  ? 179 ASN A CB  1 
ATOM   1157 C CG  . ASN A 1 199 ? -8.840  -4.152  -2.181  1.00 12.58 ? 179 ASN A CG  1 
ATOM   1158 O OD1 . ASN A 1 199 ? -9.581  -4.995  -2.770  1.00 10.37 ? 179 ASN A OD1 1 
ATOM   1159 N ND2 . ASN A 1 199 ? -9.298  -2.996  -1.669  1.00 11.04 ? 179 ASN A ND2 1 
ATOM   1160 N N   . GLU A 1 200 ? -4.728  -5.945  -1.853  1.00 10.90 ? 180 GLU A N   1 
ATOM   1161 C CA  . GLU A 1 200 ? -3.220  -5.962  -1.867  1.00 11.14 ? 180 GLU A CA  1 
ATOM   1162 C C   . GLU A 1 200 ? -2.678  -6.695  -3.110  1.00 11.43 ? 180 GLU A C   1 
ATOM   1163 O O   . GLU A 1 200 ? -1.912  -6.123  -3.958  1.00 12.21 ? 180 GLU A O   1 
ATOM   1164 C CB  . GLU A 1 200 ? -2.687  -6.580  -0.561  1.00 12.26 ? 180 GLU A CB  1 
ATOM   1165 C CG  . GLU A 1 200 ? -1.150  -6.899  -0.639  1.00 13.23 ? 180 GLU A CG  1 
ATOM   1166 C CD  . GLU A 1 200 ? -0.688  -7.829  0.472   1.00 15.97 ? 180 GLU A CD  1 
ATOM   1167 O OE1 . GLU A 1 200 ? -0.985  -7.589  1.617   1.00 12.38 ? 180 GLU A OE1 1 
ATOM   1168 O OE2 . GLU A 1 200 ? 0.008   -8.790  0.212   1.00 17.19 ? 180 GLU A OE2 1 
ATOM   1169 N N   . ARG A 1 201 ? -3.170  -7.915  -3.326  1.00 7.87  ? 181 ARG A N   1 
ATOM   1170 C CA  . ARG A 1 201 ? -2.604  -8.735  -4.418  1.00 9.64  ? 181 ARG A CA  1 
ATOM   1171 C C   . ARG A 1 201 ? -2.999  -8.157  -5.769  1.00 10.51 ? 181 ARG A C   1 
ATOM   1172 O O   . ARG A 1 201 ? -2.158  -8.046  -6.730  1.00 11.44 ? 181 ARG A O   1 
ATOM   1173 C CB  . ARG A 1 201 ? -3.167  -10.190 -4.340  1.00 9.34  ? 181 ARG A CB  1 
ATOM   1174 C CG  . ARG A 1 201 ? -2.562  -11.143 -5.386  1.00 12.82 ? 181 ARG A CG  1 
ATOM   1175 C CD  . ARG A 1 201 ? -1.074  -11.383 -5.002  1.00 14.65 ? 181 ARG A CD  1 
ATOM   1176 N NE  . ARG A 1 201 ? -0.466  -12.106 -6.075  1.00 20.44 ? 181 ARG A NE  1 
ATOM   1177 C CZ  . ARG A 1 201 ? 0.248   -11.575 -7.054  1.00 24.61 ? 181 ARG A CZ  1 
ATOM   1178 N NH1 . ARG A 1 201 ? 0.483   -10.265 -7.118  1.00 20.81 ? 181 ARG A NH1 1 
ATOM   1179 N NH2 . ARG A 1 201 ? 0.764   -12.406 -7.947  1.00 25.56 ? 181 ARG A NH2 1 
ATOM   1180 N N   . THR A 1 202 ? -4.273  -7.750  -5.882  1.00 9.00  ? 182 THR A N   1 
ATOM   1181 C CA  . THR A 1 202 ? -4.782  -7.270  -7.179  1.00 10.44 ? 182 THR A CA  1 
ATOM   1182 C C   . THR A 1 202 ? -4.194  -5.898  -7.573  1.00 11.47 ? 182 THR A C   1 
ATOM   1183 O O   . THR A 1 202 ? -3.819  -5.687  -8.736  1.00 9.57  ? 182 THR A O   1 
ATOM   1184 C CB  . THR A 1 202 ? -6.370  -7.290  -7.153  1.00 12.57 ? 182 THR A CB  1 
ATOM   1185 O OG1 . THR A 1 202 ? -6.798  -8.645  -6.854  1.00 13.25 ? 182 THR A OG1 1 
ATOM   1186 C CG2 . THR A 1 202 ? -6.947  -6.900  -8.551  1.00 12.26 ? 182 THR A CG2 1 
ATOM   1187 N N   . LEU A 1 203 ? -4.145  -4.941  -6.618  1.00 9.49  ? 183 LEU A N   1 
ATOM   1188 C CA  . LEU A 1 203 ? -3.508  -3.627  -6.905  1.00 10.97 ? 183 LEU A CA  1 
ATOM   1189 C C   . LEU A 1 203 ? -2.073  -3.786  -7.356  1.00 11.75 ? 183 LEU A C   1 
ATOM   1190 O O   . LEU A 1 203 ? -1.669  -3.186  -8.403  1.00 12.29 ? 183 LEU A O   1 
ATOM   1191 C CB  . LEU A 1 203 ? -3.560  -2.677  -5.705  1.00 9.73  ? 183 LEU A CB  1 
ATOM   1192 C CG  . LEU A 1 203 ? -4.988  -2.201  -5.364  1.00 11.04 ? 183 LEU A CG  1 
ATOM   1193 C CD1 . LEU A 1 203 ? -5.047  -1.502  -3.964  1.00 11.83 ? 183 LEU A CD1 1 
ATOM   1194 C CD2 . LEU A 1 203 ? -5.701  -1.292  -6.476  1.00 16.42 ? 183 LEU A CD2 1 
ATOM   1195 N N   . PHE A 1 204 ? -1.312  -4.569  -6.599  1.00 13.45 ? 184 PHE A N   1 
ATOM   1196 C CA  . PHE A 1 204 ? 0.120   -4.723  -6.868  1.00 16.13 ? 184 PHE A CA  1 
ATOM   1197 C C   . PHE A 1 204 ? 0.388   -5.489  -8.128  1.00 15.75 ? 184 PHE A C   1 
ATOM   1198 O O   . PHE A 1 204 ? 1.287   -5.081  -8.874  1.00 13.90 ? 184 PHE A O   1 
ATOM   1199 C CB  . PHE A 1 204 ? 0.938   -5.231  -5.650  1.00 18.66 ? 184 PHE A CB  1 
ATOM   1200 C CG  . PHE A 1 204 ? 0.749   -4.329  -4.416  1.00 23.34 ? 184 PHE A CG  1 
ATOM   1201 C CD1 . PHE A 1 204 ? 0.321   -2.996  -4.582  1.00 29.09 ? 184 PHE A CD1 1 
ATOM   1202 C CD2 . PHE A 1 204 ? 0.847   -4.822  -3.119  1.00 28.83 ? 184 PHE A CD2 1 
ATOM   1203 C CE1 . PHE A 1 204 ? 0.079   -2.156  -3.478  1.00 29.76 ? 184 PHE A CE1 1 
ATOM   1204 C CE2 . PHE A 1 204 ? 0.641   -3.964  -1.986  1.00 26.14 ? 184 PHE A CE2 1 
ATOM   1205 C CZ  . PHE A 1 204 ? 0.253   -2.644  -2.177  1.00 28.57 ? 184 PHE A CZ  1 
ATOM   1206 N N   . ALA A 1 205 ? -0.415  -6.526  -8.416  1.00 14.19 ? 185 ALA A N   1 
ATOM   1207 C CA  . ALA A 1 205 ? -0.298  -7.165  -9.737  1.00 15.49 ? 185 ALA A CA  1 
ATOM   1208 C C   . ALA A 1 205 ? -0.614  -6.182  -10.904 1.00 15.28 ? 185 ALA A C   1 
ATOM   1209 O O   . ALA A 1 205 ? 0.101   -6.209  -11.932 1.00 15.77 ? 185 ALA A O   1 
ATOM   1210 C CB  . ALA A 1 205 ? -1.198  -8.440  -9.853  1.00 15.35 ? 185 ALA A CB  1 
ATOM   1211 N N   . SER A 1 206 ? -1.660  -5.350  -10.776 1.00 13.17 ? 186 SER A N   1 
ATOM   1212 C CA  . SER A 1 206 ? -1.994  -4.381  -11.833 1.00 14.64 ? 186 SER A CA  1 
ATOM   1213 C C   . SER A 1 206 ? -0.866  -3.346  -12.001 1.00 15.90 ? 186 SER A C   1 
ATOM   1214 O O   . SER A 1 206 ? -0.516  -3.003  -13.147 1.00 16.28 ? 186 SER A O   1 
ATOM   1215 C CB  . SER A 1 206 ? -3.312  -3.601  -11.527 1.00 12.59 ? 186 SER A CB  1 
ATOM   1216 O OG  . SER A 1 206 ? -4.347  -4.547  -11.654 1.00 21.52 ? 186 SER A OG  1 
ATOM   1217 N N   . PHE A 1 207 ? -0.363  -2.819  -10.883 1.00 13.99 ? 187 PHE A N   1 
ATOM   1218 C CA  . PHE A 1 207 ? 0.689   -1.809  -10.957 1.00 17.07 ? 187 PHE A CA  1 
ATOM   1219 C C   . PHE A 1 207 ? 2.001   -2.374  -11.545 1.00 20.44 ? 187 PHE A C   1 
ATOM   1220 O O   . PHE A 1 207 ? 2.705   -1.651  -12.225 1.00 23.08 ? 187 PHE A O   1 
ATOM   1221 C CB  . PHE A 1 207 ? 1.024   -1.215  -9.565  1.00 15.29 ? 187 PHE A CB  1 
ATOM   1222 C CG  . PHE A 1 207 ? -0.128  -0.437  -8.947  1.00 14.68 ? 187 PHE A CG  1 
ATOM   1223 C CD1 . PHE A 1 207 ? -1.067  0.155   -9.726  1.00 15.17 ? 187 PHE A CD1 1 
ATOM   1224 C CD2 . PHE A 1 207 ? -0.213  -0.293  -7.559  1.00 17.92 ? 187 PHE A CD2 1 
ATOM   1225 C CE1 . PHE A 1 207 ? -2.128  0.860   -9.177  1.00 15.84 ? 187 PHE A CE1 1 
ATOM   1226 C CE2 . PHE A 1 207 ? -1.268  0.427   -6.981  1.00 20.61 ? 187 PHE A CE2 1 
ATOM   1227 C CZ  . PHE A 1 207 ? -2.226  1.010   -7.771  1.00 19.94 ? 187 PHE A CZ  1 
ATOM   1228 N N   . ALA A 1 208 ? 2.343   -3.610  -11.222 1.00 21.48 ? 188 ALA A N   1 
ATOM   1229 C CA  . ALA A 1 208 ? 3.551   -4.276  -11.761 1.00 22.90 ? 188 ALA A CA  1 
ATOM   1230 C C   . ALA A 1 208 ? 3.392   -4.779  -13.203 1.00 24.11 ? 188 ALA A C   1 
ATOM   1231 O O   . ALA A 1 208 ? 4.374   -5.321  -13.754 1.00 26.11 ? 188 ALA A O   1 
ATOM   1232 C CB  . ALA A 1 208 ? 3.949   -5.437  -10.830 1.00 22.61 ? 188 ALA A CB  1 
ATOM   1233 N N   . GLY A 1 209 ? 2.218   -4.618  -13.803 1.00 21.86 ? 189 GLY A N   1 
ATOM   1234 C CA  . GLY A 1 209 ? 1.852   -5.200  -15.133 1.00 24.17 ? 189 GLY A CA  1 
ATOM   1235 C C   . GLY A 1 209 ? 2.043   -6.755  -15.160 1.00 25.47 ? 189 GLY A C   1 
ATOM   1236 O O   . GLY A 1 209 ? 2.377   -7.345  -16.211 1.00 23.30 ? 189 GLY A O   1 
ATOM   1237 N N   . GLU A 1 210 ? 1.753   -7.415  -14.029 1.00 22.78 ? 190 GLU A N   1 
ATOM   1238 C CA  . GLU A 1 210 ? 1.880   -8.875  -13.952 1.00 23.10 ? 190 GLU A CA  1 
ATOM   1239 C C   . GLU A 1 210 ? 1.016   -9.576  -14.938 1.00 21.99 ? 190 GLU A C   1 
ATOM   1240 O O   . GLU A 1 210 ? -0.017  -9.074  -15.371 1.00 22.61 ? 190 GLU A O   1 
ATOM   1241 C CB  . GLU A 1 210 ? 1.574   -9.389  -12.535 1.00 21.65 ? 190 GLU A CB  1 
ATOM   1242 C CG  . GLU A 1 210 ? 2.688   -9.144  -11.556 1.00 22.97 ? 190 GLU A CG  1 
ATOM   1243 C CD  . GLU A 1 210 ? 2.384   -9.822  -10.189 1.00 25.21 ? 190 GLU A CD  1 
ATOM   1244 O OE1 . GLU A 1 210 ? 1.790   -10.903 -10.180 1.00 22.91 ? 190 GLU A OE1 1 
ATOM   1245 O OE2 . GLU A 1 210 ? 2.714   -9.268  -9.140  1.00 28.03 ? 190 GLU A OE2 1 
ATOM   1246 N N   . GLN A 1 211 ? 1.423   -10.793 -15.298 1.00 23.34 ? 191 GLN A N   1 
ATOM   1247 C CA  . GLN A 1 211 ? 0.571   -11.664 -16.073 1.00 24.56 ? 191 GLN A CA  1 
ATOM   1248 C C   . GLN A 1 211 ? 0.199   -12.855 -15.185 1.00 22.67 ? 191 GLN A C   1 
ATOM   1249 O O   . GLN A 1 211 ? 1.078   -13.622 -14.808 1.00 24.18 ? 191 GLN A O   1 
ATOM   1250 C CB  . GLN A 1 211 ? 1.335   -12.174 -17.339 1.00 27.13 ? 191 GLN A CB  1 
ATOM   1251 C CG  . GLN A 1 211 ? 0.778   -11.572 -18.614 1.00 35.90 ? 191 GLN A CG  1 
ATOM   1252 C CD  . GLN A 1 211 ? -0.733  -11.876 -18.718 1.00 45.56 ? 191 GLN A CD  1 
ATOM   1253 O OE1 . GLN A 1 211 ? -1.573  -10.956 -18.743 1.00 50.05 ? 191 GLN A OE1 1 
ATOM   1254 N NE2 . GLN A 1 211 ? -1.081  -13.172 -18.696 1.00 46.73 ? 191 GLN A NE2 1 
ATOM   1255 N N   . PRO A 1 212 ? -1.085  -13.017 -14.816 1.00 19.40 ? 192 PRO A N   1 
ATOM   1256 C CA  . PRO A 1 212 ? -2.299  -12.265 -15.092 1.00 17.75 ? 192 PRO A CA  1 
ATOM   1257 C C   . PRO A 1 212 ? -2.447  -10.993 -14.219 1.00 15.76 ? 192 PRO A C   1 
ATOM   1258 O O   . PRO A 1 212 ? -1.998  -10.926 -13.058 1.00 16.03 ? 192 PRO A O   1 
ATOM   1259 C CB  . PRO A 1 212 ? -3.397  -13.291 -14.688 1.00 18.34 ? 192 PRO A CB  1 
ATOM   1260 C CG  . PRO A 1 212 ? -2.821  -13.925 -13.422 1.00 17.53 ? 192 PRO A CG  1 
ATOM   1261 C CD  . PRO A 1 212 ? -1.324  -14.125 -13.831 1.00 19.68 ? 192 PRO A CD  1 
ATOM   1262 N N   . SER A 1 213 ? -3.211  -10.015 -14.691 1.00 14.76 ? 193 SER A N   1 
ATOM   1263 C CA  . SER A 1 213 ? -3.580  -8.923  -13.806 1.00 14.20 ? 193 SER A CA  1 
ATOM   1264 C C   . SER A 1 213 ? -4.772  -8.277  -14.421 1.00 14.84 ? 193 SER A C   1 
ATOM   1265 O O   . SER A 1 213 ? -5.079  -8.455  -15.619 1.00 14.02 ? 193 SER A O   1 
ATOM   1266 C CB  . SER A 1 213 ? -2.434  -7.881  -13.600 1.00 13.32 ? 193 SER A CB  1 
ATOM   1267 O OG  . SER A 1 213 ? -1.981  -7.393  -14.895 1.00 15.02 ? 193 SER A OG  1 
ATOM   1268 N N   . VAL A 1 214 ? -5.448  -7.495  -13.618 1.00 14.71 ? 194 VAL A N   1 
ATOM   1269 C CA  . VAL A 1 214 ? -6.577  -6.692  -14.136 1.00 14.26 ? 194 VAL A CA  1 
ATOM   1270 C C   . VAL A 1 214 ? -5.886  -5.420  -14.665 1.00 15.17 ? 194 VAL A C   1 
ATOM   1271 O O   . VAL A 1 214 ? -4.998  -4.908  -14.039 1.00 11.75 ? 194 VAL A O   1 
ATOM   1272 C CB  . VAL A 1 214 ? -7.529  -6.324  -12.984 1.00 14.76 ? 194 VAL A CB  1 
ATOM   1273 C CG1 . VAL A 1 214 ? -8.651  -5.342  -13.417 1.00 12.01 ? 194 VAL A CG1 1 
ATOM   1274 C CG2 . VAL A 1 214 ? -8.174  -7.626  -12.322 1.00 13.55 ? 194 VAL A CG2 1 
ATOM   1275 N N   . PRO A 1 215 ? -6.299  -4.922  -15.839 1.00 15.48 ? 195 PRO A N   1 
ATOM   1276 C CA  . PRO A 1 215 ? -5.688  -3.656  -16.310 1.00 15.64 ? 195 PRO A CA  1 
ATOM   1277 C C   . PRO A 1 215 ? -5.886  -2.564  -15.270 1.00 14.84 ? 195 PRO A C   1 
ATOM   1278 O O   . PRO A 1 215 ? -6.986  -2.429  -14.604 1.00 12.89 ? 195 PRO A O   1 
ATOM   1279 C CB  . PRO A 1 215 ? -6.557  -3.302  -17.550 1.00 15.65 ? 195 PRO A CB  1 
ATOM   1280 C CG  . PRO A 1 215 ? -7.030  -4.736  -18.095 1.00 17.24 ? 195 PRO A CG  1 
ATOM   1281 C CD  . PRO A 1 215 ? -7.107  -5.636  -16.858 1.00 16.17 ? 195 PRO A CD  1 
ATOM   1282 N N   . GLU A 1 216 ? -4.848  -1.749  -15.106 1.00 12.99 ? 196 GLU A N   1 
ATOM   1283 C CA  . GLU A 1 216 ? -4.944  -0.673  -14.112 1.00 14.42 ? 196 GLU A CA  1 
ATOM   1284 C C   . GLU A 1 216 ? -6.186  0.189   -14.281 1.00 13.83 ? 196 GLU A C   1 
ATOM   1285 O O   . GLU A 1 216 ? -6.798  0.632   -13.280 1.00 12.55 ? 196 GLU A O   1 
ATOM   1286 C CB  . GLU A 1 216 ? -3.687  0.217   -14.219 1.00 15.39 ? 196 GLU A CB  1 
ATOM   1287 C CG  . GLU A 1 216 ? -3.680  1.313   -13.158 1.00 21.37 ? 196 GLU A CG  1 
ATOM   1288 C CD  . GLU A 1 216 ? -2.280  1.929   -12.959 1.00 28.66 ? 196 GLU A CD  1 
ATOM   1289 O OE1 . GLU A 1 216 ? -1.271  1.297   -13.384 1.00 31.00 ? 196 GLU A OE1 1 
ATOM   1290 O OE2 . GLU A 1 216 ? -2.233  3.030   -12.361 1.00 31.47 ? 196 GLU A OE2 1 
ATOM   1291 N N   . ALA A 1 217 ? -6.553  0.487   -15.531 1.00 12.40 ? 197 ALA A N   1 
ATOM   1292 C CA  . ALA A 1 217 ? -7.788  1.256   -15.724 1.00 13.92 ? 197 ALA A CA  1 
ATOM   1293 C C   . ALA A 1 217 ? -9.086  0.506   -15.380 1.00 12.88 ? 197 ALA A C   1 
ATOM   1294 O O   . ALA A 1 217 ? -10.154 1.106   -15.411 1.00 15.34 ? 197 ALA A O   1 
ATOM   1295 C CB  . ALA A 1 217 ? -7.906  1.736   -17.276 1.00 15.41 ? 197 ALA A CB  1 
ATOM   1296 N N   . ARG A 1 218 ? -9.035  -0.770  -15.045 1.00 10.86 ? 198 ARG A N   1 
ATOM   1297 C CA  . ARG A 1 218 ? -10.307 -1.510  -14.676 1.00 9.19  ? 198 ARG A CA  1 
ATOM   1298 C C   . ARG A 1 218 ? -10.271 -1.979  -13.226 1.00 11.05 ? 198 ARG A C   1 
ATOM   1299 O O   . ARG A 1 218 ? -11.256 -2.487  -12.712 1.00 11.55 ? 198 ARG A O   1 
ATOM   1300 C CB  . ARG A 1 218 ? -10.409 -2.746  -15.576 1.00 11.40 ? 198 ARG A CB  1 
ATOM   1301 C CG  . ARG A 1 218 ? -10.671 -2.315  -17.060 1.00 12.75 ? 198 ARG A CG  1 
ATOM   1302 C CD  . ARG A 1 218 ? -12.088 -1.675  -17.237 1.00 12.99 ? 198 ARG A CD  1 
ATOM   1303 N NE  . ARG A 1 218 ? -13.113 -2.475  -16.512 1.00 16.94 ? 198 ARG A NE  1 
ATOM   1304 C CZ  . ARG A 1 218 ? -14.189 -1.989  -15.914 1.00 19.80 ? 198 ARG A CZ  1 
ATOM   1305 N NH1 . ARG A 1 218 ? -14.502 -0.678  -16.014 1.00 21.73 ? 198 ARG A NH1 1 
ATOM   1306 N NH2 . ARG A 1 218 ? -14.988 -2.809  -15.195 1.00 18.03 ? 198 ARG A NH2 1 
ATOM   1307 N N   . VAL A 1 219 ? -9.127  -1.826  -12.578 1.00 10.14 ? 199 VAL A N   1 
ATOM   1308 C CA  . VAL A 1 219 ? -8.991  -2.476  -11.247 1.00 12.34 ? 199 VAL A CA  1 
ATOM   1309 C C   . VAL A 1 219 ? -9.909  -1.829  -10.152 1.00 11.44 ? 199 VAL A C   1 
ATOM   1310 O O   . VAL A 1 219 ? -10.487 -2.529  -9.302  1.00 11.96 ? 199 VAL A O   1 
ATOM   1311 C CB  . VAL A 1 219 ? -7.465  -2.681  -10.884 1.00 13.16 ? 199 VAL A CB  1 
ATOM   1312 C CG1 . VAL A 1 219 ? -6.954  -1.405  -10.475 1.00 12.88 ? 199 VAL A CG1 1 
ATOM   1313 C CG2 . VAL A 1 219 ? -7.364  -3.774  -9.758  1.00 14.41 ? 199 VAL A CG2 1 
ATOM   1314 N N   . LEU A 1 220 ? -10.032 -0.482  -10.125 1.00 12.72 ? 200 LEU A N   1 
ATOM   1315 C CA  . LEU A 1 220 ? -10.885 0.114   -9.093  1.00 12.96 ? 200 LEU A CA  1 
ATOM   1316 C C   . LEU A 1 220 ? -12.354 -0.396  -9.217  1.00 12.56 ? 200 LEU A C   1 
ATOM   1317 O O   . LEU A 1 220 ? -12.949 -0.843  -8.224  1.00 13.49 ? 200 LEU A O   1 
ATOM   1318 C CB  . LEU A 1 220 ? -10.849 1.646   -9.171  1.00 13.30 ? 200 LEU A CB  1 
ATOM   1319 C CG  . LEU A 1 220 ? -11.634 2.345   -8.081  1.00 15.04 ? 200 LEU A CG  1 
ATOM   1320 C CD1 . LEU A 1 220 ? -11.030 2.042   -6.687  1.00 14.03 ? 200 LEU A CD1 1 
ATOM   1321 C CD2 . LEU A 1 220 ? -11.508 3.894   -8.423  1.00 17.61 ? 200 LEU A CD2 1 
ATOM   1322 N N   . ASP A 1 221 ? -12.944 -0.378  -10.417 1.00 11.82 ? 201 ASP A N   1 
ATOM   1323 C CA  . ASP A 1 221 ? -14.338 -0.834  -10.601 1.00 13.10 ? 201 ASP A CA  1 
ATOM   1324 C C   . ASP A 1 221 ? -14.482 -2.334  -10.245 1.00 12.28 ? 201 ASP A C   1 
ATOM   1325 O O   . ASP A 1 221 ? -15.487 -2.766  -9.720  1.00 11.01 ? 201 ASP A O   1 
ATOM   1326 C CB  . ASP A 1 221 ? -14.794 -0.718  -12.090 1.00 13.87 ? 201 ASP A CB  1 
ATOM   1327 C CG  . ASP A 1 221 ? -15.268 0.723   -12.498 1.00 22.59 ? 201 ASP A CG  1 
ATOM   1328 O OD1 . ASP A 1 221 ? -15.337 1.618   -11.642 1.00 18.84 ? 201 ASP A OD1 1 
ATOM   1329 O OD2 . ASP A 1 221 ? -15.567 0.923   -13.705 1.00 25.59 ? 201 ASP A OD2 1 
ATOM   1330 N N   . THR A 1 222 ? -13.465 -3.098  -10.588 1.00 11.65 ? 202 THR A N   1 
ATOM   1331 C CA  . THR A 1 222 ? -13.468 -4.555  -10.339 1.00 11.49 ? 202 THR A CA  1 
ATOM   1332 C C   . THR A 1 222 ? -13.516 -4.767  -8.816  1.00 11.18 ? 202 THR A C   1 
ATOM   1333 O O   . THR A 1 222 ? -14.348 -5.531  -8.307  1.00 11.58 ? 202 THR A O   1 
ATOM   1334 C CB  . THR A 1 222 ? -12.183 -5.217  -10.926 1.00 12.36 ? 202 THR A CB  1 
ATOM   1335 O OG1 . THR A 1 222 ? -12.157 -4.979  -12.345 1.00 12.29 ? 202 THR A OG1 1 
ATOM   1336 C CG2 . THR A 1 222 ? -12.188 -6.789  -10.610 1.00 13.33 ? 202 THR A CG2 1 
ATOM   1337 N N   . LEU A 1 223 ? -12.607 -4.135  -8.076  1.00 9.30  ? 203 LEU A N   1 
ATOM   1338 C CA  . LEU A 1 223 ? -12.568 -4.322  -6.583  1.00 10.25 ? 203 LEU A CA  1 
ATOM   1339 C C   . LEU A 1 223 ? -13.825 -3.772  -5.922  1.00 10.34 ? 203 LEU A C   1 
ATOM   1340 O O   . LEU A 1 223 ? -14.415 -4.395  -5.019  1.00 11.25 ? 203 LEU A O   1 
ATOM   1341 C CB  . LEU A 1 223 ? -11.278 -3.660  -6.008  1.00 8.32  ? 203 LEU A CB  1 
ATOM   1342 C CG  . LEU A 1 223 ? -9.957  -4.314  -6.597  1.00 10.09 ? 203 LEU A CG  1 
ATOM   1343 C CD1 . LEU A 1 223 ? -8.831  -3.395  -6.094  1.00 11.89 ? 203 LEU A CD1 1 
ATOM   1344 C CD2 . LEU A 1 223 ? -9.792  -5.781  -6.092  1.00 7.35  ? 203 LEU A CD2 1 
ATOM   1345 N N   . VAL A 1 224 ? -14.305 -2.628  -6.394  1.00 10.63 ? 204 VAL A N   1 
ATOM   1346 C CA  . VAL A 1 224 ? -15.487 -2.044  -5.726  1.00 10.52 ? 204 VAL A CA  1 
ATOM   1347 C C   . VAL A 1 224 ? -16.715 -2.990  -5.897  1.00 11.01 ? 204 VAL A C   1 
ATOM   1348 O O   . VAL A 1 224 ? -17.520 -3.215  -4.962  1.00 12.19 ? 204 VAL A O   1 
ATOM   1349 C CB  . VAL A 1 224 ? -15.812 -0.684  -6.333  1.00 10.83 ? 204 VAL A CB  1 
ATOM   1350 C CG1 . VAL A 1 224 ? -17.246 -0.194  -5.922  1.00 11.48 ? 204 VAL A CG1 1 
ATOM   1351 C CG2 . VAL A 1 224 ? -14.747 0.397   -5.929  1.00 11.55 ? 204 VAL A CG2 1 
ATOM   1352 N N   . HIS A 1 225 ? -16.858 -3.566  -7.082  1.00 11.77 ? 205 HIS A N   1 
ATOM   1353 C CA  . HIS A 1 225 ? -17.983 -4.471  -7.331  1.00 12.66 ? 205 HIS A CA  1 
ATOM   1354 C C   . HIS A 1 225 ? -17.918 -5.686  -6.345  1.00 13.38 ? 205 HIS A C   1 
ATOM   1355 O O   . HIS A 1 225 ? -18.962 -6.098  -5.779  1.00 12.17 ? 205 HIS A O   1 
ATOM   1356 C CB  . HIS A 1 225 ? -17.921 -5.049  -8.751  1.00 12.85 ? 205 HIS A CB  1 
ATOM   1357 C CG  . HIS A 1 225 ? -18.857 -6.216  -8.959  1.00 14.15 ? 205 HIS A CG  1 
ATOM   1358 N ND1 . HIS A 1 225 ? -20.203 -6.046  -9.192  1.00 12.61 ? 205 HIS A ND1 1 
ATOM   1359 C CD2 . HIS A 1 225 ? -18.669 -7.551  -8.867  1.00 12.54 ? 205 HIS A CD2 1 
ATOM   1360 C CE1 . HIS A 1 225 ? -20.804 -7.218  -9.311  1.00 15.17 ? 205 HIS A CE1 1 
ATOM   1361 N NE2 . HIS A 1 225 ? -19.897 -8.163  -9.085  1.00 14.36 ? 205 HIS A NE2 1 
ATOM   1362 N N   . ILE A 1 226 ? -16.714 -6.253  -6.184  1.00 11.93 ? 206 ILE A N   1 
ATOM   1363 C CA  . ILE A 1 226 ? -16.543 -7.465  -5.318  1.00 10.32 ? 206 ILE A CA  1 
ATOM   1364 C C   . ILE A 1 226 ? -16.781 -7.041  -3.867  1.00 11.62 ? 206 ILE A C   1 
ATOM   1365 O O   . ILE A 1 226 ? -17.412 -7.788  -3.107  1.00 9.97  ? 206 ILE A O   1 
ATOM   1366 C CB  . ILE A 1 226 ? -15.131 -8.087  -5.513  1.00 8.69  ? 206 ILE A CB  1 
ATOM   1367 C CG1 . ILE A 1 226 ? -15.061 -8.556  -6.955  1.00 11.37 ? 206 ILE A CG1 1 
ATOM   1368 C CG2 . ILE A 1 226 ? -14.969 -9.370  -4.548  1.00 7.48  ? 206 ILE A CG2 1 
ATOM   1369 C CD1 . ILE A 1 226 ? -13.654 -9.009  -7.422  1.00 12.19 ? 206 ILE A CD1 1 
ATOM   1370 N N   . TRP A 1 227 ? -16.320 -5.848  -3.494  1.00 10.06 ? 207 TRP A N   1 
ATOM   1371 C CA  . TRP A 1 227 ? -16.552 -5.391  -2.097  1.00 11.95 ? 207 TRP A CA  1 
ATOM   1372 C C   . TRP A 1 227 ? -18.039 -5.165  -1.828  1.00 10.98 ? 207 TRP A C   1 
ATOM   1373 O O   . TRP A 1 227 ? -18.555 -5.650  -0.833  1.00 8.70  ? 207 TRP A O   1 
ATOM   1374 C CB  . TRP A 1 227 ? -15.794 -4.131  -1.737  1.00 10.93 ? 207 TRP A CB  1 
ATOM   1375 C CG  . TRP A 1 227 ? -14.345 -4.342  -1.415  1.00 12.63 ? 207 TRP A CG  1 
ATOM   1376 C CD1 . TRP A 1 227 ? -13.359 -4.929  -2.230  1.00 9.38  ? 207 TRP A CD1 1 
ATOM   1377 C CD2 . TRP A 1 227 ? -13.677 -3.903  -0.226  1.00 10.09 ? 207 TRP A CD2 1 
ATOM   1378 N NE1 . TRP A 1 227 ? -12.139 -4.916  -1.556  1.00 11.79 ? 207 TRP A NE1 1 
ATOM   1379 C CE2 . TRP A 1 227 ? -12.313 -4.291  -0.330  1.00 10.36 ? 207 TRP A CE2 1 
ATOM   1380 C CE3 . TRP A 1 227 ? -14.103 -3.256  0.943   1.00 10.18 ? 207 TRP A CE3 1 
ATOM   1381 C CZ2 . TRP A 1 227 ? -11.379 -4.047  0.712   1.00 11.93 ? 207 TRP A CZ2 1 
ATOM   1382 C CZ3 . TRP A 1 227 ? -13.171 -2.995  1.967   1.00 12.09 ? 207 TRP A CZ3 1 
ATOM   1383 C CH2 . TRP A 1 227 ? -11.857 -3.411  1.860   1.00 9.93  ? 207 TRP A CH2 1 
ATOM   1384 N N   . VAL A 1 228 ? -18.720 -4.479  -2.742  1.00 11.58 ? 208 VAL A N   1 
ATOM   1385 C CA  . VAL A 1 228 ? -20.114 -4.070  -2.461  1.00 12.78 ? 208 VAL A CA  1 
ATOM   1386 C C   . VAL A 1 228 ? -21.057 -5.283  -2.513  1.00 12.72 ? 208 VAL A C   1 
ATOM   1387 O O   . VAL A 1 228 ? -21.917 -5.461  -1.623  1.00 12.73 ? 208 VAL A O   1 
ATOM   1388 C CB  . VAL A 1 228 ? -20.572 -2.898  -3.467  1.00 12.62 ? 208 VAL A CB  1 
ATOM   1389 C CG1 . VAL A 1 228 ? -22.105 -2.618  -3.236  1.00 20.51 ? 208 VAL A CG1 1 
ATOM   1390 C CG2 . VAL A 1 228 ? -19.674 -1.716  -3.179  1.00 14.76 ? 208 VAL A CG2 1 
ATOM   1391 N N   . THR A 1 229 ? -20.839 -6.167  -3.479  1.00 11.72 ? 209 THR A N   1 
ATOM   1392 C CA  . THR A 1 229 ? -21.686 -7.357  -3.510  1.00 14.22 ? 209 THR A CA  1 
ATOM   1393 C C   . THR A 1 229 ? -21.421 -8.283  -2.303  1.00 14.13 ? 209 THR A C   1 
ATOM   1394 O O   . THR A 1 229 ? -22.349 -8.913  -1.801  1.00 13.80 ? 209 THR A O   1 
ATOM   1395 C CB  . THR A 1 229 ? -21.535 -8.154  -4.800  1.00 14.75 ? 209 THR A CB  1 
ATOM   1396 O OG1 . THR A 1 229 ? -20.164 -8.442  -4.984  1.00 12.30 ? 209 THR A OG1 1 
ATOM   1397 C CG2 . THR A 1 229 ? -22.133 -7.365  -6.056  1.00 14.34 ? 209 THR A CG2 1 
ATOM   1398 N N   . SER A 1 230 ? -20.174 -8.369  -1.820  1.00 12.70 ? 210 SER A N   1 
ATOM   1399 C CA  . SER A 1 230 ? -19.918 -9.350  -0.772  1.00 12.17 ? 210 SER A CA  1 
ATOM   1400 C C   . SER A 1 230 ? -20.303 -8.771  0.610   1.00 12.34 ? 210 SER A C   1 
ATOM   1401 O O   . SER A 1 230 ? -20.607 -9.508  1.571   1.00 11.93 ? 210 SER A O   1 
ATOM   1402 C CB  . SER A 1 230 ? -18.437 -9.807  -0.820  1.00 11.73 ? 210 SER A CB  1 
ATOM   1403 O OG  . SER A 1 230 ? -17.562 -8.770  -0.427  1.00 11.90 ? 210 SER A OG  1 
ATOM   1404 N N   . ILE A 1 231 ? -20.286 -7.456  0.721   1.00 12.79 ? 211 ILE A N   1 
ATOM   1405 C CA  . ILE A 1 231 ? -20.625 -6.832  1.987   1.00 13.39 ? 211 ILE A CA  1 
ATOM   1406 C C   . ILE A 1 231 ? -22.155 -6.723  2.134   1.00 16.05 ? 211 ILE A C   1 
ATOM   1407 O O   . ILE A 1 231 ? -22.678 -6.878  3.261   1.00 15.26 ? 211 ILE A O   1 
ATOM   1408 C CB  . ILE A 1 231 ? -19.965 -5.453  2.096   1.00 13.76 ? 211 ILE A CB  1 
ATOM   1409 C CG1 . ILE A 1 231 ? -18.438 -5.691  2.335   1.00 11.90 ? 211 ILE A CG1 1 
ATOM   1410 C CG2 . ILE A 1 231 ? -20.626 -4.656  3.220   1.00 13.78 ? 211 ILE A CG2 1 
ATOM   1411 C CD1 . ILE A 1 231 ? -17.542 -4.344  2.146   1.00 9.39  ? 211 ILE A CD1 1 
ATOM   1412 N N   . TYR A 1 232 ? -22.865 -6.503  1.017   1.00 15.76 ? 212 TYR A N   1 
ATOM   1413 C CA  . TYR A 1 232 ? -24.318 -6.156  1.083   1.00 17.56 ? 212 TYR A CA  1 
ATOM   1414 C C   . TYR A 1 232 ? -25.171 -7.324  0.635   1.00 20.27 ? 212 TYR A C   1 
ATOM   1415 O O   . TYR A 1 232 ? -26.375 -7.318  0.876   1.00 19.38 ? 212 TYR A O   1 
ATOM   1416 C CB  . TYR A 1 232 ? -24.619 -4.888  0.269   1.00 16.71 ? 212 TYR A CB  1 
ATOM   1417 C CG  . TYR A 1 232 ? -23.959 -3.706  0.925   1.00 17.51 ? 212 TYR A CG  1 
ATOM   1418 C CD1 . TYR A 1 232 ? -24.480 -3.170  2.104   1.00 18.67 ? 212 TYR A CD1 1 
ATOM   1419 C CD2 . TYR A 1 232 ? -22.798 -3.142  0.393   1.00 14.49 ? 212 TYR A CD2 1 
ATOM   1420 C CE1 . TYR A 1 232 ? -23.843 -2.136  2.765   1.00 14.51 ? 212 TYR A CE1 1 
ATOM   1421 C CE2 . TYR A 1 232 ? -22.168 -2.101  1.019   1.00 15.47 ? 212 TYR A CE2 1 
ATOM   1422 C CZ  . TYR A 1 232 ? -22.691 -1.569  2.172   1.00 18.15 ? 212 TYR A CZ  1 
ATOM   1423 O OH  . TYR A 1 232 ? -22.047 -0.549  2.834   1.00 17.73 ? 212 TYR A OH  1 
ATOM   1424 N N   . GLY A 1 233 ? -24.524 -8.360  0.048   1.00 20.41 ? 213 GLY A N   1 
ATOM   1425 C CA  . GLY A 1 233 ? -25.236 -9.465  -0.618  1.00 22.40 ? 213 GLY A CA  1 
ATOM   1426 C C   . GLY A 1 233 ? -25.602 -10.547 0.377   1.00 25.43 ? 213 GLY A C   1 
ATOM   1427 O O   . GLY A 1 233 ? -24.886 -10.746 1.327   1.00 22.27 ? 213 GLY A O   1 
ATOM   1428 N N   . GLU A 1 234 ? -26.731 -11.244 0.175   1.00 29.28 ? 214 GLU A N   1 
ATOM   1429 C CA  . GLU A 1 234 ? -27.211 -12.266 1.180   1.00 33.87 ? 214 GLU A CA  1 
ATOM   1430 C CB  . GLU A 1 234 ? -28.749 -12.099 1.378   1.00 36.00 ? 214 GLU A CB  1 
ATOM   1431 C CG  . GLU A 1 234 ? -29.208 -11.166 2.524   1.00 43.50 ? 214 GLU A CG  1 
ATOM   1432 C CD  . GLU A 1 234 ? -30.212 -10.052 2.077   1.00 51.09 ? 214 GLU A CD  1 
ATOM   1433 O OE1 . GLU A 1 234 ? -31.341 -10.400 1.643   1.00 54.56 ? 214 GLU A OE1 1 
ATOM   1434 O OE2 . GLU A 1 234 ? -29.882 -8.836  2.151   1.00 50.54 ? 214 GLU A OE2 1 
HETATM 1435 O O   . 3SE B 2 .   ? -7.585  -1.451  -0.041  1.00 24.06 ? 217 3SE A O   1 
HETATM 1436 C C3  . 3SE B 2 .   ? -7.499  -1.255  1.164   1.00 20.67 ? 217 3SE A C3  1 
HETATM 1437 C C2  . 3SE B 2 .   ? -6.249  -1.682  1.927   1.00 20.53 ? 217 3SE A C2  1 
HETATM 1438 C C1  . 3SE B 2 .   ? -5.417  -2.934  1.396   1.00 27.28 ? 217 3SE A C1  1 
HETATM 1439 C C   . 3SE B 2 .   ? -4.221  -2.448  0.599   1.00 28.04 ? 217 3SE A C   1 
HETATM 1440 F F2  . 3SE B 2 .   ? -4.779  -1.749  -0.376  1.00 31.86 ? 217 3SE A F2  1 
HETATM 1441 F F1  . 3SE B 2 .   ? -3.536  -3.332  -0.072  1.00 28.84 ? 217 3SE A F1  1 
HETATM 1442 F F   . 3SE B 2 .   ? -3.399  -1.721  1.367   1.00 27.45 ? 217 3SE A F   1 
HETATM 1443 N N   . 3SE B 2 .   ? -8.540  -0.741  1.840   1.00 18.46 ? 217 3SE A N   1 
HETATM 1444 C C8  . 3SE B 2 .   ? -8.394  -0.608  3.340   1.00 19.13 ? 217 3SE A C8  1 
HETATM 1445 C C7  . 3SE B 2 .   ? -9.448  0.307   3.989   1.00 18.39 ? 217 3SE A C7  1 
HETATM 1446 C C6  . 3SE B 2 .   ? -10.795 0.028   3.306   1.00 17.54 ? 217 3SE A C6  1 
HETATM 1447 C C5  . 3SE B 2 .   ? -10.706 0.465   1.840   1.00 16.87 ? 217 3SE A C5  1 
HETATM 1448 C C4  . 3SE B 2 .   ? -9.821  -0.550  1.154   1.00 19.12 ? 217 3SE A C4  1 
HETATM 1449 C C9  . 3SE B 2 .   ? -11.790 0.878   3.913   1.00 23.69 ? 217 3SE A C9  1 
HETATM 1450 N N2  . 3SE B 2 .   ? -12.397 1.962   3.389   1.00 24.93 ? 217 3SE A N2  1 
HETATM 1451 C C10 . 3SE B 2 .   ? -13.138 2.427   4.363   1.00 27.20 ? 217 3SE A C10 1 
HETATM 1452 N N1  . 3SE B 2 .   ? -13.050 1.687   5.460   1.00 31.78 ? 217 3SE A N1  1 
HETATM 1453 O O1  . 3SE B 2 .   ? -12.129 0.687   5.096   1.00 30.40 ? 217 3SE A O1  1 
HETATM 1454 C C11 . 3SE B 2 .   ? -13.953 3.564   4.129   1.00 33.72 ? 217 3SE A C11 1 
HETATM 1455 S S   . 3SE B 2 .   ? -14.908 4.297   5.314   1.00 43.03 ? 217 3SE A S   1 
HETATM 1456 C C13 . 3SE B 2 .   ? -15.530 5.583   4.306   1.00 35.55 ? 217 3SE A C13 1 
HETATM 1457 C C12 . 3SE B 2 .   ? -14.885 5.366   3.084   1.00 34.22 ? 217 3SE A C12 1 
HETATM 1458 N N3  . 3SE B 2 .   ? -14.036 4.267   2.993   1.00 27.81 ? 217 3SE A N3  1 
HETATM 1459 O O   . HOH C 3 .   ? -9.074  1.496   -12.087 1.00 12.39 ? 218 HOH A O   1 
HETATM 1460 O O   . HOH C 3 .   ? -11.806 1.020   -12.717 1.00 11.49 ? 219 HOH A O   1 
HETATM 1461 O O   . HOH C 3 .   ? -17.618 -1.258  -9.794  1.00 15.34 ? 220 HOH A O   1 
HETATM 1462 O O   . HOH C 3 .   ? -22.334 -7.894  5.578   1.00 15.02 ? 221 HOH A O   1 
HETATM 1463 O O   . HOH C 3 .   ? -7.030  -6.559  12.292  1.00 15.55 ? 222 HOH A O   1 
HETATM 1464 O O   . HOH C 3 .   ? -0.290  -12.239 -11.083 1.00 19.89 ? 223 HOH A O   1 
HETATM 1465 O O   . HOH C 3 .   ? -4.848  0.320   -17.929 1.00 17.32 ? 224 HOH A O   1 
HETATM 1466 O O   . HOH C 3 .   ? -26.541 3.343   -0.394  1.00 32.42 ? 225 HOH A O   1 
HETATM 1467 O O   . HOH C 3 .   ? -6.833  -10.821 9.835   1.00 21.97 ? 226 HOH A O   1 
HETATM 1468 O O   . HOH C 3 .   ? -4.547  -7.259  -11.032 1.00 15.15 ? 227 HOH A O   1 
HETATM 1469 O O   . HOH C 3 .   ? -8.786  7.477   -9.022  1.00 15.27 ? 228 HOH A O   1 
HETATM 1470 O O   . HOH C 3 .   ? 29.238  14.859  1.843   1.00 22.53 ? 229 HOH A O   1 
HETATM 1471 O O   . HOH C 3 .   ? -15.767 -16.131 7.223   1.00 19.64 ? 230 HOH A O   1 
HETATM 1472 O O   . HOH C 3 .   ? -11.793 -14.783 12.977  0.50 16.23 ? 231 HOH A O   1 
HETATM 1473 O O   . HOH C 3 .   ? 7.594   5.181   -6.296  1.00 20.54 ? 232 HOH A O   1 
HETATM 1474 O O   . HOH C 3 .   ? -1.895  -2.611  13.623  1.00 22.73 ? 233 HOH A O   1 
HETATM 1475 O O   . HOH C 3 .   ? 6.781   5.179   -9.267  1.00 31.03 ? 234 HOH A O   1 
HETATM 1476 O O   . HOH C 3 .   ? -15.718 -7.007  13.806  1.00 30.89 ? 235 HOH A O   1 
HETATM 1477 O O   . HOH C 3 .   ? -10.688 8.831   -2.845  1.00 21.15 ? 236 HOH A O   1 
HETATM 1478 O O   . HOH C 3 .   ? -6.481  3.247   9.677   1.00 33.49 ? 237 HOH A O   1 
HETATM 1479 O O   . HOH C 3 .   ? -12.515 -3.816  13.908  1.00 18.81 ? 238 HOH A O   1 
HETATM 1480 O O   . HOH C 3 .   ? -19.911 -1.669  -8.255  1.00 24.80 ? 239 HOH A O   1 
HETATM 1481 O O   . HOH C 3 .   ? 0.591   -9.316  -2.609  1.00 27.96 ? 240 HOH A O   1 
HETATM 1482 O O   . HOH C 3 .   ? -9.685  6.394   -11.317 1.00 22.96 ? 241 HOH A O   1 
HETATM 1483 O O   . HOH C 3 .   ? 4.203   5.803   -9.721  1.00 22.97 ? 242 HOH A O   1 
HETATM 1484 O O   . HOH C 3 .   ? -15.076 -11.304 12.848  1.00 23.58 ? 243 HOH A O   1 
HETATM 1485 O O   . HOH C 3 .   ? -0.337  -9.044  3.839   1.00 28.07 ? 244 HOH A O   1 
HETATM 1486 O O   . HOH C 3 .   ? 3.800   10.113  5.028   1.00 26.01 ? 245 HOH A O   1 
HETATM 1487 O O   . HOH C 3 .   ? 1.820   -14.323 -12.173 1.00 33.91 ? 246 HOH A O   1 
HETATM 1488 O O   . HOH C 3 .   ? 13.262  -4.336  -3.080  1.00 30.23 ? 247 HOH A O   1 
HETATM 1489 O O   . HOH C 3 .   ? 4.365   -8.585  5.842   1.00 25.85 ? 248 HOH A O   1 
HETATM 1490 O O   . HOH C 3 .   ? 11.667  11.454  -6.184  1.00 36.97 ? 249 HOH A O   1 
HETATM 1491 O O   . HOH C 3 .   ? -17.741 -1.820  -14.567 1.00 22.74 ? 250 HOH A O   1 
HETATM 1492 O O   . HOH C 3 .   ? -14.384 4.805   -10.530 1.00 31.69 ? 251 HOH A O   1 
HETATM 1493 O O   . HOH C 3 .   ? 4.110   -11.748 -14.563 1.00 33.09 ? 252 HOH A O   1 
HETATM 1494 O O   . HOH C 3 .   ? 9.018   -2.179  10.929  1.00 31.55 ? 253 HOH A O   1 
HETATM 1495 O O   . HOH C 3 .   ? -5.602  -8.679  11.317  1.00 22.05 ? 254 HOH A O   1 
# 
